data_8PPX
# 
_entry.id   8PPX 
# 
_audit_conform.dict_name       mmcif_pdbx.dic 
_audit_conform.dict_version    5.404 
_audit_conform.dict_location   http://mmcif.pdb.org/dictionaries/ascii/mmcif_pdbx.dic 
# 
loop_
_database_2.database_id 
_database_2.database_code 
_database_2.pdbx_database_accession 
_database_2.pdbx_DOI 
PDB   8PPX         pdb_00008ppx 10.2210/pdb8ppx/pdb 
WWPDB D_1292131598 ?            ?                   
# 
loop_
_pdbx_audit_revision_history.ordinal 
_pdbx_audit_revision_history.data_content_type 
_pdbx_audit_revision_history.major_revision 
_pdbx_audit_revision_history.minor_revision 
_pdbx_audit_revision_history.revision_date 
_pdbx_audit_revision_history.part_number 
1 'Structure model' 1 0 2025-01-15 ? 
2 'Structure model' 1 1 2025-04-16 ? 
3 'Structure model' 1 2 2025-07-02 ? 
# 
_pdbx_audit_revision_details.ordinal             1 
_pdbx_audit_revision_details.revision_ordinal    1 
_pdbx_audit_revision_details.data_content_type   'Structure model' 
_pdbx_audit_revision_details.provider            repository 
_pdbx_audit_revision_details.type                'Initial release' 
_pdbx_audit_revision_details.description         ? 
_pdbx_audit_revision_details.details             ? 
# 
loop_
_pdbx_audit_revision_group.ordinal 
_pdbx_audit_revision_group.revision_ordinal 
_pdbx_audit_revision_group.data_content_type 
_pdbx_audit_revision_group.group 
1 2 'Structure model' 'Database references' 
2 3 'Structure model' 'Database references' 
# 
loop_
_pdbx_audit_revision_category.ordinal 
_pdbx_audit_revision_category.revision_ordinal 
_pdbx_audit_revision_category.data_content_type 
_pdbx_audit_revision_category.category 
1 2 'Structure model' citation        
2 2 'Structure model' citation_author 
3 3 'Structure model' citation        
4 3 'Structure model' citation_author 
# 
loop_
_pdbx_audit_revision_item.ordinal 
_pdbx_audit_revision_item.revision_ordinal 
_pdbx_audit_revision_item.data_content_type 
_pdbx_audit_revision_item.item 
1  2 'Structure model' '_citation.country'                 
2  2 'Structure model' '_citation.journal_abbrev'          
3  2 'Structure model' '_citation.journal_id_CSD'          
4  2 'Structure model' '_citation.journal_id_ISSN'         
5  2 'Structure model' '_citation.pdbx_database_id_DOI'    
6  2 'Structure model' '_citation.title'                   
7  2 'Structure model' '_citation.year'                    
8  3 'Structure model' '_citation.pdbx_database_id_DOI'    
9  3 'Structure model' '_citation.pdbx_database_id_PubMed' 
10 3 'Structure model' '_citation.title'                   
11 3 'Structure model' '_citation_author.identifier_ORCID' 
12 3 'Structure model' '_citation_author.name'             
# 
_pdbx_database_status.status_code                     REL 
_pdbx_database_status.status_code_sf                  REL 
_pdbx_database_status.status_code_mr                  ? 
_pdbx_database_status.entry_id                        8PPX 
_pdbx_database_status.recvd_initial_deposition_date   2023-07-10 
_pdbx_database_status.SG_entry                        N 
_pdbx_database_status.deposit_site                    PDBE 
_pdbx_database_status.process_site                    PDBE 
_pdbx_database_status.status_code_cs                  ? 
_pdbx_database_status.status_code_nmr_data            ? 
_pdbx_database_status.methods_development_category    ? 
_pdbx_database_status.pdb_format_compatible           Y 
# 
_pdbx_contact_author.id                 2 
_pdbx_contact_author.email              milan.kozisek@uochb.cas.cz 
_pdbx_contact_author.name_first         Milan 
_pdbx_contact_author.name_last          Kozisek 
_pdbx_contact_author.name_mi            ? 
_pdbx_contact_author.role               'principal investigator/group leader' 
_pdbx_contact_author.identifier_ORCID   0000-0002-9476-3409 
# 
loop_
_audit_author.name 
_audit_author.pdbx_ordinal 
_audit_author.identifier_ORCID 
'Radilova, K.' 1 0000-0001-8917-2359 
'Brynda, J.'   2 0000-0003-3675-6769 
# 
_citation.abstract                  ? 
_citation.abstract_id_CAS           ? 
_citation.book_id_ISBN              ? 
_citation.book_publisher            ? 
_citation.book_publisher_city       ? 
_citation.book_title                ? 
_citation.coordinate_linkage        ? 
_citation.country                   UK 
_citation.database_id_Medline       ? 
_citation.details                   ? 
_citation.id                        primary 
_citation.journal_abbrev            'Rsc Med Chem' 
_citation.journal_id_ASTM           ? 
_citation.journal_id_CSD            ? 
_citation.journal_id_ISSN           2632-8682 
_citation.journal_full              ? 
_citation.journal_issue             ? 
_citation.journal_volume            ? 
_citation.language                  ? 
_citation.page_first                ? 
_citation.page_last                 ? 
_citation.title                     
'Beyond natural flavonoids: exploring bioisosterism in design and synthesis of influenza endonuclease inhibitors.' 
_citation.year                      2025 
_citation.database_id_CSD           ? 
_citation.pdbx_database_id_DOI      10.1039/d5md00071h 
_citation.pdbx_database_id_PubMed   40510903 
_citation.pdbx_database_id_patent   ? 
_citation.unpublished_flag          ? 
# 
loop_
_citation_author.citation_id 
_citation_author.name 
_citation_author.ordinal 
_citation_author.identifier_ORCID 
primary 'Reiberger, R.'  1  0000-0001-7878-9310 
primary 'Kral, M.'       2  ?                   
primary 'Radilova, K.'   3  ?                   
primary 'Kotacka, T.'    4  ?                   
primary 'Dracinsky, M.'  5  0000-0002-4495-0070 
primary 'Tsalyy, A.'     6  ?                   
primary 'Brynda, J.'     7  ?                   
primary 'Majer, P.'      8  ?                   
primary 'Konvalinka, J.' 9  ?                   
primary 'Kozisek, M.'    10 ?                   
primary 'Machara, A.'    11 0000-0002-1139-2762 
# 
loop_
_entity.id 
_entity.type 
_entity.src_method 
_entity.pdbx_description 
_entity.formula_weight 
_entity.pdbx_number_of_molecules 
_entity.pdbx_ec 
_entity.pdbx_mutation 
_entity.pdbx_fragment 
_entity.details 
1 polymer     man 'Polymerase acidic protein'                                             21640.570 1  3.1.-.- ? ? ? 
2 non-polymer syn 'MANGANESE (II) ION'                                                    54.938    1  ?       ? ? ? 
3 non-polymer syn 'MAGNESIUM ION'                                                         24.305    1  ?       ? ? ? 
4 non-polymer syn 'CHLORIDE ION'                                                          35.453    1  ?       ? ? ? 
5 non-polymer syn '5-oxidanyl-2-[4,5,7-tris(oxidanyl)naphthalen-2-yl]-1H-pyrimidin-6-one' 286.240   1  ?       ? ? ? 
6 water       nat water                                                                   18.015    25 ?       ? ? ? 
# 
_entity_name_com.entity_id   1 
_entity_name_com.name        'RNA-directed RNA polymerase subunit P2' 
# 
_entity_poly.entity_id                      1 
_entity_poly.type                           'polypeptide(L)' 
_entity_poly.nstd_linkage                   no 
_entity_poly.nstd_monomer                   no 
_entity_poly.pdbx_seq_one_letter_code       
;SGSGSGSGSMEDFVRQCFNPMIVELAEKAMKEYGEDPKIETNKFAAICTHLEVCFMYSDGGSKHRFEIIEGRDRIMAWTV
VNSICNTTGVEKPKFLPDLYDYKENRFIEIGVTRREVHIYYLEKANKIKSEKTHIHIFSFTGEEMATKADYTLDEESRAR
IKTRLFTIRQEMASRSLWDSFRQSER
;
_entity_poly.pdbx_seq_one_letter_code_can   
;SGSGSGSGSMEDFVRQCFNPMIVELAEKAMKEYGEDPKIETNKFAAICTHLEVCFMYSDGGSKHRFEIIEGRDRIMAWTV
VNSICNTTGVEKPKFLPDLYDYKENRFIEIGVTRREVHIYYLEKANKIKSEKTHIHIFSFTGEEMATKADYTLDEESRAR
IKTRLFTIRQEMASRSLWDSFRQSER
;
_entity_poly.pdbx_strand_id                 A 
_entity_poly.pdbx_target_identifier         ? 
# 
loop_
_pdbx_entity_nonpoly.entity_id 
_pdbx_entity_nonpoly.name 
_pdbx_entity_nonpoly.comp_id 
2 'MANGANESE (II) ION'                                                    MN  
3 'MAGNESIUM ION'                                                         MG  
4 'CHLORIDE ION'                                                          CL  
5 '5-oxidanyl-2-[4,5,7-tris(oxidanyl)naphthalen-2-yl]-1H-pyrimidin-6-one' 85W 
6 water                                                                   HOH 
# 
loop_
_entity_poly_seq.entity_id 
_entity_poly_seq.num 
_entity_poly_seq.mon_id 
_entity_poly_seq.hetero 
1 1   SER n 
1 2   GLY n 
1 3   SER n 
1 4   GLY n 
1 5   SER n 
1 6   GLY n 
1 7   SER n 
1 8   GLY n 
1 9   SER n 
1 10  MET n 
1 11  GLU n 
1 12  ASP n 
1 13  PHE n 
1 14  VAL n 
1 15  ARG n 
1 16  GLN n 
1 17  CYS n 
1 18  PHE n 
1 19  ASN n 
1 20  PRO n 
1 21  MET n 
1 22  ILE n 
1 23  VAL n 
1 24  GLU n 
1 25  LEU n 
1 26  ALA n 
1 27  GLU n 
1 28  LYS n 
1 29  ALA n 
1 30  MET n 
1 31  LYS n 
1 32  GLU n 
1 33  TYR n 
1 34  GLY n 
1 35  GLU n 
1 36  ASP n 
1 37  PRO n 
1 38  LYS n 
1 39  ILE n 
1 40  GLU n 
1 41  THR n 
1 42  ASN n 
1 43  LYS n 
1 44  PHE n 
1 45  ALA n 
1 46  ALA n 
1 47  ILE n 
1 48  CYS n 
1 49  THR n 
1 50  HIS n 
1 51  LEU n 
1 52  GLU n 
1 53  VAL n 
1 54  CYS n 
1 55  PHE n 
1 56  MET n 
1 57  TYR n 
1 58  SER n 
1 59  ASP n 
1 60  GLY n 
1 61  GLY n 
1 62  SER n 
1 63  LYS n 
1 64  HIS n 
1 65  ARG n 
1 66  PHE n 
1 67  GLU n 
1 68  ILE n 
1 69  ILE n 
1 70  GLU n 
1 71  GLY n 
1 72  ARG n 
1 73  ASP n 
1 74  ARG n 
1 75  ILE n 
1 76  MET n 
1 77  ALA n 
1 78  TRP n 
1 79  THR n 
1 80  VAL n 
1 81  VAL n 
1 82  ASN n 
1 83  SER n 
1 84  ILE n 
1 85  CYS n 
1 86  ASN n 
1 87  THR n 
1 88  THR n 
1 89  GLY n 
1 90  VAL n 
1 91  GLU n 
1 92  LYS n 
1 93  PRO n 
1 94  LYS n 
1 95  PHE n 
1 96  LEU n 
1 97  PRO n 
1 98  ASP n 
1 99  LEU n 
1 100 TYR n 
1 101 ASP n 
1 102 TYR n 
1 103 LYS n 
1 104 GLU n 
1 105 ASN n 
1 106 ARG n 
1 107 PHE n 
1 108 ILE n 
1 109 GLU n 
1 110 ILE n 
1 111 GLY n 
1 112 VAL n 
1 113 THR n 
1 114 ARG n 
1 115 ARG n 
1 116 GLU n 
1 117 VAL n 
1 118 HIS n 
1 119 ILE n 
1 120 TYR n 
1 121 TYR n 
1 122 LEU n 
1 123 GLU n 
1 124 LYS n 
1 125 ALA n 
1 126 ASN n 
1 127 LYS n 
1 128 ILE n 
1 129 LYS n 
1 130 SER n 
1 131 GLU n 
1 132 LYS n 
1 133 THR n 
1 134 HIS n 
1 135 ILE n 
1 136 HIS n 
1 137 ILE n 
1 138 PHE n 
1 139 SER n 
1 140 PHE n 
1 141 THR n 
1 142 GLY n 
1 143 GLU n 
1 144 GLU n 
1 145 MET n 
1 146 ALA n 
1 147 THR n 
1 148 LYS n 
1 149 ALA n 
1 150 ASP n 
1 151 TYR n 
1 152 THR n 
1 153 LEU n 
1 154 ASP n 
1 155 GLU n 
1 156 GLU n 
1 157 SER n 
1 158 ARG n 
1 159 ALA n 
1 160 ARG n 
1 161 ILE n 
1 162 LYS n 
1 163 THR n 
1 164 ARG n 
1 165 LEU n 
1 166 PHE n 
1 167 THR n 
1 168 ILE n 
1 169 ARG n 
1 170 GLN n 
1 171 GLU n 
1 172 MET n 
1 173 ALA n 
1 174 SER n 
1 175 ARG n 
1 176 SER n 
1 177 LEU n 
1 178 TRP n 
1 179 ASP n 
1 180 SER n 
1 181 PHE n 
1 182 ARG n 
1 183 GLN n 
1 184 SER n 
1 185 GLU n 
1 186 ARG n 
# 
loop_
_entity_src_gen.entity_id 
_entity_src_gen.pdbx_src_id 
_entity_src_gen.pdbx_alt_source_flag 
_entity_src_gen.pdbx_seq_type 
_entity_src_gen.pdbx_beg_seq_num 
_entity_src_gen.pdbx_end_seq_num 
_entity_src_gen.gene_src_common_name 
_entity_src_gen.gene_src_genus 
_entity_src_gen.pdbx_gene_src_gene 
_entity_src_gen.gene_src_species 
_entity_src_gen.gene_src_strain 
_entity_src_gen.gene_src_tissue 
_entity_src_gen.gene_src_tissue_fraction 
_entity_src_gen.gene_src_details 
_entity_src_gen.pdbx_gene_src_fragment 
_entity_src_gen.pdbx_gene_src_scientific_name 
_entity_src_gen.pdbx_gene_src_ncbi_taxonomy_id 
_entity_src_gen.pdbx_gene_src_variant 
_entity_src_gen.pdbx_gene_src_cell_line 
_entity_src_gen.pdbx_gene_src_atcc 
_entity_src_gen.pdbx_gene_src_organ 
_entity_src_gen.pdbx_gene_src_organelle 
_entity_src_gen.pdbx_gene_src_cell 
_entity_src_gen.pdbx_gene_src_cellular_location 
_entity_src_gen.host_org_common_name 
_entity_src_gen.pdbx_host_org_scientific_name 
_entity_src_gen.pdbx_host_org_ncbi_taxonomy_id 
_entity_src_gen.host_org_genus 
_entity_src_gen.pdbx_host_org_gene 
_entity_src_gen.pdbx_host_org_organ 
_entity_src_gen.host_org_species 
_entity_src_gen.pdbx_host_org_tissue 
_entity_src_gen.pdbx_host_org_tissue_fraction 
_entity_src_gen.pdbx_host_org_strain 
_entity_src_gen.pdbx_host_org_variant 
_entity_src_gen.pdbx_host_org_cell_line 
_entity_src_gen.pdbx_host_org_atcc 
_entity_src_gen.pdbx_host_org_culture_collection 
_entity_src_gen.pdbx_host_org_cell 
_entity_src_gen.pdbx_host_org_organelle 
_entity_src_gen.pdbx_host_org_cellular_location 
_entity_src_gen.pdbx_host_org_vector_type 
_entity_src_gen.pdbx_host_org_vector 
_entity_src_gen.host_org_details 
_entity_src_gen.expression_system_id 
_entity_src_gen.plasmid_name 
_entity_src_gen.plasmid_details 
_entity_src_gen.pdbx_description 
1 1 sample 'Biological sequence' 1  59  ? ? PA ? ? ? ? ? ? 'Influenza A virus (A/California/07/2009(H1N1))' 641809 ? ? ? ? ? ? ? ? 
'Escherichia coli BL21(DE3)' 469008 ? ? ? ? ? ? ? ? ? ? ? ? ? ? ? ? ? ? ? ? ? 
1 2 sample 'Biological sequence' 60 186 ? ? PA ? ? ? ? ? ? 'Influenza A virus (A/California/07/2009(H1N1))' 641809 ? ? ? ? ? ? ? ? 
'Escherichia coli BL21(DE3)' 469008 ? ? ? ? ? ? ? ? ? ? ? ? ? ? ? ? ? ? ? ? ? 
# 
loop_
_chem_comp.id 
_chem_comp.type 
_chem_comp.mon_nstd_flag 
_chem_comp.name 
_chem_comp.pdbx_synonyms 
_chem_comp.formula 
_chem_comp.formula_weight 
85W non-polymer         . '5-oxidanyl-2-[4,5,7-tris(oxidanyl)naphthalen-2-yl]-1H-pyrimidin-6-one' 
'5-oxidanyl-2-[4,5,7-tris(oxidanyl)naphthalen-2-yl]-1~{H}-pyrimidin-6-one' 'C14 H10 N2 O5'  286.240 
ALA 'L-peptide linking' y ALANINE                                                                 ? 'C3 H7 N O2'     89.093  
ARG 'L-peptide linking' y ARGININE                                                                ? 'C6 H15 N4 O2 1' 175.209 
ASN 'L-peptide linking' y ASPARAGINE                                                              ? 'C4 H8 N2 O3'    132.118 
ASP 'L-peptide linking' y 'ASPARTIC ACID'                                                         ? 'C4 H7 N O4'     133.103 
CL  non-polymer         . 'CHLORIDE ION'                                                          ? 'Cl -1'          35.453  
CYS 'L-peptide linking' y CYSTEINE                                                                ? 'C3 H7 N O2 S'   121.158 
GLN 'L-peptide linking' y GLUTAMINE                                                               ? 'C5 H10 N2 O3'   146.144 
GLU 'L-peptide linking' y 'GLUTAMIC ACID'                                                         ? 'C5 H9 N O4'     147.129 
GLY 'peptide linking'   y GLYCINE                                                                 ? 'C2 H5 N O2'     75.067  
HIS 'L-peptide linking' y HISTIDINE                                                               ? 'C6 H10 N3 O2 1' 156.162 
HOH non-polymer         . WATER                                                                   ? 'H2 O'           18.015  
ILE 'L-peptide linking' y ISOLEUCINE                                                              ? 'C6 H13 N O2'    131.173 
LEU 'L-peptide linking' y LEUCINE                                                                 ? 'C6 H13 N O2'    131.173 
LYS 'L-peptide linking' y LYSINE                                                                  ? 'C6 H15 N2 O2 1' 147.195 
MET 'L-peptide linking' y METHIONINE                                                              ? 'C5 H11 N O2 S'  149.211 
MG  non-polymer         . 'MAGNESIUM ION'                                                         ? 'Mg 2'           24.305  
MN  non-polymer         . 'MANGANESE (II) ION'                                                    ? 'Mn 2'           54.938  
PHE 'L-peptide linking' y PHENYLALANINE                                                           ? 'C9 H11 N O2'    165.189 
PRO 'L-peptide linking' y PROLINE                                                                 ? 'C5 H9 N O2'     115.130 
SER 'L-peptide linking' y SERINE                                                                  ? 'C3 H7 N O3'     105.093 
THR 'L-peptide linking' y THREONINE                                                               ? 'C4 H9 N O3'     119.119 
TRP 'L-peptide linking' y TRYPTOPHAN                                                              ? 'C11 H12 N2 O2'  204.225 
TYR 'L-peptide linking' y TYROSINE                                                                ? 'C9 H11 N O3'    181.189 
VAL 'L-peptide linking' y VALINE                                                                  ? 'C5 H11 N O2'    117.146 
# 
loop_
_pdbx_poly_seq_scheme.asym_id 
_pdbx_poly_seq_scheme.entity_id 
_pdbx_poly_seq_scheme.seq_id 
_pdbx_poly_seq_scheme.mon_id 
_pdbx_poly_seq_scheme.ndb_seq_num 
_pdbx_poly_seq_scheme.pdb_seq_num 
_pdbx_poly_seq_scheme.auth_seq_num 
_pdbx_poly_seq_scheme.pdb_mon_id 
_pdbx_poly_seq_scheme.auth_mon_id 
_pdbx_poly_seq_scheme.pdb_strand_id 
_pdbx_poly_seq_scheme.pdb_ins_code 
_pdbx_poly_seq_scheme.hetero 
A 1 1   SER 1   -8  ?   ?   ?   A . n 
A 1 2   GLY 2   -7  ?   ?   ?   A . n 
A 1 3   SER 3   -6  ?   ?   ?   A . n 
A 1 4   GLY 4   -5  ?   ?   ?   A . n 
A 1 5   SER 5   -4  -4  SER SER A . n 
A 1 6   GLY 6   -3  -3  GLY GLY A . n 
A 1 7   SER 7   -2  -2  SER SER A . n 
A 1 8   GLY 8   -1  -1  GLY GLY A . n 
A 1 9   SER 9   0   0   SER SER A . n 
A 1 10  MET 10  1   1   MET MET A . n 
A 1 11  GLU 11  2   2   GLU GLU A . n 
A 1 12  ASP 12  3   3   ASP ASP A . n 
A 1 13  PHE 13  4   4   PHE PHE A . n 
A 1 14  VAL 14  5   5   VAL VAL A . n 
A 1 15  ARG 15  6   6   ARG ARG A . n 
A 1 16  GLN 16  7   7   GLN GLN A . n 
A 1 17  CYS 17  8   8   CYS CYS A . n 
A 1 18  PHE 18  9   9   PHE PHE A . n 
A 1 19  ASN 19  10  10  ASN ASN A . n 
A 1 20  PRO 20  11  11  PRO PRO A . n 
A 1 21  MET 21  12  12  MET MET A . n 
A 1 22  ILE 22  13  13  ILE ILE A . n 
A 1 23  VAL 23  14  14  VAL VAL A . n 
A 1 24  GLU 24  15  15  GLU GLU A . n 
A 1 25  LEU 25  16  16  LEU LEU A . n 
A 1 26  ALA 26  17  17  ALA ALA A . n 
A 1 27  GLU 27  18  18  GLU GLU A . n 
A 1 28  LYS 28  19  19  LYS LYS A . n 
A 1 29  ALA 29  20  20  ALA ALA A . n 
A 1 30  MET 30  21  21  MET MET A . n 
A 1 31  LYS 31  22  22  LYS LYS A . n 
A 1 32  GLU 32  23  23  GLU GLU A . n 
A 1 33  TYR 33  24  24  TYR TYR A . n 
A 1 34  GLY 34  25  25  GLY GLY A . n 
A 1 35  GLU 35  26  26  GLU GLU A . n 
A 1 36  ASP 36  27  27  ASP ASP A . n 
A 1 37  PRO 37  28  28  PRO PRO A . n 
A 1 38  LYS 38  29  29  LYS LYS A . n 
A 1 39  ILE 39  30  30  ILE ILE A . n 
A 1 40  GLU 40  31  31  GLU GLU A . n 
A 1 41  THR 41  32  32  THR THR A . n 
A 1 42  ASN 42  33  33  ASN ASN A . n 
A 1 43  LYS 43  34  34  LYS LYS A . n 
A 1 44  PHE 44  35  35  PHE PHE A . n 
A 1 45  ALA 45  36  36  ALA ALA A . n 
A 1 46  ALA 46  37  37  ALA ALA A . n 
A 1 47  ILE 47  38  38  ILE ILE A . n 
A 1 48  CYS 48  39  39  CYS CYS A . n 
A 1 49  THR 49  40  40  THR THR A . n 
A 1 50  HIS 50  41  41  HIS HIS A . n 
A 1 51  LEU 51  42  42  LEU LEU A . n 
A 1 52  GLU 52  43  43  GLU GLU A . n 
A 1 53  VAL 53  44  44  VAL VAL A . n 
A 1 54  CYS 54  45  45  CYS CYS A . n 
A 1 55  PHE 55  46  46  PHE PHE A . n 
A 1 56  MET 56  47  47  MET MET A . n 
A 1 57  TYR 57  48  48  TYR TYR A . n 
A 1 58  SER 58  49  49  SER SER A . n 
A 1 59  ASP 59  50  50  ASP ASP A . n 
A 1 60  GLY 60  51  51  GLY GLY A . n 
A 1 61  GLY 61  52  52  GLY GLY A . n 
A 1 62  SER 62  53  53  SER SER A . n 
A 1 63  LYS 63  73  73  LYS LYS A . n 
A 1 64  HIS 64  74  74  HIS HIS A . n 
A 1 65  ARG 65  75  75  ARG ARG A . n 
A 1 66  PHE 66  76  76  PHE PHE A . n 
A 1 67  GLU 67  77  77  GLU GLU A . n 
A 1 68  ILE 68  78  78  ILE ILE A . n 
A 1 69  ILE 69  79  79  ILE ILE A . n 
A 1 70  GLU 70  80  80  GLU GLU A . n 
A 1 71  GLY 71  81  81  GLY GLY A . n 
A 1 72  ARG 72  82  82  ARG ARG A . n 
A 1 73  ASP 73  83  83  ASP ASP A . n 
A 1 74  ARG 74  84  84  ARG ARG A . n 
A 1 75  ILE 75  85  85  ILE ILE A . n 
A 1 76  MET 76  86  86  MET MET A . n 
A 1 77  ALA 77  87  87  ALA ALA A . n 
A 1 78  TRP 78  88  88  TRP TRP A . n 
A 1 79  THR 79  89  89  THR THR A . n 
A 1 80  VAL 80  90  90  VAL VAL A . n 
A 1 81  VAL 81  91  91  VAL VAL A . n 
A 1 82  ASN 82  92  92  ASN ASN A . n 
A 1 83  SER 83  93  93  SER SER A . n 
A 1 84  ILE 84  94  94  ILE ILE A . n 
A 1 85  CYS 85  95  95  CYS CYS A . n 
A 1 86  ASN 86  96  96  ASN ASN A . n 
A 1 87  THR 87  97  97  THR THR A . n 
A 1 88  THR 88  98  98  THR THR A . n 
A 1 89  GLY 89  99  99  GLY GLY A . n 
A 1 90  VAL 90  100 100 VAL VAL A . n 
A 1 91  GLU 91  101 101 GLU GLU A . n 
A 1 92  LYS 92  102 102 LYS LYS A . n 
A 1 93  PRO 93  103 103 PRO PRO A . n 
A 1 94  LYS 94  104 104 LYS LYS A . n 
A 1 95  PHE 95  105 105 PHE PHE A . n 
A 1 96  LEU 96  106 106 LEU LEU A . n 
A 1 97  PRO 97  107 107 PRO PRO A . n 
A 1 98  ASP 98  108 108 ASP ASP A . n 
A 1 99  LEU 99  109 109 LEU LEU A . n 
A 1 100 TYR 100 110 110 TYR TYR A . n 
A 1 101 ASP 101 111 111 ASP ASP A . n 
A 1 102 TYR 102 112 112 TYR TYR A . n 
A 1 103 LYS 103 113 113 LYS LYS A . n 
A 1 104 GLU 104 114 114 GLU GLU A . n 
A 1 105 ASN 105 115 115 ASN ASN A . n 
A 1 106 ARG 106 116 116 ARG ARG A . n 
A 1 107 PHE 107 117 117 PHE PHE A . n 
A 1 108 ILE 108 118 118 ILE ILE A . n 
A 1 109 GLU 109 119 119 GLU GLU A . n 
A 1 110 ILE 110 120 120 ILE ILE A . n 
A 1 111 GLY 111 121 121 GLY GLY A . n 
A 1 112 VAL 112 122 122 VAL VAL A . n 
A 1 113 THR 113 123 123 THR THR A . n 
A 1 114 ARG 114 124 124 ARG ARG A . n 
A 1 115 ARG 115 125 125 ARG ARG A . n 
A 1 116 GLU 116 126 126 GLU GLU A . n 
A 1 117 VAL 117 127 127 VAL VAL A . n 
A 1 118 HIS 118 128 128 HIS HIS A . n 
A 1 119 ILE 119 129 129 ILE ILE A . n 
A 1 120 TYR 120 130 130 TYR TYR A . n 
A 1 121 TYR 121 131 131 TYR TYR A . n 
A 1 122 LEU 122 132 132 LEU LEU A . n 
A 1 123 GLU 123 133 133 GLU GLU A . n 
A 1 124 LYS 124 134 134 LYS LYS A . n 
A 1 125 ALA 125 135 135 ALA ALA A . n 
A 1 126 ASN 126 136 136 ASN ASN A . n 
A 1 127 LYS 127 137 137 LYS LYS A . n 
A 1 128 ILE 128 138 138 ILE ILE A . n 
A 1 129 LYS 129 139 139 LYS LYS A . n 
A 1 130 SER 130 140 140 SER SER A . n 
A 1 131 GLU 131 141 141 GLU GLU A . n 
A 1 132 LYS 132 142 142 LYS LYS A . n 
A 1 133 THR 133 143 143 THR THR A . n 
A 1 134 HIS 134 144 144 HIS HIS A . n 
A 1 135 ILE 135 145 145 ILE ILE A . n 
A 1 136 HIS 136 146 146 HIS HIS A . n 
A 1 137 ILE 137 147 147 ILE ILE A . n 
A 1 138 PHE 138 148 148 PHE PHE A . n 
A 1 139 SER 139 149 149 SER SER A . n 
A 1 140 PHE 140 150 150 PHE PHE A . n 
A 1 141 THR 141 151 151 THR THR A . n 
A 1 142 GLY 142 152 152 GLY GLY A . n 
A 1 143 GLU 143 153 153 GLU GLU A . n 
A 1 144 GLU 144 154 154 GLU GLU A . n 
A 1 145 MET 145 155 155 MET MET A . n 
A 1 146 ALA 146 156 156 ALA ALA A . n 
A 1 147 THR 147 157 157 THR THR A . n 
A 1 148 LYS 148 158 158 LYS LYS A . n 
A 1 149 ALA 149 159 159 ALA ALA A . n 
A 1 150 ASP 150 160 160 ASP ASP A . n 
A 1 151 TYR 151 161 161 TYR TYR A . n 
A 1 152 THR 152 162 162 THR THR A . n 
A 1 153 LEU 153 163 163 LEU LEU A . n 
A 1 154 ASP 154 164 164 ASP ASP A . n 
A 1 155 GLU 155 165 165 GLU GLU A . n 
A 1 156 GLU 156 166 166 GLU GLU A . n 
A 1 157 SER 157 167 167 SER SER A . n 
A 1 158 ARG 158 168 168 ARG ARG A . n 
A 1 159 ALA 159 169 169 ALA ALA A . n 
A 1 160 ARG 160 170 170 ARG ARG A . n 
A 1 161 ILE 161 171 171 ILE ILE A . n 
A 1 162 LYS 162 172 172 LYS LYS A . n 
A 1 163 THR 163 173 173 THR THR A . n 
A 1 164 ARG 164 174 174 ARG ARG A . n 
A 1 165 LEU 165 175 175 LEU LEU A . n 
A 1 166 PHE 166 176 176 PHE PHE A . n 
A 1 167 THR 167 177 177 THR THR A . n 
A 1 168 ILE 168 178 178 ILE ILE A . n 
A 1 169 ARG 169 179 179 ARG ARG A . n 
A 1 170 GLN 170 180 180 GLN GLN A . n 
A 1 171 GLU 171 181 181 GLU GLU A . n 
A 1 172 MET 172 182 182 MET MET A . n 
A 1 173 ALA 173 183 183 ALA ALA A . n 
A 1 174 SER 174 184 184 SER SER A . n 
A 1 175 ARG 175 185 185 ARG ARG A . n 
A 1 176 SER 176 186 186 SER SER A . n 
A 1 177 LEU 177 187 187 LEU LEU A . n 
A 1 178 TRP 178 188 188 TRP TRP A . n 
A 1 179 ASP 179 189 189 ASP ASP A . n 
A 1 180 SER 180 190 190 SER SER A . n 
A 1 181 PHE 181 191 191 PHE PHE A . n 
A 1 182 ARG 182 192 192 ARG ARG A . n 
A 1 183 GLN 183 193 193 GLN GLN A . n 
A 1 184 SER 184 194 194 SER SER A . n 
A 1 185 GLU 185 195 195 GLU GLU A . n 
A 1 186 ARG 186 196 196 ARG ARG A . n 
# 
_pdbx_entity_instance_feature.ordinal        1 
_pdbx_entity_instance_feature.comp_id        85W 
_pdbx_entity_instance_feature.asym_id        ? 
_pdbx_entity_instance_feature.seq_num        ? 
_pdbx_entity_instance_feature.auth_comp_id   85W 
_pdbx_entity_instance_feature.auth_asym_id   ? 
_pdbx_entity_instance_feature.auth_seq_num   ? 
_pdbx_entity_instance_feature.feature_type   'SUBJECT OF INVESTIGATION' 
_pdbx_entity_instance_feature.details        ? 
# 
loop_
_pdbx_nonpoly_scheme.asym_id 
_pdbx_nonpoly_scheme.entity_id 
_pdbx_nonpoly_scheme.mon_id 
_pdbx_nonpoly_scheme.ndb_seq_num 
_pdbx_nonpoly_scheme.pdb_seq_num 
_pdbx_nonpoly_scheme.auth_seq_num 
_pdbx_nonpoly_scheme.pdb_mon_id 
_pdbx_nonpoly_scheme.auth_mon_id 
_pdbx_nonpoly_scheme.pdb_strand_id 
_pdbx_nonpoly_scheme.pdb_ins_code 
B 2 MN  1  201 1  MN  MN  A . 
C 3 MG  1  202 2  MG  MG  A . 
D 4 CL  1  203 1  CL  CL  A . 
E 5 85W 1  204 1  85W LIG A . 
F 6 HOH 1  301 12 HOH HOH A . 
F 6 HOH 2  302 27 HOH HOH A . 
F 6 HOH 3  303 2  HOH HOH A . 
F 6 HOH 4  304 29 HOH HOH A . 
F 6 HOH 5  305 1  HOH HOH A . 
F 6 HOH 6  306 22 HOH HOH A . 
F 6 HOH 7  307 15 HOH HOH A . 
F 6 HOH 8  308 28 HOH HOH A . 
F 6 HOH 9  309 24 HOH HOH A . 
F 6 HOH 10 310 13 HOH HOH A . 
F 6 HOH 11 311 3  HOH HOH A . 
F 6 HOH 12 312 23 HOH HOH A . 
F 6 HOH 13 313 7  HOH HOH A . 
F 6 HOH 14 314 16 HOH HOH A . 
F 6 HOH 15 315 30 HOH HOH A . 
F 6 HOH 16 316 25 HOH HOH A . 
F 6 HOH 17 317 31 HOH HOH A . 
F 6 HOH 18 318 10 HOH HOH A . 
F 6 HOH 19 319 11 HOH HOH A . 
F 6 HOH 20 320 6  HOH HOH A . 
F 6 HOH 21 321 17 HOH HOH A . 
F 6 HOH 22 322 14 HOH HOH A . 
F 6 HOH 23 323 5  HOH HOH A . 
F 6 HOH 24 324 19 HOH HOH A . 
F 6 HOH 25 325 18 HOH HOH A . 
# 
loop_
_pdbx_unobs_or_zero_occ_atoms.id 
_pdbx_unobs_or_zero_occ_atoms.PDB_model_num 
_pdbx_unobs_or_zero_occ_atoms.polymer_flag 
_pdbx_unobs_or_zero_occ_atoms.occupancy_flag 
_pdbx_unobs_or_zero_occ_atoms.auth_asym_id 
_pdbx_unobs_or_zero_occ_atoms.auth_comp_id 
_pdbx_unobs_or_zero_occ_atoms.auth_seq_id 
_pdbx_unobs_or_zero_occ_atoms.PDB_ins_code 
_pdbx_unobs_or_zero_occ_atoms.auth_atom_id 
_pdbx_unobs_or_zero_occ_atoms.label_alt_id 
_pdbx_unobs_or_zero_occ_atoms.label_asym_id 
_pdbx_unobs_or_zero_occ_atoms.label_comp_id 
_pdbx_unobs_or_zero_occ_atoms.label_seq_id 
_pdbx_unobs_or_zero_occ_atoms.label_atom_id 
1  1 Y 1 A ASP 50  ? CG  ? A ASP 59  CG  
2  1 Y 1 A ASP 50  ? OD1 ? A ASP 59  OD1 
3  1 Y 1 A ASP 50  ? OD2 ? A ASP 59  OD2 
4  1 Y 1 A GLU 101 ? CG  ? A GLU 91  CG  
5  1 Y 1 A GLU 101 ? CD  ? A GLU 91  CD  
6  1 Y 1 A GLU 101 ? OE1 ? A GLU 91  OE1 
7  1 Y 1 A GLU 101 ? OE2 ? A GLU 91  OE2 
8  1 Y 1 A LYS 104 ? CE  ? A LYS 94  CE  
9  1 Y 1 A LYS 104 ? NZ  ? A LYS 94  NZ  
10 1 Y 1 A ARG 125 ? CG  ? A ARG 115 CG  
11 1 Y 1 A ARG 125 ? CD  ? A ARG 115 CD  
12 1 Y 1 A ARG 125 ? NE  ? A ARG 115 NE  
13 1 Y 1 A ARG 125 ? CZ  ? A ARG 115 CZ  
14 1 Y 1 A ARG 125 ? NH1 ? A ARG 115 NH1 
15 1 Y 1 A ARG 125 ? NH2 ? A ARG 115 NH2 
16 1 Y 1 A LYS 137 ? CG  ? A LYS 127 CG  
17 1 Y 1 A LYS 137 ? CD  ? A LYS 127 CD  
18 1 Y 1 A LYS 137 ? CE  ? A LYS 127 CE  
19 1 Y 1 A LYS 137 ? NZ  ? A LYS 127 NZ  
20 1 Y 1 A ILE 138 ? CG1 ? A ILE 128 CG1 
21 1 Y 1 A ILE 138 ? CG2 ? A ILE 128 CG2 
22 1 Y 1 A ILE 138 ? CD1 ? A ILE 128 CD1 
23 1 Y 1 A LYS 139 ? CG  ? A LYS 129 CG  
24 1 Y 1 A LYS 139 ? CD  ? A LYS 129 CD  
25 1 Y 1 A LYS 139 ? CE  ? A LYS 129 CE  
26 1 Y 1 A LYS 139 ? NZ  ? A LYS 129 NZ  
27 1 Y 1 A SER 140 ? OG  ? A SER 130 OG  
28 1 Y 1 A GLU 141 ? CG  ? A GLU 131 CG  
29 1 Y 1 A GLU 141 ? CD  ? A GLU 131 CD  
30 1 Y 1 A GLU 141 ? OE1 ? A GLU 131 OE1 
31 1 Y 1 A GLU 141 ? OE2 ? A GLU 131 OE2 
32 1 Y 1 A LYS 142 ? CG  ? A LYS 132 CG  
33 1 Y 1 A LYS 142 ? CD  ? A LYS 132 CD  
34 1 Y 1 A LYS 142 ? CE  ? A LYS 132 CE  
35 1 Y 1 A LYS 142 ? NZ  ? A LYS 132 NZ  
36 1 Y 1 A LYS 158 ? CG  ? A LYS 148 CG  
37 1 Y 1 A LYS 158 ? CD  ? A LYS 148 CD  
38 1 Y 1 A LYS 158 ? CE  ? A LYS 148 CE  
39 1 Y 1 A LYS 158 ? NZ  ? A LYS 148 NZ  
40 1 Y 1 A ARG 170 ? CG  ? A ARG 160 CG  
41 1 Y 1 A ARG 170 ? CD  ? A ARG 160 CD  
42 1 Y 1 A ARG 170 ? NE  ? A ARG 160 NE  
43 1 Y 1 A ARG 170 ? CZ  ? A ARG 160 CZ  
44 1 Y 1 A ARG 170 ? NH1 ? A ARG 160 NH1 
45 1 Y 1 A ARG 170 ? NH2 ? A ARG 160 NH2 
46 1 Y 1 A ARG 192 ? NE  ? A ARG 182 NE  
47 1 Y 1 A ARG 192 ? CZ  ? A ARG 182 CZ  
48 1 Y 1 A ARG 192 ? NH1 ? A ARG 182 NH1 
49 1 Y 1 A ARG 192 ? NH2 ? A ARG 182 NH2 
50 1 Y 1 A GLN 193 ? CG  ? A GLN 183 CG  
51 1 Y 1 A GLN 193 ? CD  ? A GLN 183 CD  
52 1 Y 1 A GLN 193 ? OE1 ? A GLN 183 OE1 
53 1 Y 1 A GLN 193 ? NE2 ? A GLN 183 NE2 
54 1 Y 1 A ARG 196 ? CG  ? A ARG 186 CG  
55 1 Y 1 A ARG 196 ? CD  ? A ARG 186 CD  
56 1 Y 1 A ARG 196 ? NE  ? A ARG 186 NE  
57 1 Y 1 A ARG 196 ? CZ  ? A ARG 186 CZ  
58 1 Y 1 A ARG 196 ? NH1 ? A ARG 186 NH1 
59 1 Y 1 A ARG 196 ? NH2 ? A ARG 186 NH2 
# 
loop_
_software.citation_id 
_software.classification 
_software.compiler_name 
_software.compiler_version 
_software.contact_author 
_software.contact_author_email 
_software.date 
_software.description 
_software.dependencies 
_software.hardware 
_software.language 
_software.location 
_software.mods 
_software.name 
_software.os 
_software.os_version 
_software.type 
_software.version 
_software.pdbx_ordinal 
? refinement       ? ? ? ? ? ? ? ? ? ? ? REFMAC ? ? ? 5.8.0415 1 
? 'data scaling'   ? ? ? ? ? ? ? ? ? ? ? XSCALE ? ? ? .        2 
? 'data reduction' ? ? ? ? ? ? ? ? ? ? ? XDS    ? ? ? .        3 
? phasing          ? ? ? ? ? ? ? ? ? ? ? MOLREP ? ? ? .        4 
# 
_cell.angle_alpha                  90.00 
_cell.angle_alpha_esd              ? 
_cell.angle_beta                   90.00 
_cell.angle_beta_esd               ? 
_cell.angle_gamma                  120.00 
_cell.angle_gamma_esd              ? 
_cell.entry_id                     8PPX 
_cell.details                      ? 
_cell.formula_units_Z              ? 
_cell.length_a                     73.960 
_cell.length_a_esd                 ? 
_cell.length_b                     73.960 
_cell.length_b_esd                 ? 
_cell.length_c                     128.180 
_cell.length_c_esd                 ? 
_cell.volume                       ? 
_cell.volume_esd                   ? 
_cell.Z_PDB                        12 
_cell.reciprocal_angle_alpha       ? 
_cell.reciprocal_angle_beta        ? 
_cell.reciprocal_angle_gamma       ? 
_cell.reciprocal_angle_alpha_esd   ? 
_cell.reciprocal_angle_beta_esd    ? 
_cell.reciprocal_angle_gamma_esd   ? 
_cell.reciprocal_length_a          ? 
_cell.reciprocal_length_b          ? 
_cell.reciprocal_length_c          ? 
_cell.reciprocal_length_a_esd      ? 
_cell.reciprocal_length_b_esd      ? 
_cell.reciprocal_length_c_esd      ? 
_cell.pdbx_unique_axis             ? 
_cell.pdbx_esd_method              ? 
# 
_symmetry.entry_id                         8PPX 
_symmetry.cell_setting                     ? 
_symmetry.Int_Tables_number                181 
_symmetry.space_group_name_Hall            ? 
_symmetry.space_group_name_H-M             'P 64 2 2' 
_symmetry.pdbx_full_space_group_name_H-M   ? 
# 
_exptl.absorpt_coefficient_mu     ? 
_exptl.absorpt_correction_T_max   ? 
_exptl.absorpt_correction_T_min   ? 
_exptl.absorpt_correction_type    ? 
_exptl.absorpt_process_details    ? 
_exptl.entry_id                   8PPX 
_exptl.crystals_number            1 
_exptl.details                    ? 
_exptl.method                     'X-RAY DIFFRACTION' 
_exptl.method_details             ? 
# 
_exptl_crystal.colour                       ? 
_exptl_crystal.density_diffrn               ? 
_exptl_crystal.density_Matthews             2.34 
_exptl_crystal.density_method               ? 
_exptl_crystal.density_percent_sol          47.40 
_exptl_crystal.description                  ? 
_exptl_crystal.F_000                        ? 
_exptl_crystal.id                           1 
_exptl_crystal.preparation                  ? 
_exptl_crystal.size_max                     ? 
_exptl_crystal.size_mid                     ? 
_exptl_crystal.size_min                     ? 
_exptl_crystal.size_rad                     ? 
_exptl_crystal.colour_lustre                ? 
_exptl_crystal.colour_modifier              ? 
_exptl_crystal.colour_primary               ? 
_exptl_crystal.density_meas                 ? 
_exptl_crystal.density_meas_esd             ? 
_exptl_crystal.density_meas_gt              ? 
_exptl_crystal.density_meas_lt              ? 
_exptl_crystal.density_meas_temp            ? 
_exptl_crystal.density_meas_temp_esd        ? 
_exptl_crystal.density_meas_temp_gt         ? 
_exptl_crystal.density_meas_temp_lt         ? 
_exptl_crystal.pdbx_crystal_image_url       ? 
_exptl_crystal.pdbx_crystal_image_format    ? 
_exptl_crystal.pdbx_mosaicity               ? 
_exptl_crystal.pdbx_mosaicity_esd           ? 
_exptl_crystal.pdbx_mosaic_method           ? 
_exptl_crystal.pdbx_mosaic_block_size       ? 
_exptl_crystal.pdbx_mosaic_block_size_esd   ? 
# 
_exptl_crystal_grow.apparatus       ? 
_exptl_crystal_grow.atmosphere      ? 
_exptl_crystal_grow.crystal_id      1 
_exptl_crystal_grow.details         ? 
_exptl_crystal_grow.method          'VAPOR DIFFUSION, HANGING DROP' 
_exptl_crystal_grow.method_ref      ? 
_exptl_crystal_grow.pH              7.5 
_exptl_crystal_grow.pressure        ? 
_exptl_crystal_grow.pressure_esd    ? 
_exptl_crystal_grow.seeding         ? 
_exptl_crystal_grow.seeding_ref     ? 
_exptl_crystal_grow.temp_details    ? 
_exptl_crystal_grow.temp_esd        ? 
_exptl_crystal_grow.time            ? 
_exptl_crystal_grow.pdbx_details    'MDP, PEG 1000, PEG 3350, Sodium HEPES, MOPS (acid), Magnesium chloride, Calcium chloride' 
_exptl_crystal_grow.pdbx_pH_range   ? 
_exptl_crystal_grow.temp            291.15 
# 
_diffrn.ambient_environment              ? 
_diffrn.ambient_temp                     100 
_diffrn.ambient_temp_details             ? 
_diffrn.ambient_temp_esd                 ? 
_diffrn.crystal_id                       1 
_diffrn.crystal_support                  ? 
_diffrn.crystal_treatment                ? 
_diffrn.details                          ? 
_diffrn.id                               1 
_diffrn.ambient_pressure                 ? 
_diffrn.ambient_pressure_esd             ? 
_diffrn.ambient_pressure_gt              ? 
_diffrn.ambient_pressure_lt              ? 
_diffrn.ambient_temp_gt                  ? 
_diffrn.ambient_temp_lt                  ? 
_diffrn.pdbx_serial_crystal_experiment   N 
# 
_diffrn_detector.details                      ? 
_diffrn_detector.detector                     PIXEL 
_diffrn_detector.diffrn_id                    1 
_diffrn_detector.type                         'DECTRIS PILATUS 6M' 
_diffrn_detector.area_resol_mean              ? 
_diffrn_detector.dtime                        ? 
_diffrn_detector.pdbx_frames_total            ? 
_diffrn_detector.pdbx_collection_time_total   ? 
_diffrn_detector.pdbx_collection_date         2023-03-15 
_diffrn_detector.pdbx_frequency               ? 
_diffrn_detector.id                           ? 
_diffrn_detector.number_of_axes               ? 
# 
_diffrn_radiation.collimation                      ? 
_diffrn_radiation.diffrn_id                        1 
_diffrn_radiation.filter_edge                      ? 
_diffrn_radiation.inhomogeneity                    ? 
_diffrn_radiation.monochromator                    ? 
_diffrn_radiation.polarisn_norm                    ? 
_diffrn_radiation.polarisn_ratio                   ? 
_diffrn_radiation.probe                            ? 
_diffrn_radiation.type                             ? 
_diffrn_radiation.xray_symbol                      ? 
_diffrn_radiation.wavelength_id                    1 
_diffrn_radiation.pdbx_monochromatic_or_laue_m_l   M 
_diffrn_radiation.pdbx_wavelength_list             ? 
_diffrn_radiation.pdbx_wavelength                  ? 
_diffrn_radiation.pdbx_diffrn_protocol             'SINGLE WAVELENGTH' 
_diffrn_radiation.pdbx_analyzer                    ? 
_diffrn_radiation.pdbx_scattering_type             x-ray 
# 
_diffrn_radiation_wavelength.id           1 
_diffrn_radiation_wavelength.wavelength   0.918400 
_diffrn_radiation_wavelength.wt           1.0 
# 
_diffrn_source.current                     ? 
_diffrn_source.details                     ? 
_diffrn_source.diffrn_id                   1 
_diffrn_source.power                       ? 
_diffrn_source.size                        ? 
_diffrn_source.source                      SYNCHROTRON 
_diffrn_source.target                      ? 
_diffrn_source.type                        'BESSY BEAMLINE 14.1' 
_diffrn_source.voltage                     ? 
_diffrn_source.take-off_angle              ? 
_diffrn_source.pdbx_wavelength_list        0.918400 
_diffrn_source.pdbx_wavelength             ? 
_diffrn_source.pdbx_synchrotron_beamline   14.1 
_diffrn_source.pdbx_synchrotron_site       BESSY 
# 
_reflns.B_iso_Wilson_estimate                          ? 
_reflns.entry_id                                       8PPX 
_reflns.data_reduction_details                         ? 
_reflns.data_reduction_method                          ? 
_reflns.d_resolution_high                              2.46 
_reflns.d_resolution_low                               50 
_reflns.details                                        ? 
_reflns.limit_h_max                                    ? 
_reflns.limit_h_min                                    ? 
_reflns.limit_k_max                                    ? 
_reflns.limit_k_min                                    ? 
_reflns.limit_l_max                                    ? 
_reflns.limit_l_min                                    ? 
_reflns.number_all                                     ? 
_reflns.number_obs                                     14236 
_reflns.observed_criterion                             ? 
_reflns.observed_criterion_F_max                       ? 
_reflns.observed_criterion_F_min                       ? 
_reflns.observed_criterion_I_max                       ? 
_reflns.observed_criterion_I_min                       ? 
_reflns.observed_criterion_sigma_F                     ? 
_reflns.observed_criterion_sigma_I                     ? 
_reflns.percent_possible_obs                           99.9 
_reflns.R_free_details                                 ? 
_reflns.Rmerge_F_all                                   ? 
_reflns.Rmerge_F_obs                                   ? 
_reflns.Friedel_coverage                               ? 
_reflns.number_gt                                      ? 
_reflns.threshold_expression                           ? 
_reflns.pdbx_redundancy                                20 
_reflns.pdbx_netI_over_av_sigmaI                       ? 
_reflns.pdbx_netI_over_sigmaI                          11.93 
_reflns.pdbx_res_netI_over_av_sigmaI_2                 ? 
_reflns.pdbx_res_netI_over_sigmaI_2                    ? 
_reflns.pdbx_chi_squared                               ? 
_reflns.pdbx_scaling_rejects                           ? 
_reflns.pdbx_d_res_high_opt                            ? 
_reflns.pdbx_d_res_low_opt                             ? 
_reflns.pdbx_d_res_opt_method                          ? 
_reflns.phase_calculation_details                      ? 
_reflns.pdbx_Rrim_I_all                                0.278 
_reflns.pdbx_Rpim_I_all                                ? 
_reflns.pdbx_d_opt                                     ? 
_reflns.pdbx_number_measured_all                       ? 
_reflns.pdbx_diffrn_id                                 1 
_reflns.pdbx_ordinal                                   1 
_reflns.pdbx_CC_half                                   0.998 
_reflns.pdbx_CC_star                                   ? 
_reflns.pdbx_R_split                                   ? 
_reflns.pdbx_Rmerge_I_obs                              0.271 
_reflns.pdbx_Rmerge_I_all                              ? 
_reflns.pdbx_Rsym_value                                ? 
_reflns.pdbx_CC_split_method                           ? 
_reflns.pdbx_aniso_diffraction_limit_axis_1_ortho[1]   ? 
_reflns.pdbx_aniso_diffraction_limit_axis_1_ortho[2]   ? 
_reflns.pdbx_aniso_diffraction_limit_axis_1_ortho[3]   ? 
_reflns.pdbx_aniso_diffraction_limit_axis_2_ortho[1]   ? 
_reflns.pdbx_aniso_diffraction_limit_axis_2_ortho[2]   ? 
_reflns.pdbx_aniso_diffraction_limit_axis_2_ortho[3]   ? 
_reflns.pdbx_aniso_diffraction_limit_axis_3_ortho[1]   ? 
_reflns.pdbx_aniso_diffraction_limit_axis_3_ortho[2]   ? 
_reflns.pdbx_aniso_diffraction_limit_axis_3_ortho[3]   ? 
_reflns.pdbx_aniso_diffraction_limit_1                 ? 
_reflns.pdbx_aniso_diffraction_limit_2                 ? 
_reflns.pdbx_aniso_diffraction_limit_3                 ? 
_reflns.pdbx_aniso_B_tensor_eigenvector_1_ortho[1]     ? 
_reflns.pdbx_aniso_B_tensor_eigenvector_1_ortho[2]     ? 
_reflns.pdbx_aniso_B_tensor_eigenvector_1_ortho[3]     ? 
_reflns.pdbx_aniso_B_tensor_eigenvector_2_ortho[1]     ? 
_reflns.pdbx_aniso_B_tensor_eigenvector_2_ortho[2]     ? 
_reflns.pdbx_aniso_B_tensor_eigenvector_2_ortho[3]     ? 
_reflns.pdbx_aniso_B_tensor_eigenvector_3_ortho[1]     ? 
_reflns.pdbx_aniso_B_tensor_eigenvector_3_ortho[2]     ? 
_reflns.pdbx_aniso_B_tensor_eigenvector_3_ortho[3]     ? 
_reflns.pdbx_aniso_B_tensor_eigenvalue_1               ? 
_reflns.pdbx_aniso_B_tensor_eigenvalue_2               ? 
_reflns.pdbx_aniso_B_tensor_eigenvalue_3               ? 
_reflns.pdbx_orthogonalization_convention              ? 
_reflns.pdbx_percent_possible_ellipsoidal              ? 
_reflns.pdbx_percent_possible_spherical                ? 
_reflns.pdbx_percent_possible_ellipsoidal_anomalous    ? 
_reflns.pdbx_percent_possible_spherical_anomalous      ? 
_reflns.pdbx_redundancy_anomalous                      ? 
_reflns.pdbx_CC_half_anomalous                         ? 
_reflns.pdbx_absDiff_over_sigma_anomalous              ? 
_reflns.pdbx_percent_possible_anomalous                ? 
_reflns.pdbx_observed_signal_threshold                 ? 
_reflns.pdbx_signal_type                               ? 
_reflns.pdbx_signal_details                            ? 
_reflns.pdbx_signal_software_id                        ? 
# 
loop_
_reflns_shell.d_res_high 
_reflns_shell.d_res_low 
_reflns_shell.meanI_over_sigI_all 
_reflns_shell.meanI_over_sigI_obs 
_reflns_shell.number_measured_all 
_reflns_shell.number_measured_obs 
_reflns_shell.number_possible 
_reflns_shell.number_unique_all 
_reflns_shell.number_unique_obs 
_reflns_shell.percent_possible_obs 
_reflns_shell.Rmerge_F_all 
_reflns_shell.Rmerge_F_obs 
_reflns_shell.meanI_over_sigI_gt 
_reflns_shell.meanI_over_uI_all 
_reflns_shell.meanI_over_uI_gt 
_reflns_shell.number_measured_gt 
_reflns_shell.number_unique_gt 
_reflns_shell.percent_possible_gt 
_reflns_shell.Rmerge_F_gt 
_reflns_shell.Rmerge_I_gt 
_reflns_shell.pdbx_redundancy 
_reflns_shell.pdbx_chi_squared 
_reflns_shell.pdbx_netI_over_sigmaI_all 
_reflns_shell.pdbx_netI_over_sigmaI_obs 
_reflns_shell.pdbx_Rrim_I_all 
_reflns_shell.pdbx_Rpim_I_all 
_reflns_shell.pdbx_rejects 
_reflns_shell.pdbx_ordinal 
_reflns_shell.pdbx_diffrn_id 
_reflns_shell.pdbx_CC_half 
_reflns_shell.pdbx_CC_star 
_reflns_shell.pdbx_R_split 
_reflns_shell.percent_possible_all 
_reflns_shell.Rmerge_I_all 
_reflns_shell.Rmerge_I_obs 
_reflns_shell.pdbx_Rsym_value 
_reflns_shell.pdbx_percent_possible_ellipsoidal 
_reflns_shell.pdbx_percent_possible_spherical 
_reflns_shell.pdbx_percent_possible_ellipsoidal_anomalous 
_reflns_shell.pdbx_percent_possible_spherical_anomalous 
_reflns_shell.pdbx_redundancy_anomalous 
_reflns_shell.pdbx_CC_half_anomalous 
_reflns_shell.pdbx_absDiff_over_sigma_anomalous 
_reflns_shell.pdbx_percent_possible_anomalous 
2.46 2.61 ? ? ? ? ? ? 2289 ? ? ? ? ? ? ? ? ? ? ? ? ? ? ? 5.293 ? ? 1 1 0.321 ? ? ? ? 5.164 ? ? ? ? ? ? ? ? ? 
2.61 2.79 ? ? ? ? ? ? 2153 ? ? ? ? ? ? ? ? ? ? ? ? ? ? ? 2.884 ? ? 2 1 0.55  ? ? ? ? 2.814 ? ? ? ? ? ? ? ? ? 
2.79 3.01 ? ? ? ? ? ? 2015 ? ? ? ? ? ? ? ? ? ? ? ? ? ? ? 1.566 ? ? 3 1 0.804 ? ? ? ? 1.529 ? ? ? ? ? ? ? ? ? 
3.01 3.3  ? ? ? ? ? ? 1852 ? ? ? ? ? ? ? ? ? ? ? ? ? ? ? 0.89  ? ? 4 1 0.915 ? ? ? ? 0.868 ? ? ? ? ? ? ? ? ? 
3.30 3.68 ? ? ? ? ? ? 1673 ? ? ? ? ? ? ? ? ? ? ? ? ? ? ? 0.397 ? ? 5 1 0.985 ? ? ? ? 0.388 ? ? ? ? ? ? ? ? ? 
3.68 4.25 ? ? ? ? ? ? 1477 ? ? ? ? ? ? ? ? ? ? ? ? ? ? ? 0.189 ? ? 6 1 0.996 ? ? ? ? 0.184 ? ? ? ? ? ? ? ? ? 
4.25 5.19 ? ? ? ? ? ? 1248 ? ? ? ? ? ? ? ? ? ? ? ? ? ? ? 0.108 ? ? 7 1 0.998 ? ? ? ? 0.105 ? ? ? ? ? ? ? ? ? 
5.19 7.3  ? ? ? ? ? ? 973  ? ? ? ? ? ? ? ? ? ? ? ? ? ? ? 0.1   ? ? 8 1 0.999 ? ? ? ? 0.097 ? ? ? ? ? ? ? ? ? 
7.30 10   ? ? ? ? ? ? 556  ? ? ? ? ? ? ? ? ? ? ? ? ? ? ? 0.041 ? ? 9 1 1.0   ? ? ? ? 0.039 ? ? ? ? ? ? ? ? ? 
# 
_refine.aniso_B[1][1]                            -1.05 
_refine.aniso_B[1][2]                            -0.52 
_refine.aniso_B[1][3]                            -0.00 
_refine.aniso_B[2][2]                            -1.05 
_refine.aniso_B[2][3]                            0.00 
_refine.aniso_B[3][3]                            3.39 
_refine.B_iso_max                                ? 
_refine.B_iso_mean                               58.050 
_refine.B_iso_min                                ? 
_refine.correlation_coeff_Fo_to_Fc               0.943 
_refine.correlation_coeff_Fo_to_Fc_free          0.936 
_refine.details                                  'HYDROGENS HAVE BEEN ADDED IN THE RIDING POSITIONS' 
_refine.diff_density_max                         ? 
_refine.diff_density_max_esd                     ? 
_refine.diff_density_min                         ? 
_refine.diff_density_min_esd                     ? 
_refine.diff_density_rms                         ? 
_refine.diff_density_rms_esd                     ? 
_refine.entry_id                                 8PPX 
_refine.pdbx_refine_id                           'X-RAY DIFFRACTION' 
_refine.ls_abs_structure_details                 ? 
_refine.ls_abs_structure_Flack                   ? 
_refine.ls_abs_structure_Flack_esd               ? 
_refine.ls_abs_structure_Rogers                  ? 
_refine.ls_abs_structure_Rogers_esd              ? 
_refine.ls_d_res_high                            2.50 
_refine.ls_d_res_low                             45.30 
_refine.ls_extinction_coef                       ? 
_refine.ls_extinction_coef_esd                   ? 
_refine.ls_extinction_expression                 ? 
_refine.ls_extinction_method                     ? 
_refine.ls_goodness_of_fit_all                   ? 
_refine.ls_goodness_of_fit_all_esd               ? 
_refine.ls_goodness_of_fit_obs                   ? 
_refine.ls_goodness_of_fit_obs_esd               ? 
_refine.ls_hydrogen_treatment                    ? 
_refine.ls_matrix_type                           ? 
_refine.ls_number_constraints                    ? 
_refine.ls_number_parameters                     ? 
_refine.ls_number_reflns_all                     ? 
_refine.ls_number_reflns_obs                     7306 
_refine.ls_number_reflns_R_free                  385 
_refine.ls_number_reflns_R_work                  ? 
_refine.ls_number_restraints                     ? 
_refine.ls_percent_reflns_obs                    99.95 
_refine.ls_percent_reflns_R_free                 5.0 
_refine.ls_R_factor_all                          ? 
_refine.ls_R_factor_obs                          0.22813 
_refine.ls_R_factor_R_free                       0.25785 
_refine.ls_R_factor_R_free_error                 ? 
_refine.ls_R_factor_R_free_error_details         ? 
_refine.ls_R_factor_R_work                       0.22650 
_refine.ls_R_Fsqd_factor_obs                     ? 
_refine.ls_R_I_factor_obs                        ? 
_refine.ls_redundancy_reflns_all                 ? 
_refine.ls_redundancy_reflns_obs                 ? 
_refine.ls_restrained_S_all                      ? 
_refine.ls_restrained_S_obs                      ? 
_refine.ls_shift_over_esd_max                    ? 
_refine.ls_shift_over_esd_mean                   ? 
_refine.ls_structure_factor_coef                 ? 
_refine.ls_weighting_details                     ? 
_refine.ls_weighting_scheme                      ? 
_refine.ls_wR_factor_all                         ? 
_refine.ls_wR_factor_obs                         ? 
_refine.ls_wR_factor_R_free                      ? 
_refine.ls_wR_factor_R_work                      ? 
_refine.occupancy_max                            ? 
_refine.occupancy_min                            ? 
_refine.solvent_model_details                    MASK 
_refine.solvent_model_param_bsol                 ? 
_refine.solvent_model_param_ksol                 ? 
_refine.pdbx_R_complete                          ? 
_refine.ls_R_factor_gt                           ? 
_refine.ls_goodness_of_fit_gt                    ? 
_refine.ls_goodness_of_fit_ref                   ? 
_refine.ls_shift_over_su_max                     ? 
_refine.ls_shift_over_su_max_lt                  ? 
_refine.ls_shift_over_su_mean                    ? 
_refine.ls_shift_over_su_mean_lt                 ? 
_refine.pdbx_ls_sigma_I                          ? 
_refine.pdbx_ls_sigma_F                          ? 
_refine.pdbx_ls_sigma_Fsqd                       ? 
_refine.pdbx_data_cutoff_high_absF               ? 
_refine.pdbx_data_cutoff_high_rms_absF           ? 
_refine.pdbx_data_cutoff_low_absF                ? 
_refine.pdbx_isotropic_thermal_model             ? 
_refine.pdbx_ls_cross_valid_method               THROUGHOUT 
_refine.pdbx_method_to_determine_struct          'MOLECULAR REPLACEMENT' 
_refine.pdbx_starting_model                      ? 
_refine.pdbx_stereochemistry_target_values       'MAXIMUM LIKELIHOOD' 
_refine.pdbx_R_Free_selection_details            RANDOM 
_refine.pdbx_stereochem_target_val_spec_case     ? 
_refine.pdbx_overall_ESU_R                       0.602 
_refine.pdbx_overall_ESU_R_Free                  0.296 
_refine.pdbx_solvent_vdw_probe_radii             1.20 
_refine.pdbx_solvent_ion_probe_radii             0.80 
_refine.pdbx_solvent_shrinkage_radii             0.80 
_refine.pdbx_real_space_R                        ? 
_refine.pdbx_density_correlation                 ? 
_refine.pdbx_pd_number_of_powder_patterns        ? 
_refine.pdbx_pd_number_of_points                 ? 
_refine.pdbx_pd_meas_number_of_points            ? 
_refine.pdbx_pd_proc_ls_prof_R_factor            ? 
_refine.pdbx_pd_proc_ls_prof_wR_factor           ? 
_refine.pdbx_pd_Marquardt_correlation_coeff      ? 
_refine.pdbx_pd_Fsqrd_R_factor                   ? 
_refine.pdbx_pd_ls_matrix_band_width             ? 
_refine.pdbx_overall_phase_error                 ? 
_refine.pdbx_overall_SU_R_free_Cruickshank_DPI   ? 
_refine.pdbx_overall_SU_R_free_Blow_DPI          ? 
_refine.pdbx_overall_SU_R_Blow_DPI               ? 
_refine.pdbx_TLS_residual_ADP_flag               ? 
_refine.pdbx_diffrn_id                           1 
_refine.overall_SU_B                             11.725 
_refine.overall_SU_ML                            0.243 
_refine.overall_SU_R_Cruickshank_DPI             ? 
_refine.overall_SU_R_free                        ? 
_refine.overall_FOM_free_R_set                   ? 
_refine.overall_FOM_work_R_set                   ? 
_refine.pdbx_average_fsc_overall                 ? 
_refine.pdbx_average_fsc_work                    ? 
_refine.pdbx_average_fsc_free                    ? 
# 
_refine_hist.pdbx_refine_id                   'X-RAY DIFFRACTION' 
_refine_hist.cycle_id                         1 
_refine_hist.details                          ? 
_refine_hist.d_res_high                       2.50 
_refine_hist.d_res_low                        45.30 
_refine_hist.number_atoms_solvent             25 
_refine_hist.number_atoms_total               1486 
_refine_hist.number_reflns_all                ? 
_refine_hist.number_reflns_obs                ? 
_refine_hist.number_reflns_R_free             ? 
_refine_hist.number_reflns_R_work             ? 
_refine_hist.R_factor_all                     ? 
_refine_hist.R_factor_obs                     ? 
_refine_hist.R_factor_R_free                  ? 
_refine_hist.R_factor_R_work                  ? 
_refine_hist.pdbx_number_residues_total       ? 
_refine_hist.pdbx_B_iso_mean_ligand           ? 
_refine_hist.pdbx_B_iso_mean_solvent          ? 
_refine_hist.pdbx_number_atoms_protein        1437 
_refine_hist.pdbx_number_atoms_nucleic_acid   0 
_refine_hist.pdbx_number_atoms_ligand         24 
_refine_hist.pdbx_number_atoms_lipid          ? 
_refine_hist.pdbx_number_atoms_carb           ? 
_refine_hist.pdbx_pseudo_atom_details         ? 
# 
loop_
_refine_ls_restr.pdbx_refine_id 
_refine_ls_restr.criterion 
_refine_ls_restr.dev_ideal 
_refine_ls_restr.dev_ideal_target 
_refine_ls_restr.number 
_refine_ls_restr.rejects 
_refine_ls_restr.type 
_refine_ls_restr.weight 
_refine_ls_restr.pdbx_restraint_function 
'X-RAY DIFFRACTION' ? 0.004  0.012  1493 ? r_bond_refined_d             ? ? 
'X-RAY DIFFRACTION' ? 0.004  0.016  1329 ? r_bond_other_d               ? ? 
'X-RAY DIFFRACTION' ? 1.024  1.669  2013 ? r_angle_refined_deg          ? ? 
'X-RAY DIFFRACTION' ? 0.357  1.575  3054 ? r_angle_other_deg            ? ? 
'X-RAY DIFFRACTION' ? 6.346  5.000  181  ? r_dihedral_angle_1_deg       ? ? 
'X-RAY DIFFRACTION' ? 10.544 5.000  10   ? r_dihedral_angle_2_deg       ? ? 
'X-RAY DIFFRACTION' ? 14.210 10.000 248  ? r_dihedral_angle_3_deg       ? ? 
'X-RAY DIFFRACTION' ? ?      ?      ?    ? r_dihedral_angle_4_deg       ? ? 
'X-RAY DIFFRACTION' ? 0.045  0.200  215  ? r_chiral_restr               ? ? 
'X-RAY DIFFRACTION' ? 0.004  0.020  1759 ? r_gen_planes_refined         ? ? 
'X-RAY DIFFRACTION' ? 0.001  0.020  354  ? r_gen_planes_other           ? ? 
'X-RAY DIFFRACTION' ? ?      ?      ?    ? r_nbd_refined                ? ? 
'X-RAY DIFFRACTION' ? ?      ?      ?    ? r_nbd_other                  ? ? 
'X-RAY DIFFRACTION' ? ?      ?      ?    ? r_nbtor_refined              ? ? 
'X-RAY DIFFRACTION' ? ?      ?      ?    ? r_nbtor_other                ? ? 
'X-RAY DIFFRACTION' ? ?      ?      ?    ? r_xyhbond_nbd_refined        ? ? 
'X-RAY DIFFRACTION' ? ?      ?      ?    ? r_xyhbond_nbd_other          ? ? 
'X-RAY DIFFRACTION' ? ?      ?      ?    ? r_metal_ion_refined          ? ? 
'X-RAY DIFFRACTION' ? ?      ?      ?    ? r_metal_ion_other            ? ? 
'X-RAY DIFFRACTION' ? ?      ?      ?    ? r_symmetry_vdw_refined       ? ? 
'X-RAY DIFFRACTION' ? ?      ?      ?    ? r_symmetry_vdw_other         ? ? 
'X-RAY DIFFRACTION' ? ?      ?      ?    ? r_symmetry_hbond_refined     ? ? 
'X-RAY DIFFRACTION' ? ?      ?      ?    ? r_symmetry_hbond_other       ? ? 
'X-RAY DIFFRACTION' ? ?      ?      ?    ? r_symmetry_metal_ion_refined ? ? 
'X-RAY DIFFRACTION' ? ?      ?      ?    ? r_symmetry_metal_ion_other   ? ? 
'X-RAY DIFFRACTION' ? 3.288  6.275  727  ? r_mcbond_it                  ? ? 
'X-RAY DIFFRACTION' ? 3.284  6.275  727  ? r_mcbond_other               ? ? 
'X-RAY DIFFRACTION' ? 5.164  11.292 907  ? r_mcangle_it                 ? ? 
'X-RAY DIFFRACTION' ? 5.161  11.293 908  ? r_mcangle_other              ? ? 
'X-RAY DIFFRACTION' ? 3.473  6.449  766  ? r_scbond_it                  ? ? 
'X-RAY DIFFRACTION' ? 3.471  6.449  766  ? r_scbond_other               ? ? 
'X-RAY DIFFRACTION' ? ?      ?      ?    ? r_scangle_it                 ? ? 
'X-RAY DIFFRACTION' ? 5.602  11.777 1107 ? r_scangle_other              ? ? 
'X-RAY DIFFRACTION' ? 7.759  59.26  1745 ? r_long_range_B_refined       ? ? 
'X-RAY DIFFRACTION' ? 7.762  59.33  1746 ? r_long_range_B_other         ? ? 
'X-RAY DIFFRACTION' ? ?      ?      ?    ? r_rigid_bond_restr           ? ? 
'X-RAY DIFFRACTION' ? ?      ?      ?    ? r_sphericity_free            ? ? 
'X-RAY DIFFRACTION' ? ?      ?      ?    ? r_sphericity_bonded          ? ? 
# 
_refine_ls_shell.pdbx_refine_id                   'X-RAY DIFFRACTION' 
_refine_ls_shell.d_res_high                       2.500 
_refine_ls_shell.d_res_low                        2.565 
_refine_ls_shell.number_reflns_all                ? 
_refine_ls_shell.number_reflns_obs                ? 
_refine_ls_shell.number_reflns_R_free             28 
_refine_ls_shell.number_reflns_R_work             527 
_refine_ls_shell.percent_reflns_obs               100.00 
_refine_ls_shell.percent_reflns_R_free            ? 
_refine_ls_shell.R_factor_all                     ? 
_refine_ls_shell.R_factor_obs                     ? 
_refine_ls_shell.R_factor_R_free_error            ? 
_refine_ls_shell.R_factor_R_work                  0.345 
_refine_ls_shell.redundancy_reflns_all            ? 
_refine_ls_shell.redundancy_reflns_obs            ? 
_refine_ls_shell.wR_factor_all                    ? 
_refine_ls_shell.wR_factor_obs                    ? 
_refine_ls_shell.wR_factor_R_free                 ? 
_refine_ls_shell.wR_factor_R_work                 ? 
_refine_ls_shell.pdbx_R_complete                  ? 
_refine_ls_shell.pdbx_total_number_of_bins_used   20 
_refine_ls_shell.pdbx_phase_error                 ? 
_refine_ls_shell.pdbx_fsc_work                    ? 
_refine_ls_shell.pdbx_fsc_free                    ? 
_refine_ls_shell.R_factor_R_free                  0.370 
# 
_struct.entry_id                     8PPX 
_struct.title                        'Influenza A/California/07/2009(H1N1) endonuclease in complex with flavonoid-like compound' 
_struct.pdbx_model_details           ? 
_struct.pdbx_formula_weight          ? 
_struct.pdbx_formula_weight_method   ? 
_struct.pdbx_model_type_details      ? 
_struct.pdbx_CASP_flag               N 
# 
_struct_keywords.entry_id        8PPX 
_struct_keywords.text            'RNA-dependent RNA polymerase, endonuclease inhibitor, flavonoids, antivirals, VIRAL PROTEIN' 
_struct_keywords.pdbx_keywords   'VIRAL PROTEIN' 
# 
loop_
_struct_asym.id 
_struct_asym.pdbx_blank_PDB_chainid_flag 
_struct_asym.pdbx_modified 
_struct_asym.entity_id 
_struct_asym.details 
A N N 1 ? 
B N N 2 ? 
C N N 3 ? 
D N N 4 ? 
E N N 5 ? 
F N N 6 ? 
# 
loop_
_struct_ref.id 
_struct_ref.db_name 
_struct_ref.db_code 
_struct_ref.pdbx_db_accession 
_struct_ref.pdbx_db_isoform 
_struct_ref.entity_id 
_struct_ref.pdbx_seq_one_letter_code 
_struct_ref.pdbx_align_begin 
1 UNP C3W5X6_9INFA C3W5X6 ? 1 MEDFVRQCFNPMIVELAEKAMKEYGEDPKIETNKFAAICTHLEVCFMYSD 1  
2 UNP C3W5X6_9INFA C3W5X6 ? 1 
;KHRFEIIEGRDRIMAWTVVNSICNTTGVEKPKFLPDLYDYKENRFIEIGVTRREVHIYYLEKANKIKSEKTHIHIFSFTG
EEMATKADYTLDEESRARIKTRLFTIRQEMASRSLWDSFRQSER
;
73 
# 
loop_
_struct_ref_seq.align_id 
_struct_ref_seq.ref_id 
_struct_ref_seq.pdbx_PDB_id_code 
_struct_ref_seq.pdbx_strand_id 
_struct_ref_seq.seq_align_beg 
_struct_ref_seq.pdbx_seq_align_beg_ins_code 
_struct_ref_seq.seq_align_end 
_struct_ref_seq.pdbx_seq_align_end_ins_code 
_struct_ref_seq.pdbx_db_accession 
_struct_ref_seq.db_align_beg 
_struct_ref_seq.pdbx_db_align_beg_ins_code 
_struct_ref_seq.db_align_end 
_struct_ref_seq.pdbx_db_align_end_ins_code 
_struct_ref_seq.pdbx_auth_seq_align_beg 
_struct_ref_seq.pdbx_auth_seq_align_end 
1 1 8PPX A 10 ? 59  ? C3W5X6 1  ? 50  ? 1  50  
2 2 8PPX A 63 ? 186 ? C3W5X6 73 ? 196 ? 73 196 
# 
loop_
_struct_ref_seq_dif.align_id 
_struct_ref_seq_dif.pdbx_pdb_id_code 
_struct_ref_seq_dif.mon_id 
_struct_ref_seq_dif.pdbx_pdb_strand_id 
_struct_ref_seq_dif.seq_num 
_struct_ref_seq_dif.pdbx_pdb_ins_code 
_struct_ref_seq_dif.pdbx_seq_db_name 
_struct_ref_seq_dif.pdbx_seq_db_accession_code 
_struct_ref_seq_dif.db_mon_id 
_struct_ref_seq_dif.pdbx_seq_db_seq_num 
_struct_ref_seq_dif.details 
_struct_ref_seq_dif.pdbx_auth_seq_num 
_struct_ref_seq_dif.pdbx_ordinal 
1 8PPX SER A 1  ? UNP C3W5X6 ? ? 'expression tag' -8 1  
1 8PPX GLY A 2  ? UNP C3W5X6 ? ? 'expression tag' -7 2  
1 8PPX SER A 3  ? UNP C3W5X6 ? ? 'expression tag' -6 3  
1 8PPX GLY A 4  ? UNP C3W5X6 ? ? 'expression tag' -5 4  
1 8PPX SER A 5  ? UNP C3W5X6 ? ? 'expression tag' -4 5  
1 8PPX GLY A 6  ? UNP C3W5X6 ? ? 'expression tag' -3 6  
1 8PPX SER A 7  ? UNP C3W5X6 ? ? 'expression tag' -2 7  
1 8PPX GLY A 8  ? UNP C3W5X6 ? ? 'expression tag' -1 8  
1 8PPX SER A 9  ? UNP C3W5X6 ? ? 'expression tag' 0  9  
1 8PPX GLY A 60 ? UNP C3W5X6 ? ? linker           51 10 
1 8PPX GLY A 61 ? UNP C3W5X6 ? ? linker           52 11 
1 8PPX SER A 62 ? UNP C3W5X6 ? ? linker           53 12 
# 
_pdbx_struct_assembly.id                   1 
_pdbx_struct_assembly.details              author_and_software_defined_assembly 
_pdbx_struct_assembly.method_details       PISA 
_pdbx_struct_assembly.oligomeric_details   monomeric 
_pdbx_struct_assembly.oligomeric_count     1 
# 
loop_
_pdbx_struct_assembly_prop.biol_id 
_pdbx_struct_assembly_prop.type 
_pdbx_struct_assembly_prop.value 
_pdbx_struct_assembly_prop.details 
1 'ABSA (A^2)' 270  ? 
1 MORE         -20  ? 
1 'SSA (A^2)'  9390 ? 
# 
_pdbx_struct_assembly_gen.assembly_id       1 
_pdbx_struct_assembly_gen.oper_expression   1 
_pdbx_struct_assembly_gen.asym_id_list      A,B,C,D,E,F 
# 
_pdbx_struct_assembly_auth_evidence.id                     1 
_pdbx_struct_assembly_auth_evidence.assembly_id            1 
_pdbx_struct_assembly_auth_evidence.experimental_support   'gel filtration' 
_pdbx_struct_assembly_auth_evidence.details                ? 
# 
_pdbx_struct_oper_list.id                   1 
_pdbx_struct_oper_list.type                 'identity operation' 
_pdbx_struct_oper_list.name                 1_555 
_pdbx_struct_oper_list.symmetry_operation   x,y,z 
_pdbx_struct_oper_list.matrix[1][1]         1.0000000000 
_pdbx_struct_oper_list.matrix[1][2]         0.0000000000 
_pdbx_struct_oper_list.matrix[1][3]         0.0000000000 
_pdbx_struct_oper_list.vector[1]            0.0000000000 
_pdbx_struct_oper_list.matrix[2][1]         0.0000000000 
_pdbx_struct_oper_list.matrix[2][2]         1.0000000000 
_pdbx_struct_oper_list.matrix[2][3]         0.0000000000 
_pdbx_struct_oper_list.vector[2]            0.0000000000 
_pdbx_struct_oper_list.matrix[3][1]         0.0000000000 
_pdbx_struct_oper_list.matrix[3][2]         0.0000000000 
_pdbx_struct_oper_list.matrix[3][3]         1.0000000000 
_pdbx_struct_oper_list.vector[3]            0.0000000000 
# 
loop_
_struct_conf.conf_type_id 
_struct_conf.id 
_struct_conf.pdbx_PDB_helix_id 
_struct_conf.beg_label_comp_id 
_struct_conf.beg_label_asym_id 
_struct_conf.beg_label_seq_id 
_struct_conf.pdbx_beg_PDB_ins_code 
_struct_conf.end_label_comp_id 
_struct_conf.end_label_asym_id 
_struct_conf.end_label_seq_id 
_struct_conf.pdbx_end_PDB_ins_code 
_struct_conf.beg_auth_comp_id 
_struct_conf.beg_auth_asym_id 
_struct_conf.beg_auth_seq_id 
_struct_conf.end_auth_comp_id 
_struct_conf.end_auth_asym_id 
_struct_conf.end_auth_seq_id 
_struct_conf.pdbx_PDB_helix_class 
_struct_conf.details 
_struct_conf.pdbx_PDB_helix_length 
HELX_P HELX_P1 AA1 SER A 7   ? PHE A 18  ? SER A -2  PHE A 9   1 ? 12 
HELX_P HELX_P2 AA2 ASN A 19  ? GLU A 32  ? ASN A 10  GLU A 23  1 ? 14 
HELX_P HELX_P3 AA3 GLU A 40  ? ASP A 59  ? GLU A 31  ASP A 50  1 ? 20 
HELX_P HELX_P4 AA4 ASP A 73  ? GLY A 89  ? ASP A 83  GLY A 99  1 ? 17 
HELX_P HELX_P5 AA5 GLU A 116 ? ILE A 128 ? GLU A 126 ILE A 138 1 ? 13 
HELX_P HELX_P6 AA6 LYS A 148 ? ASP A 150 ? LYS A 158 ASP A 160 5 ? 3  
HELX_P HELX_P7 AA7 ASP A 154 ? ARG A 175 ? ASP A 164 ARG A 185 1 ? 22 
HELX_P HELX_P8 AA8 LEU A 177 ? SER A 184 ? LEU A 187 SER A 194 1 ? 8  
# 
_struct_conf_type.id          HELX_P 
_struct_conf_type.criteria    ? 
_struct_conf_type.reference   ? 
# 
loop_
_struct_conn.id 
_struct_conn.conn_type_id 
_struct_conn.pdbx_leaving_atom_flag 
_struct_conn.pdbx_PDB_id 
_struct_conn.ptnr1_label_asym_id 
_struct_conn.ptnr1_label_comp_id 
_struct_conn.ptnr1_label_seq_id 
_struct_conn.ptnr1_label_atom_id 
_struct_conn.pdbx_ptnr1_label_alt_id 
_struct_conn.pdbx_ptnr1_PDB_ins_code 
_struct_conn.pdbx_ptnr1_standard_comp_id 
_struct_conn.ptnr1_symmetry 
_struct_conn.ptnr2_label_asym_id 
_struct_conn.ptnr2_label_comp_id 
_struct_conn.ptnr2_label_seq_id 
_struct_conn.ptnr2_label_atom_id 
_struct_conn.pdbx_ptnr2_label_alt_id 
_struct_conn.pdbx_ptnr2_PDB_ins_code 
_struct_conn.ptnr1_auth_asym_id 
_struct_conn.ptnr1_auth_comp_id 
_struct_conn.ptnr1_auth_seq_id 
_struct_conn.ptnr2_auth_asym_id 
_struct_conn.ptnr2_auth_comp_id 
_struct_conn.ptnr2_auth_seq_id 
_struct_conn.ptnr2_symmetry 
_struct_conn.pdbx_ptnr3_label_atom_id 
_struct_conn.pdbx_ptnr3_label_seq_id 
_struct_conn.pdbx_ptnr3_label_comp_id 
_struct_conn.pdbx_ptnr3_label_asym_id 
_struct_conn.pdbx_ptnr3_label_alt_id 
_struct_conn.pdbx_ptnr3_PDB_ins_code 
_struct_conn.details 
_struct_conn.pdbx_dist_value 
_struct_conn.pdbx_value_order 
_struct_conn.pdbx_role 
metalc1  metalc ? ? A HIS 50  NE2 ? ? ? 1_555 B MN  . MN ? ? A HIS 41  A MN  201 1_555 ? ? ? ? ? ? ? 2.189 ? ? 
metalc2  metalc ? ? A GLU 70  OE1 ? ? ? 1_555 C MG  . MG ? ? A GLU 80  A MG  202 1_555 ? ? ? ? ? ? ? 1.856 ? ? 
metalc3  metalc ? ? A ASP 98  OD2 ? ? ? 1_555 B MN  . MN ? ? A ASP 108 A MN  201 1_555 ? ? ? ? ? ? ? 2.241 ? ? 
metalc4  metalc ? ? A ASP 98  OD1 ? ? ? 1_555 C MG  . MG ? ? A ASP 108 A MG  202 1_555 ? ? ? ? ? ? ? 1.998 ? ? 
metalc5  metalc ? ? A GLU 109 OE2 ? ? ? 1_555 B MN  . MN ? ? A GLU 119 A MN  201 1_555 ? ? ? ? ? ? ? 1.930 ? ? 
metalc6  metalc ? ? A ILE 110 O   ? ? ? 1_555 B MN  . MN ? ? A ILE 120 A MN  201 1_555 ? ? ? ? ? ? ? 2.126 ? ? 
metalc7  metalc ? ? B MN  .   MN  ? ? ? 1_555 E 85W . O1 ? ? A MN  201 A 85W 204 1_555 ? ? ? ? ? ? ? 1.805 ? ? 
metalc8  metalc ? ? B MN  .   MN  ? ? ? 1_555 E 85W . O5 ? ? A MN  201 A 85W 204 1_555 ? ? ? ? ? ? ? 1.799 ? ? 
metalc9  metalc ? ? C MG  .   MG  ? ? ? 1_555 E 85W . O1 ? ? A MG  202 A 85W 204 1_555 ? ? ? ? ? ? ? 1.985 ? ? 
metalc10 metalc ? ? C MG  .   MG  ? ? ? 1_555 F HOH . O  ? ? A MG  202 A HOH 303 1_555 ? ? ? ? ? ? ? 1.967 ? ? 
metalc11 metalc ? ? C MG  .   MG  ? ? ? 1_555 F HOH . O  ? ? A MG  202 A HOH 305 1_555 ? ? ? ? ? ? ? 2.330 ? ? 
metalc12 metalc ? ? C MG  .   MG  ? ? ? 1_555 F HOH . O  ? ? A MG  202 A HOH 311 1_555 ? ? ? ? ? ? ? 2.011 ? ? 
# 
_struct_conn_type.id          metalc 
_struct_conn_type.criteria    ? 
_struct_conn_type.reference   ? 
# 
loop_
_pdbx_struct_conn_angle.id 
_pdbx_struct_conn_angle.ptnr1_label_atom_id 
_pdbx_struct_conn_angle.ptnr1_label_alt_id 
_pdbx_struct_conn_angle.ptnr1_label_asym_id 
_pdbx_struct_conn_angle.ptnr1_label_comp_id 
_pdbx_struct_conn_angle.ptnr1_label_seq_id 
_pdbx_struct_conn_angle.ptnr1_auth_atom_id 
_pdbx_struct_conn_angle.ptnr1_auth_asym_id 
_pdbx_struct_conn_angle.ptnr1_auth_comp_id 
_pdbx_struct_conn_angle.ptnr1_auth_seq_id 
_pdbx_struct_conn_angle.ptnr1_PDB_ins_code 
_pdbx_struct_conn_angle.ptnr1_symmetry 
_pdbx_struct_conn_angle.ptnr2_label_atom_id 
_pdbx_struct_conn_angle.ptnr2_label_alt_id 
_pdbx_struct_conn_angle.ptnr2_label_asym_id 
_pdbx_struct_conn_angle.ptnr2_label_comp_id 
_pdbx_struct_conn_angle.ptnr2_label_seq_id 
_pdbx_struct_conn_angle.ptnr2_auth_atom_id 
_pdbx_struct_conn_angle.ptnr2_auth_asym_id 
_pdbx_struct_conn_angle.ptnr2_auth_comp_id 
_pdbx_struct_conn_angle.ptnr2_auth_seq_id 
_pdbx_struct_conn_angle.ptnr2_PDB_ins_code 
_pdbx_struct_conn_angle.ptnr2_symmetry 
_pdbx_struct_conn_angle.ptnr3_label_atom_id 
_pdbx_struct_conn_angle.ptnr3_label_alt_id 
_pdbx_struct_conn_angle.ptnr3_label_asym_id 
_pdbx_struct_conn_angle.ptnr3_label_comp_id 
_pdbx_struct_conn_angle.ptnr3_label_seq_id 
_pdbx_struct_conn_angle.ptnr3_auth_atom_id 
_pdbx_struct_conn_angle.ptnr3_auth_asym_id 
_pdbx_struct_conn_angle.ptnr3_auth_comp_id 
_pdbx_struct_conn_angle.ptnr3_auth_seq_id 
_pdbx_struct_conn_angle.ptnr3_PDB_ins_code 
_pdbx_struct_conn_angle.ptnr3_symmetry 
_pdbx_struct_conn_angle.value 
_pdbx_struct_conn_angle.value_esd 
1  NE2 ? A HIS 50  ? A HIS 41  ? 1_555 MN ? B MN . ? A MN 201 ? 1_555 OD2 ? A ASP 98  ? A ASP 108 ? 1_555 98.6  ? 
2  NE2 ? A HIS 50  ? A HIS 41  ? 1_555 MN ? B MN . ? A MN 201 ? 1_555 OE2 ? A GLU 109 ? A GLU 119 ? 1_555 175.8 ? 
3  OD2 ? A ASP 98  ? A ASP 108 ? 1_555 MN ? B MN . ? A MN 201 ? 1_555 OE2 ? A GLU 109 ? A GLU 119 ? 1_555 77.3  ? 
4  NE2 ? A HIS 50  ? A HIS 41  ? 1_555 MN ? B MN . ? A MN 201 ? 1_555 O   ? A ILE 110 ? A ILE 120 ? 1_555 89.8  ? 
5  OD2 ? A ASP 98  ? A ASP 108 ? 1_555 MN ? B MN . ? A MN 201 ? 1_555 O   ? A ILE 110 ? A ILE 120 ? 1_555 94.8  ? 
6  OE2 ? A GLU 109 ? A GLU 119 ? 1_555 MN ? B MN . ? A MN 201 ? 1_555 O   ? A ILE 110 ? A ILE 120 ? 1_555 89.5  ? 
7  NE2 ? A HIS 50  ? A HIS 41  ? 1_555 MN ? B MN . ? A MN 201 ? 1_555 O1  ? E 85W .   ? A 85W 204 ? 1_555 86.6  ? 
8  OD2 ? A ASP 98  ? A ASP 108 ? 1_555 MN ? B MN . ? A MN 201 ? 1_555 O1  ? E 85W .   ? A 85W 204 ? 1_555 83.7  ? 
9  OE2 ? A GLU 109 ? A GLU 119 ? 1_555 MN ? B MN . ? A MN 201 ? 1_555 O1  ? E 85W .   ? A 85W 204 ? 1_555 93.9  ? 
10 O   ? A ILE 110 ? A ILE 120 ? 1_555 MN ? B MN . ? A MN 201 ? 1_555 O1  ? E 85W .   ? A 85W 204 ? 1_555 175.8 ? 
11 NE2 ? A HIS 50  ? A HIS 41  ? 1_555 MN ? B MN . ? A MN 201 ? 1_555 O5  ? E 85W .   ? A 85W 204 ? 1_555 95.0  ? 
12 OD2 ? A ASP 98  ? A ASP 108 ? 1_555 MN ? B MN . ? A MN 201 ? 1_555 O5  ? E 85W .   ? A 85W 204 ? 1_555 165.2 ? 
13 OE2 ? A GLU 109 ? A GLU 119 ? 1_555 MN ? B MN . ? A MN 201 ? 1_555 O5  ? E 85W .   ? A 85W 204 ? 1_555 89.2  ? 
14 O   ? A ILE 110 ? A ILE 120 ? 1_555 MN ? B MN . ? A MN 201 ? 1_555 O5  ? E 85W .   ? A 85W 204 ? 1_555 90.9  ? 
15 O1  ? E 85W .   ? A 85W 204 ? 1_555 MN ? B MN . ? A MN 201 ? 1_555 O5  ? E 85W .   ? A 85W 204 ? 1_555 91.4  ? 
16 OE1 ? A GLU 70  ? A GLU 80  ? 1_555 MG ? C MG . ? A MG 202 ? 1_555 OD1 ? A ASP 98  ? A ASP 108 ? 1_555 86.8  ? 
17 OE1 ? A GLU 70  ? A GLU 80  ? 1_555 MG ? C MG . ? A MG 202 ? 1_555 O1  ? E 85W .   ? A 85W 204 ? 1_555 110.1 ? 
18 OD1 ? A ASP 98  ? A ASP 108 ? 1_555 MG ? C MG . ? A MG 202 ? 1_555 O1  ? E 85W .   ? A 85W 204 ? 1_555 78.4  ? 
19 OE1 ? A GLU 70  ? A GLU 80  ? 1_555 MG ? C MG . ? A MG 202 ? 1_555 O   ? F HOH .   ? A HOH 303 ? 1_555 155.8 ? 
20 OD1 ? A ASP 98  ? A ASP 108 ? 1_555 MG ? C MG . ? A MG 202 ? 1_555 O   ? F HOH .   ? A HOH 303 ? 1_555 85.7  ? 
21 O1  ? E 85W .   ? A 85W 204 ? 1_555 MG ? C MG . ? A MG 202 ? 1_555 O   ? F HOH .   ? A HOH 303 ? 1_555 90.9  ? 
22 OE1 ? A GLU 70  ? A GLU 80  ? 1_555 MG ? C MG . ? A MG 202 ? 1_555 O   ? F HOH .   ? A HOH 305 ? 1_555 81.0  ? 
23 OD1 ? A ASP 98  ? A ASP 108 ? 1_555 MG ? C MG . ? A MG 202 ? 1_555 O   ? F HOH .   ? A HOH 305 ? 1_555 83.7  ? 
24 O1  ? E 85W .   ? A 85W 204 ? 1_555 MG ? C MG . ? A MG 202 ? 1_555 O   ? F HOH .   ? A HOH 305 ? 1_555 158.2 ? 
25 O   ? F HOH .   ? A HOH 303 ? 1_555 MG ? C MG . ? A MG 202 ? 1_555 O   ? F HOH .   ? A HOH 305 ? 1_555 75.4  ? 
26 OE1 ? A GLU 70  ? A GLU 80  ? 1_555 MG ? C MG . ? A MG 202 ? 1_555 O   ? F HOH .   ? A HOH 311 ? 1_555 97.5  ? 
27 OD1 ? A ASP 98  ? A ASP 108 ? 1_555 MG ? C MG . ? A MG 202 ? 1_555 O   ? F HOH .   ? A HOH 311 ? 1_555 161.6 ? 
28 O1  ? E 85W .   ? A 85W 204 ? 1_555 MG ? C MG . ? A MG 202 ? 1_555 O   ? F HOH .   ? A HOH 311 ? 1_555 116.3 ? 
29 O   ? F HOH .   ? A HOH 303 ? 1_555 MG ? C MG . ? A MG 202 ? 1_555 O   ? F HOH .   ? A HOH 311 ? 1_555 83.2  ? 
30 O   ? F HOH .   ? A HOH 305 ? 1_555 MG ? C MG . ? A MG 202 ? 1_555 O   ? F HOH .   ? A HOH 311 ? 1_555 79.3  ? 
# 
_struct_sheet.id               AA1 
_struct_sheet.type             ? 
_struct_sheet.number_strands   5 
_struct_sheet.details          ? 
# 
loop_
_struct_sheet_order.sheet_id 
_struct_sheet_order.range_id_1 
_struct_sheet_order.range_id_2 
_struct_sheet_order.offset 
_struct_sheet_order.sense 
AA1 1 2 ? anti-parallel 
AA1 2 3 ? anti-parallel 
AA1 3 4 ? parallel      
AA1 4 5 ? anti-parallel 
# 
loop_
_struct_sheet_range.sheet_id 
_struct_sheet_range.id 
_struct_sheet_range.beg_label_comp_id 
_struct_sheet_range.beg_label_asym_id 
_struct_sheet_range.beg_label_seq_id 
_struct_sheet_range.pdbx_beg_PDB_ins_code 
_struct_sheet_range.end_label_comp_id 
_struct_sheet_range.end_label_asym_id 
_struct_sheet_range.end_label_seq_id 
_struct_sheet_range.pdbx_end_PDB_ins_code 
_struct_sheet_range.beg_auth_comp_id 
_struct_sheet_range.beg_auth_asym_id 
_struct_sheet_range.beg_auth_seq_id 
_struct_sheet_range.end_auth_comp_id 
_struct_sheet_range.end_auth_asym_id 
_struct_sheet_range.end_auth_seq_id 
AA1 1 PHE A 66  ? ILE A 68  ? PHE A 76  ILE A 78  
AA1 2 LEU A 99  ? ASP A 101 ? LEU A 109 ASP A 111 
AA1 3 ARG A 106 ? THR A 113 ? ARG A 116 THR A 123 
AA1 4 HIS A 134 ? SER A 139 ? HIS A 144 SER A 149 
AA1 5 GLU A 144 ? ALA A 146 ? GLU A 154 ALA A 156 
# 
loop_
_pdbx_struct_sheet_hbond.sheet_id 
_pdbx_struct_sheet_hbond.range_id_1 
_pdbx_struct_sheet_hbond.range_id_2 
_pdbx_struct_sheet_hbond.range_1_label_atom_id 
_pdbx_struct_sheet_hbond.range_1_label_comp_id 
_pdbx_struct_sheet_hbond.range_1_label_asym_id 
_pdbx_struct_sheet_hbond.range_1_label_seq_id 
_pdbx_struct_sheet_hbond.range_1_PDB_ins_code 
_pdbx_struct_sheet_hbond.range_1_auth_atom_id 
_pdbx_struct_sheet_hbond.range_1_auth_comp_id 
_pdbx_struct_sheet_hbond.range_1_auth_asym_id 
_pdbx_struct_sheet_hbond.range_1_auth_seq_id 
_pdbx_struct_sheet_hbond.range_2_label_atom_id 
_pdbx_struct_sheet_hbond.range_2_label_comp_id 
_pdbx_struct_sheet_hbond.range_2_label_asym_id 
_pdbx_struct_sheet_hbond.range_2_label_seq_id 
_pdbx_struct_sheet_hbond.range_2_PDB_ins_code 
_pdbx_struct_sheet_hbond.range_2_auth_atom_id 
_pdbx_struct_sheet_hbond.range_2_auth_comp_id 
_pdbx_struct_sheet_hbond.range_2_auth_asym_id 
_pdbx_struct_sheet_hbond.range_2_auth_seq_id 
AA1 1 2 N GLU A 67  ? N GLU A 77  O TYR A 100 ? O TYR A 110 
AA1 2 3 N ASP A 101 ? N ASP A 111 O ARG A 106 ? O ARG A 116 
AA1 3 4 N GLU A 109 ? N GLU A 119 O HIS A 134 ? O HIS A 144 
AA1 4 5 N ILE A 137 ? N ILE A 147 O MET A 145 ? O MET A 155 
# 
_pdbx_entry_details.entry_id                   8PPX 
_pdbx_entry_details.nonpolymer_details         ? 
_pdbx_entry_details.sequence_details           ? 
_pdbx_entry_details.compound_details           ? 
_pdbx_entry_details.source_details             ? 
_pdbx_entry_details.has_ligand_of_interest     Y 
_pdbx_entry_details.has_protein_modification   N 
# 
loop_
_pdbx_validate_torsion.id 
_pdbx_validate_torsion.PDB_model_num 
_pdbx_validate_torsion.auth_comp_id 
_pdbx_validate_torsion.auth_asym_id 
_pdbx_validate_torsion.auth_seq_id 
_pdbx_validate_torsion.PDB_ins_code 
_pdbx_validate_torsion.label_alt_id 
_pdbx_validate_torsion.phi 
_pdbx_validate_torsion.psi 
1 1 ASP A 50  ? ? -96.77  35.24   
2 1 ARG A 125 ? ? -108.06 -164.72 
3 1 THR A 162 ? ? 68.80   -65.87  
4 1 SER A 186 ? ? 72.94   41.37   
# 
_pdbx_validate_planes.id              1 
_pdbx_validate_planes.PDB_model_num   1 
_pdbx_validate_planes.auth_comp_id    ARG 
_pdbx_validate_planes.auth_asym_id    A 
_pdbx_validate_planes.auth_seq_id     168 
_pdbx_validate_planes.PDB_ins_code    ? 
_pdbx_validate_planes.label_alt_id    ? 
_pdbx_validate_planes.rmsd            0.132 
_pdbx_validate_planes.type            'SIDE CHAIN' 
# 
_pdbx_distant_solvent_atoms.id                                1 
_pdbx_distant_solvent_atoms.PDB_model_num                     1 
_pdbx_distant_solvent_atoms.auth_atom_id                      O 
_pdbx_distant_solvent_atoms.label_alt_id                      ? 
_pdbx_distant_solvent_atoms.auth_asym_id                      A 
_pdbx_distant_solvent_atoms.auth_comp_id                      HOH 
_pdbx_distant_solvent_atoms.auth_seq_id                       325 
_pdbx_distant_solvent_atoms.PDB_ins_code                      ? 
_pdbx_distant_solvent_atoms.neighbor_macromolecule_distance   5.94 
_pdbx_distant_solvent_atoms.neighbor_ligand_distance          . 
# 
loop_
_pdbx_unobs_or_zero_occ_residues.id 
_pdbx_unobs_or_zero_occ_residues.PDB_model_num 
_pdbx_unobs_or_zero_occ_residues.polymer_flag 
_pdbx_unobs_or_zero_occ_residues.occupancy_flag 
_pdbx_unobs_or_zero_occ_residues.auth_asym_id 
_pdbx_unobs_or_zero_occ_residues.auth_comp_id 
_pdbx_unobs_or_zero_occ_residues.auth_seq_id 
_pdbx_unobs_or_zero_occ_residues.PDB_ins_code 
_pdbx_unobs_or_zero_occ_residues.label_asym_id 
_pdbx_unobs_or_zero_occ_residues.label_comp_id 
_pdbx_unobs_or_zero_occ_residues.label_seq_id 
1 1 Y 1 A SER -8 ? A SER 1 
2 1 Y 1 A GLY -7 ? A GLY 2 
3 1 Y 1 A SER -6 ? A SER 3 
4 1 Y 1 A GLY -5 ? A GLY 4 
# 
loop_
_chem_comp_atom.comp_id 
_chem_comp_atom.atom_id 
_chem_comp_atom.type_symbol 
_chem_comp_atom.pdbx_aromatic_flag 
_chem_comp_atom.pdbx_stereo_config 
_chem_comp_atom.pdbx_ordinal 
85W N1   N  N N 1   
85W C4   C  Y N 2   
85W C5   C  Y N 3   
85W C6   C  Y N 4   
85W C7   C  Y N 5   
85W C8   C  Y N 6   
85W C10  C  Y N 7   
85W C13  C  Y N 8   
85W O1   O  N N 9   
85W C1   C  N N 10  
85W C2   C  N N 11  
85W C3   C  N N 12  
85W O2   O  N N 13  
85W C9   C  Y N 14  
85W O3   O  N N 15  
85W C11  C  Y N 16  
85W C12  C  Y N 17  
85W O4   O  N N 18  
85W N2   N  N N 19  
85W C14  C  N N 20  
85W O5   O  N N 21  
85W H1   H  N N 22  
85W H2   H  N N 23  
85W H3   H  N N 24  
85W H4   H  N N 25  
85W H5   H  N N 26  
85W H6   H  N N 27  
85W H7   H  N N 28  
85W H8   H  N N 29  
85W H9   H  N N 30  
85W H10  H  N N 31  
ALA N    N  N N 32  
ALA CA   C  N S 33  
ALA C    C  N N 34  
ALA O    O  N N 35  
ALA CB   C  N N 36  
ALA OXT  O  N N 37  
ALA H    H  N N 38  
ALA H2   H  N N 39  
ALA HA   H  N N 40  
ALA HB1  H  N N 41  
ALA HB2  H  N N 42  
ALA HB3  H  N N 43  
ALA HXT  H  N N 44  
ARG N    N  N N 45  
ARG CA   C  N S 46  
ARG C    C  N N 47  
ARG O    O  N N 48  
ARG CB   C  N N 49  
ARG CG   C  N N 50  
ARG CD   C  N N 51  
ARG NE   N  N N 52  
ARG CZ   C  N N 53  
ARG NH1  N  N N 54  
ARG NH2  N  N N 55  
ARG OXT  O  N N 56  
ARG H    H  N N 57  
ARG H2   H  N N 58  
ARG HA   H  N N 59  
ARG HB2  H  N N 60  
ARG HB3  H  N N 61  
ARG HG2  H  N N 62  
ARG HG3  H  N N 63  
ARG HD2  H  N N 64  
ARG HD3  H  N N 65  
ARG HE   H  N N 66  
ARG HH11 H  N N 67  
ARG HH12 H  N N 68  
ARG HH21 H  N N 69  
ARG HH22 H  N N 70  
ARG HXT  H  N N 71  
ASN N    N  N N 72  
ASN CA   C  N S 73  
ASN C    C  N N 74  
ASN O    O  N N 75  
ASN CB   C  N N 76  
ASN CG   C  N N 77  
ASN OD1  O  N N 78  
ASN ND2  N  N N 79  
ASN OXT  O  N N 80  
ASN H    H  N N 81  
ASN H2   H  N N 82  
ASN HA   H  N N 83  
ASN HB2  H  N N 84  
ASN HB3  H  N N 85  
ASN HD21 H  N N 86  
ASN HD22 H  N N 87  
ASN HXT  H  N N 88  
ASP N    N  N N 89  
ASP CA   C  N S 90  
ASP C    C  N N 91  
ASP O    O  N N 92  
ASP CB   C  N N 93  
ASP CG   C  N N 94  
ASP OD1  O  N N 95  
ASP OD2  O  N N 96  
ASP OXT  O  N N 97  
ASP H    H  N N 98  
ASP H2   H  N N 99  
ASP HA   H  N N 100 
ASP HB2  H  N N 101 
ASP HB3  H  N N 102 
ASP HD2  H  N N 103 
ASP HXT  H  N N 104 
CL  CL   CL N N 105 
CYS N    N  N N 106 
CYS CA   C  N R 107 
CYS C    C  N N 108 
CYS O    O  N N 109 
CYS CB   C  N N 110 
CYS SG   S  N N 111 
CYS OXT  O  N N 112 
CYS H    H  N N 113 
CYS H2   H  N N 114 
CYS HA   H  N N 115 
CYS HB2  H  N N 116 
CYS HB3  H  N N 117 
CYS HG   H  N N 118 
CYS HXT  H  N N 119 
GLN N    N  N N 120 
GLN CA   C  N S 121 
GLN C    C  N N 122 
GLN O    O  N N 123 
GLN CB   C  N N 124 
GLN CG   C  N N 125 
GLN CD   C  N N 126 
GLN OE1  O  N N 127 
GLN NE2  N  N N 128 
GLN OXT  O  N N 129 
GLN H    H  N N 130 
GLN H2   H  N N 131 
GLN HA   H  N N 132 
GLN HB2  H  N N 133 
GLN HB3  H  N N 134 
GLN HG2  H  N N 135 
GLN HG3  H  N N 136 
GLN HE21 H  N N 137 
GLN HE22 H  N N 138 
GLN HXT  H  N N 139 
GLU N    N  N N 140 
GLU CA   C  N S 141 
GLU C    C  N N 142 
GLU O    O  N N 143 
GLU CB   C  N N 144 
GLU CG   C  N N 145 
GLU CD   C  N N 146 
GLU OE1  O  N N 147 
GLU OE2  O  N N 148 
GLU OXT  O  N N 149 
GLU H    H  N N 150 
GLU H2   H  N N 151 
GLU HA   H  N N 152 
GLU HB2  H  N N 153 
GLU HB3  H  N N 154 
GLU HG2  H  N N 155 
GLU HG3  H  N N 156 
GLU HE2  H  N N 157 
GLU HXT  H  N N 158 
GLY N    N  N N 159 
GLY CA   C  N N 160 
GLY C    C  N N 161 
GLY O    O  N N 162 
GLY OXT  O  N N 163 
GLY H    H  N N 164 
GLY H2   H  N N 165 
GLY HA2  H  N N 166 
GLY HA3  H  N N 167 
GLY HXT  H  N N 168 
HIS N    N  N N 169 
HIS CA   C  N S 170 
HIS C    C  N N 171 
HIS O    O  N N 172 
HIS CB   C  N N 173 
HIS CG   C  Y N 174 
HIS ND1  N  Y N 175 
HIS CD2  C  Y N 176 
HIS CE1  C  Y N 177 
HIS NE2  N  Y N 178 
HIS OXT  O  N N 179 
HIS H    H  N N 180 
HIS H2   H  N N 181 
HIS HA   H  N N 182 
HIS HB2  H  N N 183 
HIS HB3  H  N N 184 
HIS HD1  H  N N 185 
HIS HD2  H  N N 186 
HIS HE1  H  N N 187 
HIS HE2  H  N N 188 
HIS HXT  H  N N 189 
HOH O    O  N N 190 
HOH H1   H  N N 191 
HOH H2   H  N N 192 
ILE N    N  N N 193 
ILE CA   C  N S 194 
ILE C    C  N N 195 
ILE O    O  N N 196 
ILE CB   C  N S 197 
ILE CG1  C  N N 198 
ILE CG2  C  N N 199 
ILE CD1  C  N N 200 
ILE OXT  O  N N 201 
ILE H    H  N N 202 
ILE H2   H  N N 203 
ILE HA   H  N N 204 
ILE HB   H  N N 205 
ILE HG12 H  N N 206 
ILE HG13 H  N N 207 
ILE HG21 H  N N 208 
ILE HG22 H  N N 209 
ILE HG23 H  N N 210 
ILE HD11 H  N N 211 
ILE HD12 H  N N 212 
ILE HD13 H  N N 213 
ILE HXT  H  N N 214 
LEU N    N  N N 215 
LEU CA   C  N S 216 
LEU C    C  N N 217 
LEU O    O  N N 218 
LEU CB   C  N N 219 
LEU CG   C  N N 220 
LEU CD1  C  N N 221 
LEU CD2  C  N N 222 
LEU OXT  O  N N 223 
LEU H    H  N N 224 
LEU H2   H  N N 225 
LEU HA   H  N N 226 
LEU HB2  H  N N 227 
LEU HB3  H  N N 228 
LEU HG   H  N N 229 
LEU HD11 H  N N 230 
LEU HD12 H  N N 231 
LEU HD13 H  N N 232 
LEU HD21 H  N N 233 
LEU HD22 H  N N 234 
LEU HD23 H  N N 235 
LEU HXT  H  N N 236 
LYS N    N  N N 237 
LYS CA   C  N S 238 
LYS C    C  N N 239 
LYS O    O  N N 240 
LYS CB   C  N N 241 
LYS CG   C  N N 242 
LYS CD   C  N N 243 
LYS CE   C  N N 244 
LYS NZ   N  N N 245 
LYS OXT  O  N N 246 
LYS H    H  N N 247 
LYS H2   H  N N 248 
LYS HA   H  N N 249 
LYS HB2  H  N N 250 
LYS HB3  H  N N 251 
LYS HG2  H  N N 252 
LYS HG3  H  N N 253 
LYS HD2  H  N N 254 
LYS HD3  H  N N 255 
LYS HE2  H  N N 256 
LYS HE3  H  N N 257 
LYS HZ1  H  N N 258 
LYS HZ2  H  N N 259 
LYS HZ3  H  N N 260 
LYS HXT  H  N N 261 
MET N    N  N N 262 
MET CA   C  N S 263 
MET C    C  N N 264 
MET O    O  N N 265 
MET CB   C  N N 266 
MET CG   C  N N 267 
MET SD   S  N N 268 
MET CE   C  N N 269 
MET OXT  O  N N 270 
MET H    H  N N 271 
MET H2   H  N N 272 
MET HA   H  N N 273 
MET HB2  H  N N 274 
MET HB3  H  N N 275 
MET HG2  H  N N 276 
MET HG3  H  N N 277 
MET HE1  H  N N 278 
MET HE2  H  N N 279 
MET HE3  H  N N 280 
MET HXT  H  N N 281 
MG  MG   MG N N 282 
MN  MN   MN N N 283 
PHE N    N  N N 284 
PHE CA   C  N S 285 
PHE C    C  N N 286 
PHE O    O  N N 287 
PHE CB   C  N N 288 
PHE CG   C  Y N 289 
PHE CD1  C  Y N 290 
PHE CD2  C  Y N 291 
PHE CE1  C  Y N 292 
PHE CE2  C  Y N 293 
PHE CZ   C  Y N 294 
PHE OXT  O  N N 295 
PHE H    H  N N 296 
PHE H2   H  N N 297 
PHE HA   H  N N 298 
PHE HB2  H  N N 299 
PHE HB3  H  N N 300 
PHE HD1  H  N N 301 
PHE HD2  H  N N 302 
PHE HE1  H  N N 303 
PHE HE2  H  N N 304 
PHE HZ   H  N N 305 
PHE HXT  H  N N 306 
PRO N    N  N N 307 
PRO CA   C  N S 308 
PRO C    C  N N 309 
PRO O    O  N N 310 
PRO CB   C  N N 311 
PRO CG   C  N N 312 
PRO CD   C  N N 313 
PRO OXT  O  N N 314 
PRO H    H  N N 315 
PRO HA   H  N N 316 
PRO HB2  H  N N 317 
PRO HB3  H  N N 318 
PRO HG2  H  N N 319 
PRO HG3  H  N N 320 
PRO HD2  H  N N 321 
PRO HD3  H  N N 322 
PRO HXT  H  N N 323 
SER N    N  N N 324 
SER CA   C  N S 325 
SER C    C  N N 326 
SER O    O  N N 327 
SER CB   C  N N 328 
SER OG   O  N N 329 
SER OXT  O  N N 330 
SER H    H  N N 331 
SER H2   H  N N 332 
SER HA   H  N N 333 
SER HB2  H  N N 334 
SER HB3  H  N N 335 
SER HG   H  N N 336 
SER HXT  H  N N 337 
THR N    N  N N 338 
THR CA   C  N S 339 
THR C    C  N N 340 
THR O    O  N N 341 
THR CB   C  N R 342 
THR OG1  O  N N 343 
THR CG2  C  N N 344 
THR OXT  O  N N 345 
THR H    H  N N 346 
THR H2   H  N N 347 
THR HA   H  N N 348 
THR HB   H  N N 349 
THR HG1  H  N N 350 
THR HG21 H  N N 351 
THR HG22 H  N N 352 
THR HG23 H  N N 353 
THR HXT  H  N N 354 
TRP N    N  N N 355 
TRP CA   C  N S 356 
TRP C    C  N N 357 
TRP O    O  N N 358 
TRP CB   C  N N 359 
TRP CG   C  Y N 360 
TRP CD1  C  Y N 361 
TRP CD2  C  Y N 362 
TRP NE1  N  Y N 363 
TRP CE2  C  Y N 364 
TRP CE3  C  Y N 365 
TRP CZ2  C  Y N 366 
TRP CZ3  C  Y N 367 
TRP CH2  C  Y N 368 
TRP OXT  O  N N 369 
TRP H    H  N N 370 
TRP H2   H  N N 371 
TRP HA   H  N N 372 
TRP HB2  H  N N 373 
TRP HB3  H  N N 374 
TRP HD1  H  N N 375 
TRP HE1  H  N N 376 
TRP HE3  H  N N 377 
TRP HZ2  H  N N 378 
TRP HZ3  H  N N 379 
TRP HH2  H  N N 380 
TRP HXT  H  N N 381 
TYR N    N  N N 382 
TYR CA   C  N S 383 
TYR C    C  N N 384 
TYR O    O  N N 385 
TYR CB   C  N N 386 
TYR CG   C  Y N 387 
TYR CD1  C  Y N 388 
TYR CD2  C  Y N 389 
TYR CE1  C  Y N 390 
TYR CE2  C  Y N 391 
TYR CZ   C  Y N 392 
TYR OH   O  N N 393 
TYR OXT  O  N N 394 
TYR H    H  N N 395 
TYR H2   H  N N 396 
TYR HA   H  N N 397 
TYR HB2  H  N N 398 
TYR HB3  H  N N 399 
TYR HD1  H  N N 400 
TYR HD2  H  N N 401 
TYR HE1  H  N N 402 
TYR HE2  H  N N 403 
TYR HH   H  N N 404 
TYR HXT  H  N N 405 
VAL N    N  N N 406 
VAL CA   C  N S 407 
VAL C    C  N N 408 
VAL O    O  N N 409 
VAL CB   C  N N 410 
VAL CG1  C  N N 411 
VAL CG2  C  N N 412 
VAL OXT  O  N N 413 
VAL H    H  N N 414 
VAL H2   H  N N 415 
VAL HA   H  N N 416 
VAL HB   H  N N 417 
VAL HG11 H  N N 418 
VAL HG12 H  N N 419 
VAL HG13 H  N N 420 
VAL HG21 H  N N 421 
VAL HG22 H  N N 422 
VAL HG23 H  N N 423 
VAL HXT  H  N N 424 
# 
loop_
_chem_comp_bond.comp_id 
_chem_comp_bond.atom_id_1 
_chem_comp_bond.atom_id_2 
_chem_comp_bond.value_order 
_chem_comp_bond.pdbx_aromatic_flag 
_chem_comp_bond.pdbx_stereo_config 
_chem_comp_bond.pdbx_ordinal 
85W O1  C1   sing N N 1   
85W C1  C2   doub N N 2   
85W C1  C14  sing N N 3   
85W C2  N1   sing N N 4   
85W O5  C14  doub N N 5   
85W C14 N2   sing N N 6   
85W N1  C3   doub N N 7   
85W N2  C3   sing N N 8   
85W C3  C4   sing N N 9   
85W C13 C4   sing Y N 10  
85W C13 C12  doub Y N 11  
85W C4  C5   doub Y N 12  
85W O4  C12  sing N N 13  
85W C12 C11  sing Y N 14  
85W C5  C6   sing Y N 15  
85W C11 C6   doub Y N 16  
85W C11 C10  sing Y N 17  
85W C6  C7   sing Y N 18  
85W O3  C10  sing N N 19  
85W C10 C9   doub Y N 20  
85W C7  C8   doub Y N 21  
85W C9  C8   sing Y N 22  
85W C8  O2   sing N N 23  
85W C5  H1   sing N N 24  
85W C7  H2   sing N N 25  
85W C13 H3   sing N N 26  
85W O1  H4   sing N N 27  
85W C2  H5   sing N N 28  
85W O2  H6   sing N N 29  
85W C9  H7   sing N N 30  
85W O3  H8   sing N N 31  
85W O4  H9   sing N N 32  
85W N2  H10  sing N N 33  
ALA N   CA   sing N N 34  
ALA N   H    sing N N 35  
ALA N   H2   sing N N 36  
ALA CA  C    sing N N 37  
ALA CA  CB   sing N N 38  
ALA CA  HA   sing N N 39  
ALA C   O    doub N N 40  
ALA C   OXT  sing N N 41  
ALA CB  HB1  sing N N 42  
ALA CB  HB2  sing N N 43  
ALA CB  HB3  sing N N 44  
ALA OXT HXT  sing N N 45  
ARG N   CA   sing N N 46  
ARG N   H    sing N N 47  
ARG N   H2   sing N N 48  
ARG CA  C    sing N N 49  
ARG CA  CB   sing N N 50  
ARG CA  HA   sing N N 51  
ARG C   O    doub N N 52  
ARG C   OXT  sing N N 53  
ARG CB  CG   sing N N 54  
ARG CB  HB2  sing N N 55  
ARG CB  HB3  sing N N 56  
ARG CG  CD   sing N N 57  
ARG CG  HG2  sing N N 58  
ARG CG  HG3  sing N N 59  
ARG CD  NE   sing N N 60  
ARG CD  HD2  sing N N 61  
ARG CD  HD3  sing N N 62  
ARG NE  CZ   sing N N 63  
ARG NE  HE   sing N N 64  
ARG CZ  NH1  sing N N 65  
ARG CZ  NH2  doub N N 66  
ARG NH1 HH11 sing N N 67  
ARG NH1 HH12 sing N N 68  
ARG NH2 HH21 sing N N 69  
ARG NH2 HH22 sing N N 70  
ARG OXT HXT  sing N N 71  
ASN N   CA   sing N N 72  
ASN N   H    sing N N 73  
ASN N   H2   sing N N 74  
ASN CA  C    sing N N 75  
ASN CA  CB   sing N N 76  
ASN CA  HA   sing N N 77  
ASN C   O    doub N N 78  
ASN C   OXT  sing N N 79  
ASN CB  CG   sing N N 80  
ASN CB  HB2  sing N N 81  
ASN CB  HB3  sing N N 82  
ASN CG  OD1  doub N N 83  
ASN CG  ND2  sing N N 84  
ASN ND2 HD21 sing N N 85  
ASN ND2 HD22 sing N N 86  
ASN OXT HXT  sing N N 87  
ASP N   CA   sing N N 88  
ASP N   H    sing N N 89  
ASP N   H2   sing N N 90  
ASP CA  C    sing N N 91  
ASP CA  CB   sing N N 92  
ASP CA  HA   sing N N 93  
ASP C   O    doub N N 94  
ASP C   OXT  sing N N 95  
ASP CB  CG   sing N N 96  
ASP CB  HB2  sing N N 97  
ASP CB  HB3  sing N N 98  
ASP CG  OD1  doub N N 99  
ASP CG  OD2  sing N N 100 
ASP OD2 HD2  sing N N 101 
ASP OXT HXT  sing N N 102 
CYS N   CA   sing N N 103 
CYS N   H    sing N N 104 
CYS N   H2   sing N N 105 
CYS CA  C    sing N N 106 
CYS CA  CB   sing N N 107 
CYS CA  HA   sing N N 108 
CYS C   O    doub N N 109 
CYS C   OXT  sing N N 110 
CYS CB  SG   sing N N 111 
CYS CB  HB2  sing N N 112 
CYS CB  HB3  sing N N 113 
CYS SG  HG   sing N N 114 
CYS OXT HXT  sing N N 115 
GLN N   CA   sing N N 116 
GLN N   H    sing N N 117 
GLN N   H2   sing N N 118 
GLN CA  C    sing N N 119 
GLN CA  CB   sing N N 120 
GLN CA  HA   sing N N 121 
GLN C   O    doub N N 122 
GLN C   OXT  sing N N 123 
GLN CB  CG   sing N N 124 
GLN CB  HB2  sing N N 125 
GLN CB  HB3  sing N N 126 
GLN CG  CD   sing N N 127 
GLN CG  HG2  sing N N 128 
GLN CG  HG3  sing N N 129 
GLN CD  OE1  doub N N 130 
GLN CD  NE2  sing N N 131 
GLN NE2 HE21 sing N N 132 
GLN NE2 HE22 sing N N 133 
GLN OXT HXT  sing N N 134 
GLU N   CA   sing N N 135 
GLU N   H    sing N N 136 
GLU N   H2   sing N N 137 
GLU CA  C    sing N N 138 
GLU CA  CB   sing N N 139 
GLU CA  HA   sing N N 140 
GLU C   O    doub N N 141 
GLU C   OXT  sing N N 142 
GLU CB  CG   sing N N 143 
GLU CB  HB2  sing N N 144 
GLU CB  HB3  sing N N 145 
GLU CG  CD   sing N N 146 
GLU CG  HG2  sing N N 147 
GLU CG  HG3  sing N N 148 
GLU CD  OE1  doub N N 149 
GLU CD  OE2  sing N N 150 
GLU OE2 HE2  sing N N 151 
GLU OXT HXT  sing N N 152 
GLY N   CA   sing N N 153 
GLY N   H    sing N N 154 
GLY N   H2   sing N N 155 
GLY CA  C    sing N N 156 
GLY CA  HA2  sing N N 157 
GLY CA  HA3  sing N N 158 
GLY C   O    doub N N 159 
GLY C   OXT  sing N N 160 
GLY OXT HXT  sing N N 161 
HIS N   CA   sing N N 162 
HIS N   H    sing N N 163 
HIS N   H2   sing N N 164 
HIS CA  C    sing N N 165 
HIS CA  CB   sing N N 166 
HIS CA  HA   sing N N 167 
HIS C   O    doub N N 168 
HIS C   OXT  sing N N 169 
HIS CB  CG   sing N N 170 
HIS CB  HB2  sing N N 171 
HIS CB  HB3  sing N N 172 
HIS CG  ND1  sing Y N 173 
HIS CG  CD2  doub Y N 174 
HIS ND1 CE1  doub Y N 175 
HIS ND1 HD1  sing N N 176 
HIS CD2 NE2  sing Y N 177 
HIS CD2 HD2  sing N N 178 
HIS CE1 NE2  sing Y N 179 
HIS CE1 HE1  sing N N 180 
HIS NE2 HE2  sing N N 181 
HIS OXT HXT  sing N N 182 
HOH O   H1   sing N N 183 
HOH O   H2   sing N N 184 
ILE N   CA   sing N N 185 
ILE N   H    sing N N 186 
ILE N   H2   sing N N 187 
ILE CA  C    sing N N 188 
ILE CA  CB   sing N N 189 
ILE CA  HA   sing N N 190 
ILE C   O    doub N N 191 
ILE C   OXT  sing N N 192 
ILE CB  CG1  sing N N 193 
ILE CB  CG2  sing N N 194 
ILE CB  HB   sing N N 195 
ILE CG1 CD1  sing N N 196 
ILE CG1 HG12 sing N N 197 
ILE CG1 HG13 sing N N 198 
ILE CG2 HG21 sing N N 199 
ILE CG2 HG22 sing N N 200 
ILE CG2 HG23 sing N N 201 
ILE CD1 HD11 sing N N 202 
ILE CD1 HD12 sing N N 203 
ILE CD1 HD13 sing N N 204 
ILE OXT HXT  sing N N 205 
LEU N   CA   sing N N 206 
LEU N   H    sing N N 207 
LEU N   H2   sing N N 208 
LEU CA  C    sing N N 209 
LEU CA  CB   sing N N 210 
LEU CA  HA   sing N N 211 
LEU C   O    doub N N 212 
LEU C   OXT  sing N N 213 
LEU CB  CG   sing N N 214 
LEU CB  HB2  sing N N 215 
LEU CB  HB3  sing N N 216 
LEU CG  CD1  sing N N 217 
LEU CG  CD2  sing N N 218 
LEU CG  HG   sing N N 219 
LEU CD1 HD11 sing N N 220 
LEU CD1 HD12 sing N N 221 
LEU CD1 HD13 sing N N 222 
LEU CD2 HD21 sing N N 223 
LEU CD2 HD22 sing N N 224 
LEU CD2 HD23 sing N N 225 
LEU OXT HXT  sing N N 226 
LYS N   CA   sing N N 227 
LYS N   H    sing N N 228 
LYS N   H2   sing N N 229 
LYS CA  C    sing N N 230 
LYS CA  CB   sing N N 231 
LYS CA  HA   sing N N 232 
LYS C   O    doub N N 233 
LYS C   OXT  sing N N 234 
LYS CB  CG   sing N N 235 
LYS CB  HB2  sing N N 236 
LYS CB  HB3  sing N N 237 
LYS CG  CD   sing N N 238 
LYS CG  HG2  sing N N 239 
LYS CG  HG3  sing N N 240 
LYS CD  CE   sing N N 241 
LYS CD  HD2  sing N N 242 
LYS CD  HD3  sing N N 243 
LYS CE  NZ   sing N N 244 
LYS CE  HE2  sing N N 245 
LYS CE  HE3  sing N N 246 
LYS NZ  HZ1  sing N N 247 
LYS NZ  HZ2  sing N N 248 
LYS NZ  HZ3  sing N N 249 
LYS OXT HXT  sing N N 250 
MET N   CA   sing N N 251 
MET N   H    sing N N 252 
MET N   H2   sing N N 253 
MET CA  C    sing N N 254 
MET CA  CB   sing N N 255 
MET CA  HA   sing N N 256 
MET C   O    doub N N 257 
MET C   OXT  sing N N 258 
MET CB  CG   sing N N 259 
MET CB  HB2  sing N N 260 
MET CB  HB3  sing N N 261 
MET CG  SD   sing N N 262 
MET CG  HG2  sing N N 263 
MET CG  HG3  sing N N 264 
MET SD  CE   sing N N 265 
MET CE  HE1  sing N N 266 
MET CE  HE2  sing N N 267 
MET CE  HE3  sing N N 268 
MET OXT HXT  sing N N 269 
PHE N   CA   sing N N 270 
PHE N   H    sing N N 271 
PHE N   H2   sing N N 272 
PHE CA  C    sing N N 273 
PHE CA  CB   sing N N 274 
PHE CA  HA   sing N N 275 
PHE C   O    doub N N 276 
PHE C   OXT  sing N N 277 
PHE CB  CG   sing N N 278 
PHE CB  HB2  sing N N 279 
PHE CB  HB3  sing N N 280 
PHE CG  CD1  doub Y N 281 
PHE CG  CD2  sing Y N 282 
PHE CD1 CE1  sing Y N 283 
PHE CD1 HD1  sing N N 284 
PHE CD2 CE2  doub Y N 285 
PHE CD2 HD2  sing N N 286 
PHE CE1 CZ   doub Y N 287 
PHE CE1 HE1  sing N N 288 
PHE CE2 CZ   sing Y N 289 
PHE CE2 HE2  sing N N 290 
PHE CZ  HZ   sing N N 291 
PHE OXT HXT  sing N N 292 
PRO N   CA   sing N N 293 
PRO N   CD   sing N N 294 
PRO N   H    sing N N 295 
PRO CA  C    sing N N 296 
PRO CA  CB   sing N N 297 
PRO CA  HA   sing N N 298 
PRO C   O    doub N N 299 
PRO C   OXT  sing N N 300 
PRO CB  CG   sing N N 301 
PRO CB  HB2  sing N N 302 
PRO CB  HB3  sing N N 303 
PRO CG  CD   sing N N 304 
PRO CG  HG2  sing N N 305 
PRO CG  HG3  sing N N 306 
PRO CD  HD2  sing N N 307 
PRO CD  HD3  sing N N 308 
PRO OXT HXT  sing N N 309 
SER N   CA   sing N N 310 
SER N   H    sing N N 311 
SER N   H2   sing N N 312 
SER CA  C    sing N N 313 
SER CA  CB   sing N N 314 
SER CA  HA   sing N N 315 
SER C   O    doub N N 316 
SER C   OXT  sing N N 317 
SER CB  OG   sing N N 318 
SER CB  HB2  sing N N 319 
SER CB  HB3  sing N N 320 
SER OG  HG   sing N N 321 
SER OXT HXT  sing N N 322 
THR N   CA   sing N N 323 
THR N   H    sing N N 324 
THR N   H2   sing N N 325 
THR CA  C    sing N N 326 
THR CA  CB   sing N N 327 
THR CA  HA   sing N N 328 
THR C   O    doub N N 329 
THR C   OXT  sing N N 330 
THR CB  OG1  sing N N 331 
THR CB  CG2  sing N N 332 
THR CB  HB   sing N N 333 
THR OG1 HG1  sing N N 334 
THR CG2 HG21 sing N N 335 
THR CG2 HG22 sing N N 336 
THR CG2 HG23 sing N N 337 
THR OXT HXT  sing N N 338 
TRP N   CA   sing N N 339 
TRP N   H    sing N N 340 
TRP N   H2   sing N N 341 
TRP CA  C    sing N N 342 
TRP CA  CB   sing N N 343 
TRP CA  HA   sing N N 344 
TRP C   O    doub N N 345 
TRP C   OXT  sing N N 346 
TRP CB  CG   sing N N 347 
TRP CB  HB2  sing N N 348 
TRP CB  HB3  sing N N 349 
TRP CG  CD1  doub Y N 350 
TRP CG  CD2  sing Y N 351 
TRP CD1 NE1  sing Y N 352 
TRP CD1 HD1  sing N N 353 
TRP CD2 CE2  doub Y N 354 
TRP CD2 CE3  sing Y N 355 
TRP NE1 CE2  sing Y N 356 
TRP NE1 HE1  sing N N 357 
TRP CE2 CZ2  sing Y N 358 
TRP CE3 CZ3  doub Y N 359 
TRP CE3 HE3  sing N N 360 
TRP CZ2 CH2  doub Y N 361 
TRP CZ2 HZ2  sing N N 362 
TRP CZ3 CH2  sing Y N 363 
TRP CZ3 HZ3  sing N N 364 
TRP CH2 HH2  sing N N 365 
TRP OXT HXT  sing N N 366 
TYR N   CA   sing N N 367 
TYR N   H    sing N N 368 
TYR N   H2   sing N N 369 
TYR CA  C    sing N N 370 
TYR CA  CB   sing N N 371 
TYR CA  HA   sing N N 372 
TYR C   O    doub N N 373 
TYR C   OXT  sing N N 374 
TYR CB  CG   sing N N 375 
TYR CB  HB2  sing N N 376 
TYR CB  HB3  sing N N 377 
TYR CG  CD1  doub Y N 378 
TYR CG  CD2  sing Y N 379 
TYR CD1 CE1  sing Y N 380 
TYR CD1 HD1  sing N N 381 
TYR CD2 CE2  doub Y N 382 
TYR CD2 HD2  sing N N 383 
TYR CE1 CZ   doub Y N 384 
TYR CE1 HE1  sing N N 385 
TYR CE2 CZ   sing Y N 386 
TYR CE2 HE2  sing N N 387 
TYR CZ  OH   sing N N 388 
TYR OH  HH   sing N N 389 
TYR OXT HXT  sing N N 390 
VAL N   CA   sing N N 391 
VAL N   H    sing N N 392 
VAL N   H2   sing N N 393 
VAL CA  C    sing N N 394 
VAL CA  CB   sing N N 395 
VAL CA  HA   sing N N 396 
VAL C   O    doub N N 397 
VAL C   OXT  sing N N 398 
VAL CB  CG1  sing N N 399 
VAL CB  CG2  sing N N 400 
VAL CB  HB   sing N N 401 
VAL CG1 HG11 sing N N 402 
VAL CG1 HG12 sing N N 403 
VAL CG1 HG13 sing N N 404 
VAL CG2 HG21 sing N N 405 
VAL CG2 HG22 sing N N 406 
VAL CG2 HG23 sing N N 407 
VAL OXT HXT  sing N N 408 
# 
_pdbx_audit_support.funding_organization   'European Union (EU)' 
_pdbx_audit_support.country                'European Union' 
_pdbx_audit_support.grant_number           LX22NPO5103 
_pdbx_audit_support.ordinal                1 
# 
_pdbx_initial_refinement_model.id               1 
_pdbx_initial_refinement_model.entity_id_list   ? 
_pdbx_initial_refinement_model.type             'experimental model' 
_pdbx_initial_refinement_model.source_name      PDB 
_pdbx_initial_refinement_model.accession_code   7NUG 
_pdbx_initial_refinement_model.details          ? 
# 
_atom_sites.entry_id                    8PPX 
_atom_sites.Cartn_transf_matrix[1][1]   ? 
_atom_sites.Cartn_transf_matrix[1][2]   ? 
_atom_sites.Cartn_transf_matrix[1][3]   ? 
_atom_sites.Cartn_transf_matrix[2][1]   ? 
_atom_sites.Cartn_transf_matrix[2][2]   ? 
_atom_sites.Cartn_transf_matrix[2][3]   ? 
_atom_sites.Cartn_transf_matrix[3][1]   ? 
_atom_sites.Cartn_transf_matrix[3][2]   ? 
_atom_sites.Cartn_transf_matrix[3][3]   ? 
_atom_sites.Cartn_transf_vector[1]      ? 
_atom_sites.Cartn_transf_vector[2]      ? 
_atom_sites.Cartn_transf_vector[3]      ? 
_atom_sites.Cartn_transform_axes        ? 
_atom_sites.fract_transf_matrix[1][1]   -0.00155999 
_atom_sites.fract_transf_matrix[1][2]   0.01383009 
_atom_sites.fract_transf_matrix[1][3]   0.00707432 
_atom_sites.fract_transf_matrix[2][1]   0.00464739 
_atom_sites.fract_transf_matrix[2][2]   0.01303458 
_atom_sites.fract_transf_matrix[2][3]   -0.00722960 
_atom_sites.fract_transf_matrix[3][1]   -0.00710325 
_atom_sites.fract_transf_matrix[3][2]   0.00079826 
_atom_sites.fract_transf_matrix[3][3]   -0.00312695 
_atom_sites.fract_transf_vector[1]      0.395715 
_atom_sites.fract_transf_vector[2]      0.213232 
_atom_sites.fract_transf_vector[3]      0.059415 
_atom_sites.solution_primary            ? 
_atom_sites.solution_secondary          ? 
_atom_sites.solution_hydrogens          ? 
_atom_sites.special_details             ? 
# 
loop_
_atom_type.symbol 
C  
CL 
MG 
MN 
N  
O  
S  
# 
loop_
_atom_site.group_PDB 
_atom_site.id 
_atom_site.type_symbol 
_atom_site.label_atom_id 
_atom_site.label_alt_id 
_atom_site.label_comp_id 
_atom_site.label_asym_id 
_atom_site.label_entity_id 
_atom_site.label_seq_id 
_atom_site.pdbx_PDB_ins_code 
_atom_site.Cartn_x 
_atom_site.Cartn_y 
_atom_site.Cartn_z 
_atom_site.occupancy 
_atom_site.B_iso_or_equiv 
_atom_site.pdbx_formal_charge 
_atom_site.auth_seq_id 
_atom_site.auth_comp_id 
_atom_site.auth_asym_id 
_atom_site.auth_atom_id 
_atom_site.pdbx_PDB_model_num 
ATOM   1    N  N   . SER A 1 5   ? -16.528 11.869  4.663   0.75 68.72  ? -4  SER A N   1 
ATOM   2    C  CA  . SER A 1 5   ? -16.583 11.825  3.178   0.75 70.12  ? -4  SER A CA  1 
ATOM   3    C  C   . SER A 1 5   ? -16.763 10.376  2.717   0.75 71.22  ? -4  SER A C   1 
ATOM   4    O  O   . SER A 1 5   ? -15.809 9.602   2.707   0.75 70.29  ? -4  SER A O   1 
ATOM   5    C  CB  . SER A 1 5   ? -15.350 12.475  2.580   0.75 68.98  ? -4  SER A CB  1 
ATOM   6    O  OG  . SER A 1 5   ? -15.448 12.579  1.167   0.75 64.90  ? -4  SER A OG  1 
ATOM   7    N  N   . GLY A 1 6   ? -18.005 10.019  2.363   0.75 72.98  ? -3  GLY A N   1 
ATOM   8    C  CA  . GLY A 1 6   ? -18.343 8.698   1.852   0.75 77.73  ? -3  GLY A CA  1 
ATOM   9    C  C   . GLY A 1 6   ? -19.606 8.138   2.511   0.75 83.58  ? -3  GLY A C   1 
ATOM   10   O  O   . GLY A 1 6   ? -20.170 8.778   3.396   0.75 84.27  ? -3  GLY A O   1 
ATOM   11   N  N   . SER A 1 7   ? -20.028 6.935   2.084   0.75 83.51  ? -2  SER A N   1 
ATOM   12   C  CA  . SER A 1 7   ? -21.311 6.360   2.479   0.75 81.88  ? -2  SER A CA  1 
ATOM   13   C  C   . SER A 1 7   ? -21.152 5.051   3.252   0.75 78.87  ? -2  SER A C   1 
ATOM   14   O  O   . SER A 1 7   ? -20.099 4.419   3.235   0.75 75.82  ? -2  SER A O   1 
ATOM   15   C  CB  . SER A 1 7   ? -22.183 6.136   1.268   1.00 84.11  ? -2  SER A CB  1 
ATOM   16   O  OG  . SER A 1 7   ? -21.624 5.143   0.417   1.00 83.26  ? -2  SER A OG  1 
ATOM   17   N  N   . GLY A 1 8   ? -22.243 4.633   3.904   0.75 76.40  ? -1  GLY A N   1 
ATOM   18   C  CA  . GLY A 1 8   ? -22.343 3.308   4.490   0.75 75.11  ? -1  GLY A CA  1 
ATOM   19   C  C   . GLY A 1 8   ? -22.458 2.221   3.422   0.75 71.75  ? -1  GLY A C   1 
ATOM   20   O  O   . GLY A 1 8   ? -22.255 1.047   3.713   0.75 70.61  ? -1  GLY A O   1 
ATOM   21   N  N   . SER A 1 9   ? -22.803 2.621   2.191   1.00 71.33  ? 0   SER A N   1 
ATOM   22   C  CA  . SER A 1 9   ? -22.741 1.732   1.039   1.00 69.70  ? 0   SER A CA  1 
ATOM   23   C  C   . SER A 1 9   ? -21.289 1.462   0.659   1.00 67.65  ? 0   SER A C   1 
ATOM   24   O  O   . SER A 1 9   ? -20.969 0.376   0.180   1.00 68.08  ? 0   SER A O   1 
ATOM   25   C  CB  . SER A 1 9   ? -23.501 2.283   -0.132  1.00 71.08  ? 0   SER A CB  1 
ATOM   26   O  OG  . SER A 1 9   ? -24.896 2.097   0.046   1.00 77.09  ? 0   SER A OG  1 
ATOM   27   N  N   . MET A 1 10  ? -20.425 2.465   0.871   1.00 63.42  ? 1   MET A N   1 
ATOM   28   C  CA  . MET A 1 10  ? -18.992 2.282   0.699   1.00 60.19  ? 1   MET A CA  1 
ATOM   29   C  C   . MET A 1 10  ? -18.452 1.395   1.817   1.00 61.92  ? 1   MET A C   1 
ATOM   30   O  O   . MET A 1 10  ? -17.576 0.565   1.580   1.00 57.38  ? 1   MET A O   1 
ATOM   31   C  CB  . MET A 1 10  ? -18.248 3.619   0.710   1.00 56.32  ? 1   MET A CB  1 
ATOM   32   C  CG  . MET A 1 10  ? -16.749 3.467   0.823   1.00 54.57  ? 1   MET A CG  1 
ATOM   33   S  SD  . MET A 1 10  ? -16.067 2.459   -0.502  0.93 54.07  ? 1   MET A SD  1 
ATOM   34   C  CE  . MET A 1 10  ? -15.720 3.737   -1.708  1.00 53.96  ? 1   MET A CE  1 
ATOM   35   N  N   . GLU A 1 11  ? -18.977 1.589   3.033   1.00 64.72  ? 2   GLU A N   1 
ATOM   36   C  CA  . GLU A 1 11  ? -18.599 0.773   4.174   1.00 65.69  ? 2   GLU A CA  1 
ATOM   37   C  C   . GLU A 1 11  ? -18.923 -0.683  3.864   1.00 63.86  ? 2   GLU A C   1 
ATOM   38   O  O   . GLU A 1 11  ? -18.058 -1.552  3.953   1.00 65.12  ? 2   GLU A O   1 
ATOM   39   C  CB  . GLU A 1 11  ? -19.334 1.223   5.437   1.00 68.60  ? 2   GLU A CB  1 
ATOM   40   C  CG  . GLU A 1 11  ? -18.633 0.795   6.712   1.00 67.44  ? 2   GLU A CG  1 
ATOM   41   C  CD  . GLU A 1 11  ? -19.535 0.647   7.923   1.00 67.55  ? 2   GLU A CD  1 
ATOM   42   O  OE1 . GLU A 1 11  ? -20.518 1.410   8.027   1.00 76.29  ? 2   GLU A OE1 1 
ATOM   43   O  OE2 . GLU A 1 11  ? -19.236 -0.212  8.771   1.00 64.05  ? 2   GLU A OE2 1 
ATOM   44   N  N   . ASP A 1 12  ? -20.180 -0.922  3.479   1.00 64.87  ? 3   ASP A N   1 
ATOM   45   C  CA  . ASP A 1 12  ? -20.663 -2.245  3.122   1.00 65.28  ? 3   ASP A CA  1 
ATOM   46   C  C   . ASP A 1 12  ? -19.785 -2.854  2.033   1.00 61.43  ? 3   ASP A C   1 
ATOM   47   O  O   . ASP A 1 12  ? -19.485 -4.046  2.086   1.00 67.16  ? 3   ASP A O   1 
ATOM   48   C  CB  . ASP A 1 12  ? -22.130 -2.190  2.692   1.00 70.33  ? 3   ASP A CB  1 
ATOM   49   C  CG  . ASP A 1 12  ? -23.053 -1.708  3.799   1.00 79.64  ? 3   ASP A CG  1 
ATOM   50   O  OD1 . ASP A 1 12  ? -22.538 -1.416  4.901   1.00 87.55  ? 3   ASP A OD1 1 
ATOM   51   O  OD2 . ASP A 1 12  ? -24.273 -1.618  3.553   1.00 83.57  ? 3   ASP A OD2 1 
ATOM   52   N  N   . PHE A 1 13  ? -19.372 -2.036  1.057   1.00 59.24  ? 4   PHE A N   1 
ATOM   53   C  CA  . PHE A 1 13  ? -18.539 -2.518  -0.035  1.00 59.02  ? 4   PHE A CA  1 
ATOM   54   C  C   . PHE A 1 13  ? -17.203 -3.041  0.479   1.00 59.46  ? 4   PHE A C   1 
ATOM   55   O  O   . PHE A 1 13  ? -16.726 -4.075  0.015   1.00 61.27  ? 4   PHE A O   1 
ATOM   56   C  CB  . PHE A 1 13  ? -18.209 -1.427  -1.055  1.00 60.28  ? 4   PHE A CB  1 
ATOM   57   C  CG  . PHE A 1 13  ? -17.154 -1.854  -2.047  1.00 62.32  ? 4   PHE A CG  1 
ATOM   58   C  CD1 . PHE A 1 13  ? -17.388 -2.913  -2.912  1.00 66.86  ? 4   PHE A CD1 1 
ATOM   59   C  CD2 . PHE A 1 13  ? -15.913 -1.236  -2.087  1.00 58.42  ? 4   PHE A CD2 1 
ATOM   60   C  CE1 . PHE A 1 13  ? -16.418 -3.319  -3.818  1.00 63.44  ? 4   PHE A CE1 1 
ATOM   61   C  CE2 . PHE A 1 13  ? -14.944 -1.646  -2.991  1.00 56.61  ? 4   PHE A CE2 1 
ATOM   62   C  CZ  . PHE A 1 13  ? -15.198 -2.686  -3.854  1.00 58.85  ? 4   PHE A CZ  1 
ATOM   63   N  N   . VAL A 1 14  ? -16.595 -2.281  1.398   1.00 62.27  ? 5   VAL A N   1 
ATOM   64   C  CA  . VAL A 1 14  ? -15.300 -2.617  1.971   1.00 60.66  ? 5   VAL A CA  1 
ATOM   65   C  C   . VAL A 1 14  ? -15.378 -3.982  2.652   1.00 59.14  ? 5   VAL A C   1 
ATOM   66   O  O   . VAL A 1 14  ? -14.492 -4.814  2.475   1.00 57.32  ? 5   VAL A O   1 
ATOM   67   C  CB  . VAL A 1 14  ? -14.825 -1.516  2.941   1.00 60.52  ? 5   VAL A CB  1 
ATOM   68   C  CG1 . VAL A 1 14  ? -13.707 -1.985  3.863   1.00 60.81  ? 5   VAL A CG1 1 
ATOM   69   C  CG2 . VAL A 1 14  ? -14.409 -0.263  2.188   1.00 60.10  ? 5   VAL A CG2 1 
ATOM   70   N  N   . ARG A 1 15  ? -16.448 -4.209  3.421   1.00 58.14  ? 6   ARG A N   1 
ATOM   71   C  CA  . ARG A 1 15  ? -16.582 -5.441  4.182   1.00 61.12  ? 6   ARG A CA  1 
ATOM   72   C  C   . ARG A 1 15  ? -16.849 -6.622  3.248   1.00 58.30  ? 6   ARG A C   1 
ATOM   73   O  O   . ARG A 1 15  ? -16.494 -7.747  3.581   1.00 59.45  ? 6   ARG A O   1 
ATOM   74   C  CB  . ARG A 1 15  ? -17.667 -5.283  5.252   1.00 64.50  ? 6   ARG A CB  1 
ATOM   75   C  CG  . ARG A 1 15  ? -17.349 -4.216  6.291   1.00 63.72  ? 6   ARG A CG  1 
ATOM   76   C  CD  . ARG A 1 15  ? -18.399 -4.100  7.380   1.00 64.75  ? 6   ARG A CD  1 
ATOM   77   N  NE  . ARG A 1 15  ? -18.135 -2.971  8.264   1.00 63.02  ? 6   ARG A NE  1 
ATOM   78   C  CZ  . ARG A 1 15  ? -17.135 -2.897  9.141   1.00 62.37  ? 6   ARG A CZ  1 
ATOM   79   N  NH1 . ARG A 1 15  ? -16.356 -3.941  9.373   1.00 61.07  ? 6   ARG A NH1 1 
ATOM   80   N  NH2 . ARG A 1 15  ? -16.933 -1.773  9.809   1.00 60.14  ? 6   ARG A NH2 1 
ATOM   81   N  N   . GLN A 1 16  ? -17.449 -6.377  2.078   1.00 61.37  ? 7   GLN A N   1 
ATOM   82   C  CA  . GLN A 1 16  ? -17.699 -7.443  1.116   1.00 65.10  ? 7   GLN A CA  1 
ATOM   83   C  C   . GLN A 1 16  ? -16.456 -7.752  0.280   1.00 62.43  ? 7   GLN A C   1 
ATOM   84   O  O   . GLN A 1 16  ? -16.263 -8.892  -0.132  1.00 63.87  ? 7   GLN A O   1 
ATOM   85   C  CB  . GLN A 1 16  ? -18.820 -7.060  0.154   1.00 72.24  ? 7   GLN A CB  1 
ATOM   86   C  CG  . GLN A 1 16  ? -20.181 -6.926  0.814   1.00 81.55  ? 7   GLN A CG  1 
ATOM   87   C  CD  . GLN A 1 16  ? -21.198 -6.335  -0.132  1.00 89.55  ? 7   GLN A CD  1 
ATOM   88   O  OE1 . GLN A 1 16  ? -20.903 -6.059  -1.295  1.00 90.65  ? 7   GLN A OE1 1 
ATOM   89   N  NE2 . GLN A 1 16  ? -22.407 -6.132  0.366   1.00 93.46  ? 7   GLN A NE2 1 
ATOM   90   N  N   . CYS A 1 17  ? -15.631 -6.733  0.016   1.00 57.76  ? 8   CYS A N   1 
ATOM   91   C  CA  . CYS A 1 17  ? -14.600 -6.811  -1.010  1.00 57.76  ? 8   CYS A CA  1 
ATOM   92   C  C   . CYS A 1 17  ? -13.275 -7.311  -0.433  1.00 57.65  ? 8   CYS A C   1 
ATOM   93   O  O   . CYS A 1 17  ? -12.542 -8.029  -1.109  1.00 57.87  ? 8   CYS A O   1 
ATOM   94   C  CB  . CYS A 1 17  ? -14.426 -5.452  -1.687  1.00 59.38  ? 8   CYS A CB  1 
ATOM   95   S  SG  . CYS A 1 17  ? -12.980 -5.304  -2.774  0.66 55.41  ? 8   CYS A SG  1 
ATOM   96   N  N   . PHE A 1 18  ? -12.960 -6.932  0.810   1.00 58.68  ? 9   PHE A N   1 
ATOM   97   C  CA  . PHE A 1 18  ? -11.636 -7.186  1.357   1.00 56.16  ? 9   PHE A CA  1 
ATOM   98   C  C   . PHE A 1 18  ? -11.676 -8.323  2.373   1.00 56.21  ? 9   PHE A C   1 
ATOM   99   O  O   . PHE A 1 18  ? -12.688 -8.548  3.031   1.00 59.63  ? 9   PHE A O   1 
ATOM   100  C  CB  . PHE A 1 18  ? -11.066 -5.900  1.959   1.00 53.31  ? 9   PHE A CB  1 
ATOM   101  C  CG  . PHE A 1 18  ? -10.755 -4.837  0.935   1.00 49.11  ? 9   PHE A CG  1 
ATOM   102  C  CD1 . PHE A 1 18  ? -9.693  -4.988  0.057   1.00 47.99  ? 9   PHE A CD1 1 
ATOM   103  C  CD2 . PHE A 1 18  ? -11.538 -3.699  0.829   1.00 47.72  ? 9   PHE A CD2 1 
ATOM   104  C  CE1 . PHE A 1 18  ? -9.412  -4.017  -0.892  1.00 45.90  ? 9   PHE A CE1 1 
ATOM   105  C  CE2 . PHE A 1 18  ? -11.250 -2.724  -0.113  1.00 47.47  ? 9   PHE A CE2 1 
ATOM   106  C  CZ  . PHE A 1 18  ? -10.195 -2.890  -0.978  1.00 47.93  ? 9   PHE A CZ  1 
ATOM   107  N  N   . ASN A 1 19  ? -10.542 -9.022  2.487   1.00 55.95  ? 10  ASN A N   1 
ATOM   108  C  CA  . ASN A 1 19  ? -10.374 -10.138 3.403   1.00 57.07  ? 10  ASN A CA  1 
ATOM   109  C  C   . ASN A 1 19  ? -10.520 -9.618  4.833   1.00 53.93  ? 10  ASN A C   1 
ATOM   110  O  O   . ASN A 1 19  ? -9.985  -8.570  5.166   1.00 54.64  ? 10  ASN A O   1 
ATOM   111  C  CB  . ASN A 1 19  ? -9.046  -10.855 3.128   1.00 59.17  ? 10  ASN A CB  1 
ATOM   112  C  CG  . ASN A 1 19  ? -8.330  -11.306 4.381   1.00 68.97  ? 10  ASN A CG  1 
ATOM   113  O  OD1 . ASN A 1 19  ? -7.357  -10.683 4.793   1.00 78.91  ? 10  ASN A OD1 1 
ATOM   114  N  ND2 . ASN A 1 19  ? -8.811  -12.370 5.005   1.00 78.33  ? 10  ASN A ND2 1 
ATOM   115  N  N   . PRO A 1 20  ? -11.303 -10.289 5.705   1.00 48.49  ? 11  PRO A N   1 
ATOM   116  C  CA  . PRO A 1 20  ? -11.468 -9.867  7.101   1.00 49.81  ? 11  PRO A CA  1 
ATOM   117  C  C   . PRO A 1 20  ? -10.240 -9.405  7.887   1.00 47.59  ? 11  PRO A C   1 
ATOM   118  O  O   . PRO A 1 20  ? -10.354 -8.526  8.734   1.00 51.11  ? 11  PRO A O   1 
ATOM   119  C  CB  . PRO A 1 20  ? -12.022 -11.146 7.739   1.00 48.37  ? 11  PRO A CB  1 
ATOM   120  C  CG  . PRO A 1 20  ? -12.900 -11.721 6.650   1.00 48.02  ? 11  PRO A CG  1 
ATOM   121  C  CD  . PRO A 1 20  ? -12.147 -11.442 5.366   1.00 46.97  ? 11  PRO A CD  1 
ATOM   122  N  N   . MET A 1 21  ? -9.072  -9.986  7.604   1.00 48.77  ? 12  MET A N   1 
ATOM   123  C  CA  . MET A 1 21  ? -7.835  -9.624  8.292   1.00 49.96  ? 12  MET A CA  1 
ATOM   124  C  C   . MET A 1 21  ? -7.397  -8.216  7.883   1.00 47.01  ? 12  MET A C   1 
ATOM   125  O  O   . MET A 1 21  ? -7.000  -7.411  8.723   1.00 48.11  ? 12  MET A O   1 
ATOM   126  C  CB  . MET A 1 21  ? -6.710  -10.625 7.984   1.00 51.94  ? 12  MET A CB  1 
ATOM   127  C  CG  . MET A 1 21  ? -5.317  -10.076 8.243   1.00 56.80  ? 12  MET A CG  1 
ATOM   128  S  SD  . MET A 1 21  ? -3.996  -11.301 8.100   0.41 61.94  ? 12  MET A SD  1 
ATOM   129  C  CE  . MET A 1 21  ? -3.470  -10.982 6.418   1.00 70.97  ? 12  MET A CE  1 
ATOM   130  N  N   . ILE A 1 22  ? -7.440  -7.954  6.575   1.00 44.48  ? 13  ILE A N   1 
ATOM   131  C  CA  . ILE A 1 22  ? -7.217  -6.631  6.019   1.00 43.75  ? 13  ILE A CA  1 
ATOM   132  C  C   . ILE A 1 22  ? -8.207  -5.617  6.604   1.00 43.60  ? 13  ILE A C   1 
ATOM   133  O  O   . ILE A 1 22  ? -7.824  -4.500  6.934   1.00 48.33  ? 13  ILE A O   1 
ATOM   134  C  CB  . ILE A 1 22  ? -7.279  -6.723  4.481   1.00 44.27  ? 13  ILE A CB  1 
ATOM   135  C  CG1 . ILE A 1 22  ? -6.018  -7.398  3.943   1.00 47.14  ? 13  ILE A CG1 1 
ATOM   136  C  CG2 . ILE A 1 22  ? -7.513  -5.364  3.845   1.00 46.18  ? 13  ILE A CG2 1 
ATOM   137  C  CD1 . ILE A 1 22  ? -6.023  -7.641  2.450   1.00 49.20  ? 13  ILE A CD1 1 
ATOM   138  N  N   . VAL A 1 23  ? -9.481  -5.992  6.740   1.00 45.14  ? 14  VAL A N   1 
ATOM   139  C  CA  . VAL A 1 23  ? -10.503 -5.063  7.211   1.00 45.34  ? 14  VAL A CA  1 
ATOM   140  C  C   . VAL A 1 23  ? -10.167 -4.602  8.627   1.00 47.63  ? 14  VAL A C   1 
ATOM   141  O  O   . VAL A 1 23  ? -10.194 -3.411  8.913   1.00 50.84  ? 14  VAL A O   1 
ATOM   142  C  CB  . VAL A 1 23  ? -11.904 -5.693  7.120   1.00 43.77  ? 14  VAL A CB  1 
ATOM   143  C  CG1 . VAL A 1 23  ? -12.964 -4.865  7.821   1.00 43.64  ? 14  VAL A CG1 1 
ATOM   144  C  CG2 . VAL A 1 23  ? -12.295 -5.930  5.671   1.00 43.32  ? 14  VAL A CG2 1 
ATOM   145  N  N   . GLU A 1 24  ? -9.821  -5.563  9.490   1.00 54.82  ? 15  GLU A N   1 
ATOM   146  C  CA  . GLU A 1 24  ? -9.505  -5.329  10.894  1.00 53.82  ? 15  GLU A CA  1 
ATOM   147  C  C   . GLU A 1 24  ? -8.218  -4.516  11.050  1.00 50.47  ? 15  GLU A C   1 
ATOM   148  O  O   . GLU A 1 24  ? -8.123  -3.686  11.948  1.00 51.22  ? 15  GLU A O   1 
ATOM   149  C  CB  . GLU A 1 24  ? -9.364  -6.683  11.599  1.00 59.16  ? 15  GLU A CB  1 
ATOM   150  C  CG  . GLU A 1 24  ? -9.240  -6.608  13.110  1.00 59.89  ? 15  GLU A CG  1 
ATOM   151  C  CD  . GLU A 1 24  ? -10.516 -6.196  13.818  1.00 61.90  ? 15  GLU A CD  1 
ATOM   152  O  OE1 . GLU A 1 24  ? -11.555 -6.853  13.591  1.00 60.53  ? 15  GLU A OE1 1 
ATOM   153  O  OE2 . GLU A 1 24  ? -10.463 -5.225  14.598  1.00 68.88  ? 15  GLU A OE2 1 
ATOM   154  N  N   . LEU A 1 25  ? -7.212  -4.769  10.204  1.00 48.15  ? 16  LEU A N   1 
ATOM   155  C  CA  . LEU A 1 25  ? -5.965  -4.023  10.295  1.00 45.77  ? 16  LEU A CA  1 
ATOM   156  C  C   . LEU A 1 25  ? -6.175  -2.547  9.953   1.00 47.72  ? 16  LEU A C   1 
ATOM   157  O  O   . LEU A 1 25  ? -5.495  -1.692  10.508  1.00 48.10  ? 16  LEU A O   1 
ATOM   158  C  CB  . LEU A 1 25  ? -4.915  -4.660  9.383   1.00 45.72  ? 16  LEU A CB  1 
ATOM   159  C  CG  . LEU A 1 25  ? -4.029  -5.717  10.040  1.00 48.97  ? 16  LEU A CG  1 
ATOM   160  C  CD1 . LEU A 1 25  ? -3.085  -6.331  9.020   1.00 51.38  ? 16  LEU A CD1 1 
ATOM   161  C  CD2 . LEU A 1 25  ? -3.225  -5.132  11.187  1.00 48.81  ? 16  LEU A CD2 1 
ATOM   162  N  N   . ALA A 1 26  ? -7.109  -2.253  9.037   1.00 50.73  ? 17  ALA A N   1 
ATOM   163  C  CA  . ALA A 1 26  ? -7.406  -0.888  8.621   1.00 49.15  ? 17  ALA A CA  1 
ATOM   164  C  C   . ALA A 1 26  ? -8.235  -0.160  9.677   1.00 50.21  ? 17  ALA A C   1 
ATOM   165  O  O   . ALA A 1 26  ? -8.025  1.026   9.909   1.00 53.39  ? 17  ALA A O   1 
ATOM   166  C  CB  . ALA A 1 26  ? -8.130  -0.900  7.297   1.00 49.71  ? 17  ALA A CB  1 
ATOM   167  N  N   . GLU A 1 27  ? -9.205  -0.866  10.277  1.00 51.91  ? 18  GLU A N   1 
ATOM   168  C  CA  . GLU A 1 27  ? -10.013 -0.321  11.360  1.00 52.72  ? 18  GLU A CA  1 
ATOM   169  C  C   . GLU A 1 27  ? -9.108  0.101   12.516  1.00 50.92  ? 18  GLU A C   1 
ATOM   170  O  O   . GLU A 1 27  ? -9.390  1.081   13.191  1.00 53.52  ? 18  GLU A O   1 
ATOM   171  C  CB  . GLU A 1 27  ? -11.049 -1.335  11.860  1.00 56.47  ? 18  GLU A CB  1 
ATOM   172  C  CG  . GLU A 1 27  ? -12.374 -1.301  11.113  1.00 58.67  ? 18  GLU A CG  1 
ATOM   173  C  CD  . GLU A 1 27  ? -13.380 -2.375  11.504  1.00 61.48  ? 18  GLU A CD  1 
ATOM   174  O  OE1 . GLU A 1 27  ? -12.983 -3.550  11.612  1.00 65.53  ? 18  GLU A OE1 1 
ATOM   175  O  OE2 . GLU A 1 27  ? -14.567 -2.044  11.659  1.00 63.36  ? 18  GLU A OE2 1 
ATOM   176  N  N   . LYS A 1 28  ? -8.024  -0.646  12.736  1.00 48.37  ? 19  LYS A N   1 
ATOM   177  C  CA  . LYS A 1 28  ? -7.108  -0.385  13.830  1.00 47.11  ? 19  LYS A CA  1 
ATOM   178  C  C   . LYS A 1 28  ? -6.221  0.811   13.488  1.00 48.58  ? 19  LYS A C   1 
ATOM   179  O  O   . LYS A 1 28  ? -5.898  1.619   14.354  1.00 54.40  ? 19  LYS A O   1 
ATOM   180  C  CB  . LYS A 1 28  ? -6.285  -1.647  14.100  1.00 50.95  ? 19  LYS A CB  1 
ATOM   181  C  CG  . LYS A 1 28  ? -5.478  -1.645  15.391  1.00 55.93  ? 19  LYS A CG  1 
ATOM   182  C  CD  . LYS A 1 28  ? -4.526  -2.824  15.524  1.00 56.48  ? 19  LYS A CD  1 
ATOM   183  C  CE  . LYS A 1 28  ? -3.621  -2.733  16.737  0.50 55.94  ? 19  LYS A CE  1 
ATOM   184  N  NZ  . LYS A 1 28  ? -4.390  -2.644  18.002  0.50 54.30  ? 19  LYS A NZ  1 
ATOM   185  N  N   . ALA A 1 29  ? -5.812  0.914   12.221  1.00 46.75  ? 20  ALA A N   1 
ATOM   186  C  CA  . ALA A 1 29  ? -4.940  1.988   11.787  1.00 44.71  ? 20  ALA A CA  1 
ATOM   187  C  C   . ALA A 1 29  ? -5.660  3.319   11.926  1.00 47.89  ? 20  ALA A C   1 
ATOM   188  O  O   . ALA A 1 29  ? -5.058  4.306   12.327  1.00 58.59  ? 20  ALA A O   1 
ATOM   189  C  CB  . ALA A 1 29  ? -4.517  1.762   10.361  1.00 47.54  ? 20  ALA A CB  1 
ATOM   190  N  N   . MET A 1 30  ? -6.950  3.316   11.578  1.00 49.54  ? 21  MET A N   1 
ATOM   191  C  CA  . MET A 1 30  ? -7.763  4.521   11.530  1.00 50.18  ? 21  MET A CA  1 
ATOM   192  C  C   . MET A 1 30  ? -8.066  5.000   12.948  1.00 52.53  ? 21  MET A C   1 
ATOM   193  O  O   . MET A 1 30  ? -8.005  6.193   13.236  1.00 55.81  ? 21  MET A O   1 
ATOM   194  C  CB  . MET A 1 30  ? -9.084  4.250   10.798  1.00 49.78  ? 21  MET A CB  1 
ATOM   195  C  CG  . MET A 1 30  ? -8.951  4.235   9.286   1.00 49.96  ? 21  MET A CG  1 
ATOM   196  S  SD  . MET A 1 30  ? -10.543 4.092   8.435   1.00 51.08  ? 21  MET A SD  1 
ATOM   197  C  CE  . MET A 1 30  ? -11.104 5.792   8.490   1.00 52.48  ? 21  MET A CE  1 
ATOM   198  N  N   . LYS A 1 31  ? -8.413  4.050   13.821  1.00 52.58  ? 22  LYS A N   1 
ATOM   199  C  CA  . LYS A 1 31  ? -8.807  4.356   15.183  1.00 50.72  ? 22  LYS A CA  1 
ATOM   200  C  C   . LYS A 1 31  ? -7.604  4.900   15.948  1.00 50.47  ? 22  LYS A C   1 
ATOM   201  O  O   . LYS A 1 31  ? -7.774  5.749   16.819  1.00 50.06  ? 22  LYS A O   1 
ATOM   202  C  CB  . LYS A 1 31  ? -9.453  3.124   15.821  1.00 51.19  ? 22  LYS A CB  1 
ATOM   203  C  CG  . LYS A 1 31  ? -10.847 2.836   15.283  1.00 53.23  ? 22  LYS A CG  1 
ATOM   204  C  CD  . LYS A 1 31  ? -11.361 1.461   15.599  1.00 55.50  ? 22  LYS A CD  1 
ATOM   205  C  CE  . LYS A 1 31  ? -11.979 1.389   16.976  1.00 58.93  ? 22  LYS A CE  1 
ATOM   206  N  NZ  . LYS A 1 31  ? -12.294 -0.010  17.345  1.00 60.68  ? 22  LYS A NZ  1 
ATOM   207  N  N   . GLU A 1 32  ? -6.396  4.474   15.560  1.00 49.47  ? 23  GLU A N   1 
ATOM   208  C  CA  . GLU A 1 32  ? -5.170  4.993   16.151  1.00 51.98  ? 23  GLU A CA  1 
ATOM   209  C  C   . GLU A 1 32  ? -4.962  6.481   15.847  1.00 50.92  ? 23  GLU A C   1 
ATOM   210  O  O   . GLU A 1 32  ? -4.125  7.114   16.490  1.00 52.66  ? 23  GLU A O   1 
ATOM   211  C  CB  . GLU A 1 32  ? -3.978  4.153   15.696  1.00 54.07  ? 23  GLU A CB  1 
ATOM   212  C  CG  . GLU A 1 32  ? -3.899  2.825   16.422  1.00 57.96  ? 23  GLU A CG  1 
ATOM   213  C  CD  . GLU A 1 32  ? -2.818  1.871   15.940  1.00 62.68  ? 23  GLU A CD  1 
ATOM   214  O  OE1 . GLU A 1 32  ? -2.202  2.156   14.880  1.00 59.93  ? 23  GLU A OE1 1 
ATOM   215  O  OE2 . GLU A 1 32  ? -2.585  0.846   16.640  1.00 59.63  ? 23  GLU A OE2 1 
ATOM   216  N  N   . TYR A 1 33  ? -5.720  7.049   14.899  1.00 50.48  ? 24  TYR A N   1 
ATOM   217  C  CA  . TYR A 1 33  ? -5.658  8.478   14.629  1.00 53.51  ? 24  TYR A CA  1 
ATOM   218  C  C   . TYR A 1 33  ? -6.999  9.141   14.921  1.00 52.27  ? 24  TYR A C   1 
ATOM   219  O  O   . TYR A 1 33  ? -7.245  10.263  14.485  1.00 51.80  ? 24  TYR A O   1 
ATOM   220  C  CB  . TYR A 1 33  ? -5.225  8.734   13.185  1.00 60.11  ? 24  TYR A CB  1 
ATOM   221  C  CG  . TYR A 1 33  ? -3.734  8.548   12.941  1.00 67.63  ? 24  TYR A CG  1 
ATOM   222  C  CD1 . TYR A 1 33  ? -3.182  7.282   12.784  1.00 69.96  ? 24  TYR A CD1 1 
ATOM   223  C  CD2 . TYR A 1 33  ? -2.879  9.644   12.887  1.00 72.33  ? 24  TYR A CD2 1 
ATOM   224  C  CE1 . TYR A 1 33  ? -1.826  7.111   12.563  1.00 71.90  ? 24  TYR A CE1 1 
ATOM   225  C  CE2 . TYR A 1 33  ? -1.521  9.486   12.666  1.00 78.37  ? 24  TYR A CE2 1 
ATOM   226  C  CZ  . TYR A 1 33  ? -0.995  8.215   12.504  1.00 78.83  ? 24  TYR A CZ  1 
ATOM   227  O  OH  . TYR A 1 33  ? 0.343   8.050   12.291  1.00 83.78  ? 24  TYR A OH  1 
ATOM   228  N  N   . GLY A 1 34  ? -7.860  8.451   15.673  1.00 57.16  ? 25  GLY A N   1 
ATOM   229  C  CA  . GLY A 1 34  ? -9.134  9.012   16.094  1.00 57.38  ? 25  GLY A CA  1 
ATOM   230  C  C   . GLY A 1 34  ? -10.137 9.138   14.951  1.00 56.73  ? 25  GLY A C   1 
ATOM   231  O  O   . GLY A 1 34  ? -11.086 9.908   15.038  1.00 57.61  ? 25  GLY A O   1 
ATOM   232  N  N   . GLU A 1 35  ? -9.931  8.353   13.892  1.00 56.28  ? 26  GLU A N   1 
ATOM   233  C  CA  . GLU A 1 35  ? -10.822 8.358   12.750  1.00 60.47  ? 26  GLU A CA  1 
ATOM   234  C  C   . GLU A 1 35  ? -11.772 7.175   12.896  1.00 57.37  ? 26  GLU A C   1 
ATOM   235  O  O   . GLU A 1 35  ? -11.377 6.132   13.408  1.00 58.48  ? 26  GLU A O   1 
ATOM   236  C  CB  . GLU A 1 35  ? -9.999  8.318   11.461  1.00 66.35  ? 26  GLU A CB  1 
ATOM   237  C  CG  . GLU A 1 35  ? -9.332  9.641   11.119  1.00 66.83  ? 26  GLU A CG  1 
ATOM   238  C  CD  . GLU A 1 35  ? -8.214  9.564   10.090  1.00 74.72  ? 26  GLU A CD  1 
ATOM   239  O  OE1 . GLU A 1 35  ? -7.650  8.465   9.891   1.00 77.40  ? 26  GLU A OE1 1 
ATOM   240  O  OE2 . GLU A 1 35  ? -7.916  10.605  9.472   1.00 76.98  ? 26  GLU A OE2 1 
ATOM   241  N  N   . ASP A 1 36  ? -13.024 7.364   12.460  1.00 56.23  ? 27  ASP A N   1 
ATOM   242  C  CA  . ASP A 1 36  ? -14.058 6.345   12.584  1.00 58.53  ? 27  ASP A CA  1 
ATOM   243  C  C   . ASP A 1 36  ? -14.282 5.714   11.209  1.00 57.39  ? 27  ASP A C   1 
ATOM   244  O  O   . ASP A 1 36  ? -14.596 6.404   10.240  1.00 57.98  ? 27  ASP A O   1 
ATOM   245  C  CB  . ASP A 1 36  ? -15.336 6.937   13.187  1.00 60.45  ? 27  ASP A CB  1 
ATOM   246  C  CG  . ASP A 1 36  ? -16.440 5.943   13.508  1.00 64.85  ? 27  ASP A CG  1 
ATOM   247  O  OD1 . ASP A 1 36  ? -16.219 4.724   13.370  1.00 67.72  ? 27  ASP A OD1 1 
ATOM   248  O  OD2 . ASP A 1 36  ? -17.523 6.406   13.894  1.00 69.54  ? 27  ASP A OD2 1 
ATOM   249  N  N   . PRO A 1 37  ? -14.069 4.387   11.066  1.00 57.32  ? 28  PRO A N   1 
ATOM   250  C  CA  . PRO A 1 37  ? -14.206 3.716   9.769   1.00 60.68  ? 28  PRO A CA  1 
ATOM   251  C  C   . PRO A 1 37  ? -15.574 3.810   9.098   1.00 60.02  ? 28  PRO A C   1 
ATOM   252  O  O   . PRO A 1 37  ? -15.660 3.824   7.873   1.00 57.18  ? 28  PRO A O   1 
ATOM   253  C  CB  . PRO A 1 37  ? -13.929 2.246   10.119  1.00 57.42  ? 28  PRO A CB  1 
ATOM   254  C  CG  . PRO A 1 37  ? -13.015 2.336   11.314  1.00 56.34  ? 28  PRO A CG  1 
ATOM   255  C  CD  . PRO A 1 37  ? -13.579 3.482   12.118  1.00 55.44  ? 28  PRO A CD  1 
ATOM   256  N  N   . LYS A 1 38  ? -16.634 3.862   9.907   1.00 64.32  ? 29  LYS A N   1 
ATOM   257  C  CA  . LYS A 1 38  ? -17.985 3.900   9.376   1.00 67.08  ? 29  LYS A CA  1 
ATOM   258  C  C   . LYS A 1 38  ? -18.369 5.337   9.029   1.00 65.34  ? 29  LYS A C   1 
ATOM   259  O  O   . LYS A 1 38  ? -19.495 5.576   8.600   1.00 64.81  ? 29  LYS A O   1 
ATOM   260  C  CB  . LYS A 1 38  ? -18.966 3.250   10.355  1.00 70.16  ? 29  LYS A CB  1 
ATOM   261  C  CG  . LYS A 1 38  ? -19.018 3.863   11.745  1.00 79.35  ? 29  LYS A CG  1 
ATOM   262  C  CD  . LYS A 1 38  ? -19.844 3.058   12.722  1.00 84.28  ? 29  LYS A CD  1 
ATOM   263  C  CE  . LYS A 1 38  ? -19.435 1.600   12.756  1.00 87.24  ? 29  LYS A CE  1 
ATOM   264  N  NZ  . LYS A 1 38  ? -19.734 0.979   14.066  1.00 91.26  ? 29  LYS A NZ  1 
ATOM   265  N  N   . ILE A 1 39  ? -17.424 6.277   9.175   1.00 65.44  ? 30  ILE A N   1 
ATOM   266  C  CA  . ILE A 1 39  ? -17.652 7.666   8.799   1.00 67.42  ? 30  ILE A CA  1 
ATOM   267  C  C   . ILE A 1 39  ? -16.717 8.054   7.653   1.00 63.45  ? 30  ILE A C   1 
ATOM   268  O  O   . ILE A 1 39  ? -17.192 8.400   6.575   1.00 62.52  ? 30  ILE A O   1 
ATOM   269  C  CB  . ILE A 1 39  ? -17.501 8.600   10.017  1.00 72.47  ? 30  ILE A CB  1 
ATOM   270  C  CG1 . ILE A 1 39  ? -18.560 8.297   11.082  1.00 74.41  ? 30  ILE A CG1 1 
ATOM   271  C  CG2 . ILE A 1 39  ? -17.527 10.062  9.589   1.00 71.75  ? 30  ILE A CG2 1 
ATOM   272  C  CD1 . ILE A 1 39  ? -18.634 9.320   12.196  1.00 77.63  ? 30  ILE A CD1 1 
ATOM   273  N  N   . GLU A 1 40  ? -15.400 8.031   7.895   1.00 64.00  ? 31  GLU A N   1 
ATOM   274  C  CA  . GLU A 1 40  ? -14.428 8.280   6.838   1.00 68.90  ? 31  GLU A CA  1 
ATOM   275  C  C   . GLU A 1 40  ? -14.251 6.998   6.022   1.00 65.13  ? 31  GLU A C   1 
ATOM   276  O  O   . GLU A 1 40  ? -13.188 6.383   6.039   1.00 64.41  ? 31  GLU A O   1 
ATOM   277  C  CB  . GLU A 1 40  ? -13.105 8.773   7.431   1.00 73.86  ? 31  GLU A CB  1 
ATOM   278  C  CG  . GLU A 1 40  ? -13.149 10.216  7.905   1.00 79.88  ? 31  GLU A CG  1 
ATOM   279  C  CD  . GLU A 1 40  ? -12.974 11.252  6.803   1.00 90.82  ? 31  GLU A CD  1 
ATOM   280  O  OE1 . GLU A 1 40  ? -12.068 11.070  5.956   1.00 94.53  ? 31  GLU A OE1 1 
ATOM   281  O  OE2 . GLU A 1 40  ? -13.726 12.252  6.799   1.00 93.78  ? 31  GLU A OE2 1 
ATOM   282  N  N   . THR A 1 41  ? -15.300 6.617   5.291   1.00 64.22  ? 32  THR A N   1 
ATOM   283  C  CA  . THR A 1 41  ? -15.365 5.315   4.646   1.00 63.97  ? 32  THR A CA  1 
ATOM   284  C  C   . THR A 1 41  ? -14.499 5.275   3.384   1.00 60.78  ? 32  THR A C   1 
ATOM   285  O  O   . THR A 1 41  ? -14.139 4.189   2.939   1.00 54.85  ? 32  THR A O   1 
ATOM   286  C  CB  . THR A 1 41  ? -16.832 4.953   4.391   1.00 64.04  ? 32  THR A CB  1 
ATOM   287  O  OG1 . THR A 1 41  ? -16.934 3.591   3.975   1.00 72.51  ? 32  THR A OG1 1 
ATOM   288  C  CG2 . THR A 1 41  ? -17.451 5.861   3.358   1.00 63.18  ? 32  THR A CG2 1 
ATOM   289  N  N   . ASN A 1 42  ? -14.147 6.438   2.819   1.00 60.29  ? 33  ASN A N   1 
ATOM   290  C  CA  . ASN A 1 42  ? -13.263 6.471   1.656   1.00 59.99  ? 33  ASN A CA  1 
ATOM   291  C  C   . ASN A 1 42  ? -11.823 6.157   2.074   1.00 57.87  ? 33  ASN A C   1 
ATOM   292  O  O   . ASN A 1 42  ? -11.104 5.470   1.355   1.00 54.95  ? 33  ASN A O   1 
ATOM   293  C  CB  . ASN A 1 42  ? -13.367 7.792   0.884   1.00 64.00  ? 33  ASN A CB  1 
ATOM   294  C  CG  . ASN A 1 42  ? -14.565 7.858   -0.047  1.00 67.64  ? 33  ASN A CG  1 
ATOM   295  O  OD1 . ASN A 1 42  ? -15.118 6.838   -0.455  1.00 61.40  ? 33  ASN A OD1 1 
ATOM   296  N  ND2 . ASN A 1 42  ? -14.967 9.063   -0.416  1.00 71.49  ? 33  ASN A ND2 1 
ATOM   297  N  N   . LYS A 1 43  ? -11.403 6.658   3.239   1.00 60.58  ? 34  LYS A N   1 
ATOM   298  C  CA  . LYS A 1 43  ? -10.103 6.317   3.803   1.00 62.34  ? 34  LYS A CA  1 
ATOM   299  C  C   . LYS A 1 43  ? -10.042 4.831   4.151   1.00 57.15  ? 34  LYS A C   1 
ATOM   300  O  O   . LYS A 1 43  ? -8.995  4.209   3.993   1.00 56.66  ? 34  LYS A O   1 
ATOM   301  C  CB  . LYS A 1 43  ? -9.824  7.155   5.055   1.00 70.62  ? 34  LYS A CB  1 
ATOM   302  C  CG  . LYS A 1 43  ? -9.034  8.434   4.833   1.00 80.17  ? 34  LYS A CG  1 
ATOM   303  C  CD  . LYS A 1 43  ? -8.765  9.190   6.117   1.00 87.56  ? 34  LYS A CD  1 
ATOM   304  C  CE  . LYS A 1 43  ? -8.190  10.573  5.890   1.00 95.02  ? 34  LYS A CE  1 
ATOM   305  N  NZ  . LYS A 1 43  ? -7.229  10.950  6.954   1.00 96.36  ? 34  LYS A NZ  1 
ATOM   306  N  N   . PHE A 1 44  ? -11.157 4.284   4.653   1.00 56.11  ? 35  PHE A N   1 
ATOM   307  C  CA  . PHE A 1 44  ? -11.251 2.875   5.019   1.00 53.84  ? 35  PHE A CA  1 
ATOM   308  C  C   . PHE A 1 44  ? -10.879 2.015   3.810   1.00 52.68  ? 35  PHE A C   1 
ATOM   309  O  O   . PHE A 1 44  ? -10.073 1.090   3.918   1.00 55.27  ? 35  PHE A O   1 
ATOM   310  C  CB  . PHE A 1 44  ? -12.662 2.562   5.532   1.00 49.71  ? 35  PHE A CB  1 
ATOM   311  C  CG  . PHE A 1 44  ? -12.851 1.251   6.252   1.00 47.09  ? 35  PHE A CG  1 
ATOM   312  C  CD1 . PHE A 1 44  ? -11.779 0.547   6.775   1.00 48.02  ? 35  PHE A CD1 1 
ATOM   313  C  CD2 . PHE A 1 44  ? -14.123 0.722   6.412   1.00 49.37  ? 35  PHE A CD2 1 
ATOM   314  C  CE1 . PHE A 1 44  ? -11.975 -0.645  7.451   1.00 51.45  ? 35  PHE A CE1 1 
ATOM   315  C  CE2 . PHE A 1 44  ? -14.320 -0.476  7.083   1.00 51.91  ? 35  PHE A CE2 1 
ATOM   316  C  CZ  . PHE A 1 44  ? -13.244 -1.156  7.603   1.00 52.81  ? 35  PHE A CZ  1 
ATOM   317  N  N   . ALA A 1 45  ? -11.461 2.344   2.654   1.00 50.05  ? 36  ALA A N   1 
ATOM   318  C  CA  . ALA A 1 45  ? -11.176 1.625   1.426   1.00 52.21  ? 36  ALA A CA  1 
ATOM   319  C  C   . ALA A 1 45  ? -9.741  1.894   0.983   1.00 50.18  ? 36  ALA A C   1 
ATOM   320  O  O   . ALA A 1 45  ? -9.048  0.975   0.548   1.00 52.06  ? 36  ALA A O   1 
ATOM   321  C  CB  . ALA A 1 45  ? -12.151 2.023   0.353   1.00 54.92  ? 36  ALA A CB  1 
ATOM   322  N  N   . ALA A 1 46  ? -9.307  3.153   1.087   1.00 46.94  ? 37  ALA A N   1 
ATOM   323  C  CA  . ALA A 1 46  ? -7.960  3.515   0.673   1.00 47.28  ? 37  ALA A CA  1 
ATOM   324  C  C   . ALA A 1 46  ? -6.928  2.716   1.466   1.00 46.49  ? 37  ALA A C   1 
ATOM   325  O  O   . ALA A 1 46  ? -5.972  2.199   0.900   1.00 45.43  ? 37  ALA A O   1 
ATOM   326  C  CB  . ALA A 1 46  ? -7.736  4.991   0.857   1.00 48.08  ? 37  ALA A CB  1 
ATOM   327  N  N   . ILE A 1 47  ? -7.122  2.631   2.784   1.00 48.10  ? 38  ILE A N   1 
ATOM   328  C  CA  . ILE A 1 47  ? -6.170  1.964   3.657   1.00 47.97  ? 38  ILE A CA  1 
ATOM   329  C  C   . ILE A 1 47  ? -6.188  0.466   3.364   1.00 45.06  ? 38  ILE A C   1 
ATOM   330  O  O   . ILE A 1 47  ? -5.141  -0.170  3.328   1.00 47.13  ? 38  ILE A O   1 
ATOM   331  C  CB  . ILE A 1 47  ? -6.480  2.290   5.131   1.00 49.30  ? 38  ILE A CB  1 
ATOM   332  C  CG1 . ILE A 1 47  ? -6.205  3.765   5.439   1.00 49.46  ? 38  ILE A CG1 1 
ATOM   333  C  CG2 . ILE A 1 47  ? -5.716  1.369   6.069   1.00 49.71  ? 38  ILE A CG2 1 
ATOM   334  C  CD1 . ILE A 1 47  ? -6.854  4.255   6.717   1.00 50.19  ? 38  ILE A CD1 1 
ATOM   335  N  N   . CYS A 1 48  ? -7.389  -0.075  3.139   1.00 44.60  ? 39  CYS A N   1 
ATOM   336  C  CA  . CYS A 1 48  ? -7.571  -1.477  2.797   1.00 43.72  ? 39  CYS A CA  1 
ATOM   337  C  C   . CYS A 1 48  ? -6.833  -1.852  1.509   1.00 43.63  ? 39  CYS A C   1 
ATOM   338  O  O   . CYS A 1 48  ? -6.209  -2.912  1.435   1.00 41.86  ? 39  CYS A O   1 
ATOM   339  C  CB  . CYS A 1 48  ? -9.052  -1.790  2.651   1.00 42.93  ? 39  CYS A CB  1 
ATOM   340  S  SG  . CYS A 1 48  ? -9.870  -2.104  4.233   0.81 42.78  ? 39  CYS A SG  1 
ATOM   341  N  N   . THR A 1 49  ? -6.930  -0.991  0.490   1.00 42.75  ? 40  THR A N   1 
ATOM   342  C  CA  . THR A 1 49  ? -6.297  -1.249  -0.794  1.00 42.71  ? 40  THR A CA  1 
ATOM   343  C  C   . THR A 1 49  ? -4.779  -1.282  -0.624  1.00 42.74  ? 40  THR A C   1 
ATOM   344  O  O   . THR A 1 49  ? -4.141  -2.234  -1.067  1.00 48.55  ? 40  THR A O   1 
ATOM   345  C  CB  . THR A 1 49  ? -6.775  -0.252  -1.860  1.00 43.77  ? 40  THR A CB  1 
ATOM   346  O  OG1 . THR A 1 49  ? -8.194  -0.332  -1.953  1.00 42.55  ? 40  THR A OG1 1 
ATOM   347  C  CG2 . THR A 1 49  ? -6.228  -0.529  -3.243  1.00 45.33  ? 40  THR A CG2 1 
ATOM   348  N  N   . HIS A 1 50  ? -4.205  -0.275  0.046   1.00 42.13  ? 41  HIS A N   1 
ATOM   349  C  CA  . HIS A 1 50  ? -2.760  -0.191  0.216   1.00 42.60  ? 41  HIS A CA  1 
ATOM   350  C  C   . HIS A 1 50  ? -2.225  -1.450  0.905   1.00 45.45  ? 41  HIS A C   1 
ATOM   351  O  O   . HIS A 1 50  ? -1.143  -1.934  0.578   1.00 46.33  ? 41  HIS A O   1 
ATOM   352  C  CB  . HIS A 1 50  ? -2.371  1.082   0.982   1.00 44.18  ? 41  HIS A CB  1 
ATOM   353  C  CG  . HIS A 1 50  ? -0.930  1.128   1.371   1.00 44.14  ? 41  HIS A CG  1 
ATOM   354  N  ND1 . HIS A 1 50  ? -0.469  0.583   2.547   1.00 45.85  ? 41  HIS A ND1 1 
ATOM   355  C  CD2 . HIS A 1 50  ? 0.152   1.577   0.723   1.00 44.11  ? 41  HIS A CD2 1 
ATOM   356  C  CE1 . HIS A 1 50  ? 0.847   0.724   2.609   1.00 47.63  ? 41  HIS A CE1 1 
ATOM   357  N  NE2 . HIS A 1 50  ? 1.245   1.331   1.512   1.00 45.28  ? 41  HIS A NE2 1 
ATOM   358  N  N   . LEU A 1 51  ? -2.982  -1.967  1.879   1.00 50.91  ? 42  LEU A N   1 
ATOM   359  C  CA  . LEU A 1 51  ? -2.612  -3.175  2.611   1.00 47.64  ? 42  LEU A CA  1 
ATOM   360  C  C   . LEU A 1 51  ? -2.593  -4.377  1.676   1.00 45.35  ? 42  LEU A C   1 
ATOM   361  O  O   . LEU A 1 51  ? -1.638  -5.153  1.677   1.00 41.87  ? 42  LEU A O   1 
ATOM   362  C  CB  . LEU A 1 51  ? -3.622  -3.404  3.739   1.00 48.61  ? 42  LEU A CB  1 
ATOM   363  C  CG  . LEU A 1 51  ? -3.261  -2.770  5.075   1.00 48.07  ? 42  LEU A CG  1 
ATOM   364  C  CD1 . LEU A 1 51  ? -4.498  -2.595  5.932   1.00 48.10  ? 42  LEU A CD1 1 
ATOM   365  C  CD2 . LEU A 1 51  ? -2.241  -3.632  5.793   1.00 52.77  ? 42  LEU A CD2 1 
ATOM   366  N  N   . GLU A 1 52  ? -3.665  -4.523  0.884   1.00 44.84  ? 43  GLU A N   1 
ATOM   367  C  CA  . GLU A 1 52  ? -3.812  -5.680  0.018   1.00 44.53  ? 43  GLU A CA  1 
ATOM   368  C  C   . GLU A 1 52  ? -2.677  -5.724  -0.996  1.00 41.63  ? 43  GLU A C   1 
ATOM   369  O  O   . GLU A 1 52  ? -2.145  -6.790  -1.273  1.00 43.99  ? 43  GLU A O   1 
ATOM   370  C  CB  . GLU A 1 52  ? -5.146  -5.651  -0.718  1.00 46.40  ? 43  GLU A CB  1 
ATOM   371  C  CG  . GLU A 1 52  ? -5.428  -6.927  -1.476  1.00 48.21  ? 43  GLU A CG  1 
ATOM   372  C  CD  . GLU A 1 52  ? -6.886  -7.045  -1.866  1.00 52.97  ? 43  GLU A CD  1 
ATOM   373  O  OE1 . GLU A 1 52  ? -7.308  -6.288  -2.746  1.00 59.66  ? 43  GLU A OE1 1 
ATOM   374  O  OE2 . GLU A 1 52  ? -7.605  -7.858  -1.254  1.00 65.28  ? 43  GLU A OE2 1 
ATOM   375  N  N   . VAL A 1 53  ? -2.327  -4.563  -1.554  1.00 41.37  ? 44  VAL A N   1 
ATOM   376  C  CA  . VAL A 1 53  ? -1.259  -4.493  -2.539  1.00 43.31  ? 44  VAL A CA  1 
ATOM   377  C  C   . VAL A 1 53  ? 0.039   -4.972  -1.897  1.00 44.97  ? 44  VAL A C   1 
ATOM   378  O  O   . VAL A 1 53  ? 0.725   -5.829  -2.450  1.00 46.91  ? 44  VAL A O   1 
ATOM   379  C  CB  . VAL A 1 53  ? -1.127  -3.074  -3.124  1.00 43.90  ? 44  VAL A CB  1 
ATOM   380  C  CG1 . VAL A 1 53  ? 0.181   -2.873  -3.876  1.00 45.35  ? 44  VAL A CG1 1 
ATOM   381  C  CG2 . VAL A 1 53  ? -2.310  -2.740  -4.020  1.00 42.69  ? 44  VAL A CG2 1 
ATOM   382  N  N   . CYS A 1 54  ? 0.342   -4.422  -0.715  1.00 45.23  ? 45  CYS A N   1 
ATOM   383  C  CA  . CYS A 1 54  ? 1.526   -4.778  0.050   1.00 42.98  ? 45  CYS A CA  1 
ATOM   384  C  C   . CYS A 1 54  ? 1.613   -6.297  0.230   1.00 43.55  ? 45  CYS A C   1 
ATOM   385  O  O   . CYS A 1 54  ? 2.686   -6.881  0.084   1.00 42.40  ? 45  CYS A O   1 
ATOM   386  C  CB  . CYS A 1 54  ? 1.522   -4.061  1.399   1.00 41.80  ? 45  CYS A CB  1 
ATOM   387  S  SG  . CYS A 1 54  ? 1.866   -2.281  1.312   0.80 34.69  ? 45  CYS A SG  1 
ATOM   388  N  N   . PHE A 1 55  ? 0.479   -6.941  0.530   1.00 45.57  ? 46  PHE A N   1 
ATOM   389  C  CA  . PHE A 1 55  ? 0.463   -8.379  0.765   1.00 47.26  ? 46  PHE A CA  1 
ATOM   390  C  C   . PHE A 1 55  ? 0.607   -9.121  -0.562  1.00 49.09  ? 46  PHE A C   1 
ATOM   391  O  O   . PHE A 1 55  ? 1.248   -10.168 -0.614  1.00 56.89  ? 46  PHE A O   1 
ATOM   392  C  CB  . PHE A 1 55  ? -0.792  -8.813  1.535   1.00 46.35  ? 46  PHE A CB  1 
ATOM   393  C  CG  . PHE A 1 55  ? -0.938  -8.269  2.941   1.00 52.60  ? 46  PHE A CG  1 
ATOM   394  C  CD1 . PHE A 1 55  ? 0.105   -7.617  3.594   1.00 55.89  ? 46  PHE A CD1 1 
ATOM   395  C  CD2 . PHE A 1 55  ? -2.145  -8.390  3.615   1.00 55.92  ? 46  PHE A CD2 1 
ATOM   396  C  CE1 . PHE A 1 55  ? -0.055  -7.113  4.877   1.00 55.18  ? 46  PHE A CE1 1 
ATOM   397  C  CE2 . PHE A 1 55  ? -2.305  -7.885  4.897   1.00 57.39  ? 46  PHE A CE2 1 
ATOM   398  C  CZ  . PHE A 1 55  ? -1.259  -7.249  5.528   1.00 57.01  ? 46  PHE A CZ  1 
ATOM   399  N  N   . MET A 1 56  ? 0.018   -8.575  -1.634  1.00 49.78  ? 47  MET A N   1 
ATOM   400  C  CA  . MET A 1 56  ? 0.120   -9.193  -2.949  1.00 48.81  ? 47  MET A CA  1 
ATOM   401  C  C   . MET A 1 56  ? 1.568   -9.103  -3.431  1.00 47.75  ? 47  MET A C   1 
ATOM   402  O  O   . MET A 1 56  ? 2.141   -10.094 -3.877  1.00 49.97  ? 47  MET A O   1 
ATOM   403  C  CB  . MET A 1 56  ? -0.817  -8.524  -3.962  1.00 47.62  ? 47  MET A CB  1 
ATOM   404  C  CG  . MET A 1 56  ? -2.269  -8.972  -3.844  1.00 46.70  ? 47  MET A CG  1 
ATOM   405  S  SD  . MET A 1 56  ? -3.369  -8.172  -5.051  0.70 44.25  ? 47  MET A SD  1 
ATOM   406  C  CE  . MET A 1 56  ? -3.094  -9.206  -6.487  1.00 47.61  ? 47  MET A CE  1 
ATOM   407  N  N   . TYR A 1 57  ? 2.166   -7.917  -3.294  1.00 47.90  ? 48  TYR A N   1 
ATOM   408  C  CA  . TYR A 1 57  ? 3.553   -7.692  -3.685  1.00 51.77  ? 48  TYR A CA  1 
ATOM   409  C  C   . TYR A 1 57  ? 4.489   -8.684  -2.986  1.00 55.03  ? 48  TYR A C   1 
ATOM   410  O  O   . TYR A 1 57  ? 5.456   -9.142  -3.582  1.00 59.50  ? 48  TYR A O   1 
ATOM   411  C  CB  . TYR A 1 57  ? 3.896   -6.235  -3.362  1.00 50.75  ? 48  TYR A CB  1 
ATOM   412  C  CG  . TYR A 1 57  ? 5.037   -5.574  -4.123  1.00 50.31  ? 48  TYR A CG  1 
ATOM   413  C  CD1 . TYR A 1 57  ? 6.352   -6.014  -4.008  1.00 52.80  ? 48  TYR A CD1 1 
ATOM   414  C  CD2 . TYR A 1 57  ? 4.802   -4.450  -4.902  1.00 50.57  ? 48  TYR A CD2 1 
ATOM   415  C  CE1 . TYR A 1 57  ? 7.389   -5.375  -4.670  1.00 50.32  ? 48  TYR A CE1 1 
ATOM   416  C  CE2 . TYR A 1 57  ? 5.828   -3.803  -5.569  1.00 52.35  ? 48  TYR A CE2 1 
ATOM   417  C  CZ  . TYR A 1 57  ? 7.125   -4.266  -5.454  1.00 50.90  ? 48  TYR A CZ  1 
ATOM   418  O  OH  . TYR A 1 57  ? 8.122   -3.616  -6.125  1.00 58.51  ? 48  TYR A OH  1 
ATOM   419  N  N   . SER A 1 58  ? 4.213   -9.026  -1.723  1.00 62.21  ? 49  SER A N   1 
ATOM   420  C  CA  . SER A 1 58  ? 5.122   -9.875  -0.970  1.00 65.55  ? 49  SER A CA  1 
ATOM   421  C  C   . SER A 1 58  ? 5.067   -11.325 -1.452  1.00 64.10  ? 49  SER A C   1 
ATOM   422  O  O   . SER A 1 58  ? 6.071   -12.021 -1.364  1.00 63.45  ? 49  SER A O   1 
ATOM   423  C  CB  . SER A 1 58  ? 4.862   -9.778  0.510   1.00 67.00  ? 49  SER A CB  1 
ATOM   424  O  OG  . SER A 1 58  ? 3.479   -9.939  0.789   1.00 70.95  ? 49  SER A OG  1 
ATOM   425  N  N   . ASP A 1 59  ? 3.907   -11.781 -1.951  1.00 66.38  ? 50  ASP A N   1 
ATOM   426  C  CA  . ASP A 1 59  ? 3.739   -13.165 -2.376  1.00 66.86  ? 50  ASP A CA  1 
ATOM   427  C  C   . ASP A 1 59  ? 3.946   -13.269 -3.884  1.00 67.82  ? 50  ASP A C   1 
ATOM   428  O  O   . ASP A 1 59  ? 3.318   -14.100 -4.529  1.00 69.81  ? 50  ASP A O   1 
ATOM   429  C  CB  . ASP A 1 59  ? 2.365   -13.717 -1.981  1.00 68.40  ? 50  ASP A CB  1 
ATOM   430  N  N   . GLY A 1 60  ? 4.867   -12.463 -4.427  1.00 75.45  ? 51  GLY A N   1 
ATOM   431  C  CA  . GLY A 1 60  ? 4.991   -12.264 -5.863  1.00 78.13  ? 51  GLY A CA  1 
ATOM   432  C  C   . GLY A 1 60  ? 6.325   -12.752 -6.423  1.00 82.79  ? 51  GLY A C   1 
ATOM   433  O  O   . GLY A 1 60  ? 6.406   -13.083 -7.604  1.00 86.47  ? 51  GLY A O   1 
ATOM   434  N  N   . GLY A 1 61  ? 7.367   -12.762 -5.580  1.00 87.23  ? 52  GLY A N   1 
ATOM   435  C  CA  . GLY A 1 61  ? 8.655   -13.336 -5.936  1.00 85.01  ? 52  GLY A CA  1 
ATOM   436  C  C   . GLY A 1 61  ? 8.772   -14.772 -5.436  1.00 85.07  ? 52  GLY A C   1 
ATOM   437  O  O   . GLY A 1 61  ? 7.779   -15.496 -5.398  1.00 80.87  ? 52  GLY A O   1 
ATOM   438  N  N   . SER A 1 62  ? 9.990   -15.165 -5.045  1.00 86.17  ? 53  SER A N   1 
ATOM   439  C  CA  . SER A 1 62  ? 10.218  -16.459 -4.420  1.00 84.29  ? 53  SER A CA  1 
ATOM   440  C  C   . SER A 1 62  ? 9.640   -16.456 -3.007  1.00 85.94  ? 53  SER A C   1 
ATOM   441  O  O   . SER A 1 62  ? 9.182   -15.422 -2.523  1.00 86.15  ? 53  SER A O   1 
ATOM   442  C  CB  . SER A 1 62  ? 11.681  -16.796 -4.400  1.00 84.15  ? 53  SER A CB  1 
ATOM   443  O  OG  . SER A 1 62  ? 12.336  -16.126 -3.335  1.00 89.33  ? 53  SER A OG  1 
ATOM   444  N  N   . LYS A 1 63  ? 9.662   -17.627 -2.358  1.00 83.93  ? 73  LYS A N   1 
ATOM   445  C  CA  . LYS A 1 63  ? 9.309   -17.728 -0.953  1.00 81.06  ? 73  LYS A CA  1 
ATOM   446  C  C   . LYS A 1 63  ? 10.260  -16.866 -0.136  1.00 82.17  ? 73  LYS A C   1 
ATOM   447  O  O   . LYS A 1 63  ? 11.476  -17.007 -0.247  1.00 86.25  ? 73  LYS A O   1 
ATOM   448  C  CB  . LYS A 1 63  ? 9.397   -19.171 -0.451  1.00 85.85  ? 73  LYS A CB  1 
ATOM   449  C  CG  . LYS A 1 63  ? 8.181   -20.023 -0.770  1.00 91.59  ? 73  LYS A CG  1 
ATOM   450  C  CD  . LYS A 1 63  ? 8.324   -21.473 -0.404  1.00 94.20  ? 73  LYS A CD  1 
ATOM   451  C  CE  . LYS A 1 63  ? 8.541   -21.707 1.073   1.00 96.69  ? 73  LYS A CE  1 
ATOM   452  N  NZ  . LYS A 1 63  ? 8.682   -23.155 1.343   1.00 101.21 ? 73  LYS A NZ  1 
ATOM   453  N  N   . HIS A 1 64  ? 9.686   -15.962 0.662   1.00 81.04  ? 74  HIS A N   1 
ATOM   454  C  CA  . HIS A 1 64  ? 10.437  -15.234 1.668   1.00 80.25  ? 74  HIS A CA  1 
ATOM   455  C  C   . HIS A 1 64  ? 11.540  -14.405 1.005   1.00 72.83  ? 74  HIS A C   1 
ATOM   456  O  O   . HIS A 1 64  ? 12.621  -14.242 1.574   1.00 71.43  ? 74  HIS A O   1 
ATOM   457  C  CB  . HIS A 1 64  ? 10.961  -16.228 2.713   1.00 87.36  ? 74  HIS A CB  1 
ATOM   458  C  CG  . HIS A 1 64  ? 11.006  -15.695 4.104   1.00 90.36  ? 74  HIS A CG  1 
ATOM   459  N  ND1 . HIS A 1 64  ? 9.866   -15.459 4.841   1.00 87.29  ? 74  HIS A ND1 1 
ATOM   460  C  CD2 . HIS A 1 64  ? 12.039  -15.378 4.896   1.00 94.12  ? 74  HIS A CD2 1 
ATOM   461  C  CE1 . HIS A 1 64  ? 10.210  -15.001 6.035   1.00 90.95  ? 74  HIS A CE1 1 
ATOM   462  N  NE2 . HIS A 1 64  ? 11.526  -14.945 6.089   1.00 97.10  ? 74  HIS A NE2 1 
ATOM   463  N  N   . ARG A 1 65  ? 11.268  -13.879 -0.198  1.00 66.29  ? 75  ARG A N   1 
ATOM   464  C  CA  . ARG A 1 65  ? 12.118  -12.856 -0.787  1.00 64.16  ? 75  ARG A CA  1 
ATOM   465  C  C   . ARG A 1 65  ? 11.872  -11.530 -0.075  1.00 64.00  ? 75  ARG A C   1 
ATOM   466  O  O   . ARG A 1 65  ? 12.774  -10.698 0.023   1.00 66.97  ? 75  ARG A O   1 
ATOM   467  C  CB  . ARG A 1 65  ? 11.841  -12.658 -2.280  1.00 66.34  ? 75  ARG A CB  1 
ATOM   468  C  CG  . ARG A 1 65  ? 12.486  -11.401 -2.851  1.00 68.58  ? 75  ARG A CG  1 
ATOM   469  C  CD  . ARG A 1 65  ? 12.654  -11.411 -4.355  1.00 71.63  ? 75  ARG A CD  1 
ATOM   470  N  NE  . ARG A 1 65  ? 13.238  -10.161 -4.831  1.00 76.87  ? 75  ARG A NE  1 
ATOM   471  C  CZ  . ARG A 1 65  ? 13.013  -9.622  -6.028  1.00 79.85  ? 75  ARG A CZ  1 
ATOM   472  N  NH1 . ARG A 1 65  ? 12.433  -10.339 -6.976  1.00 81.45  ? 75  ARG A NH1 1 
ATOM   473  N  NH2 . ARG A 1 65  ? 13.413  -8.385  -6.290  1.00 75.40  ? 75  ARG A NH2 1 
ATOM   474  N  N   . PHE A 1 66  ? 10.633  -11.336 0.391   1.00 59.37  ? 76  PHE A N   1 
ATOM   475  C  CA  . PHE A 1 66  ? 10.257  -10.105 1.058   1.00 59.06  ? 76  PHE A CA  1 
ATOM   476  C  C   . PHE A 1 66  ? 9.902   -10.360 2.511   1.00 59.13  ? 76  PHE A C   1 
ATOM   477  O  O   . PHE A 1 66  ? 9.279   -11.365 2.848   1.00 59.36  ? 76  PHE A O   1 
ATOM   478  C  CB  . PHE A 1 66  ? 9.047   -9.450  0.397   1.00 58.01  ? 76  PHE A CB  1 
ATOM   479  C  CG  . PHE A 1 66  ? 9.255   -9.217  -1.070  1.00 57.73  ? 76  PHE A CG  1 
ATOM   480  C  CD1 . PHE A 1 66  ? 10.185  -8.289  -1.505  1.00 58.69  ? 76  PHE A CD1 1 
ATOM   481  C  CD2 . PHE A 1 66  ? 8.582   -9.977  -2.008  1.00 58.65  ? 76  PHE A CD2 1 
ATOM   482  C  CE1 . PHE A 1 66  ? 10.402  -8.094  -2.858  1.00 60.84  ? 76  PHE A CE1 1 
ATOM   483  C  CE2 . PHE A 1 66  ? 8.808   -9.787  -3.360  1.00 60.41  ? 76  PHE A CE2 1 
ATOM   484  C  CZ  . PHE A 1 66  ? 9.715   -8.843  -3.783  1.00 59.71  ? 76  PHE A CZ  1 
ATOM   485  N  N   . GLU A 1 67  ? 10.300  -9.388  3.331   1.00 58.59  ? 77  GLU A N   1 
ATOM   486  C  CA  . GLU A 1 67  ? 9.797   -9.212  4.677   1.00 55.81  ? 77  GLU A CA  1 
ATOM   487  C  C   . GLU A 1 67  ? 8.727   -8.120  4.637   1.00 52.69  ? 77  GLU A C   1 
ATOM   488  O  O   . GLU A 1 67  ? 8.958   -7.053  4.067   1.00 51.05  ? 77  GLU A O   1 
ATOM   489  C  CB  . GLU A 1 67  ? 10.974  -8.850  5.585   1.00 55.95  ? 77  GLU A CB  1 
ATOM   490  C  CG  . GLU A 1 67  ? 10.800  -9.312  7.008   1.00 57.01  ? 77  GLU A CG  1 
ATOM   491  C  CD  . GLU A 1 67  ? 10.553  -10.805 7.103   1.00 59.57  ? 77  GLU A CD  1 
ATOM   492  O  OE1 . GLU A 1 67  ? 11.528  -11.572 6.918   1.00 50.90  ? 77  GLU A OE1 1 
ATOM   493  O  OE2 . GLU A 1 67  ? 9.372   -11.191 7.311   1.00 60.10  ? 77  GLU A OE2 1 
ATOM   494  N  N   . ILE A 1 68  ? 7.555   -8.426  5.207   1.00 49.63  ? 78  ILE A N   1 
ATOM   495  C  CA  . ILE A 1 68  ? 6.449   -7.492  5.335   1.00 48.66  ? 78  ILE A CA  1 
ATOM   496  C  C   . ILE A 1 68  ? 6.664   -6.647  6.586   1.00 52.56  ? 78  ILE A C   1 
ATOM   497  O  O   . ILE A 1 68  ? 6.961   -7.178  7.650   1.00 52.41  ? 78  ILE A O   1 
ATOM   498  C  CB  . ILE A 1 68  ? 5.092   -8.224  5.413   1.00 47.74  ? 78  ILE A CB  1 
ATOM   499  C  CG1 . ILE A 1 68  ? 4.923   -9.248  4.287   1.00 51.18  ? 78  ILE A CG1 1 
ATOM   500  C  CG2 . ILE A 1 68  ? 3.957   -7.214  5.442   1.00 49.19  ? 78  ILE A CG2 1 
ATOM   501  C  CD1 . ILE A 1 68  ? 3.504   -9.753  4.088   1.00 50.72  ? 78  ILE A CD1 1 
ATOM   502  N  N   . ILE A 1 69  ? 6.455   -5.334  6.455   1.00 53.03  ? 79  ILE A N   1 
ATOM   503  C  CA  . ILE A 1 69  ? 6.612   -4.412  7.566   1.00 48.65  ? 79  ILE A CA  1 
ATOM   504  C  C   . ILE A 1 69  ? 5.268   -3.740  7.859   1.00 46.28  ? 79  ILE A C   1 
ATOM   505  O  O   . ILE A 1 69  ? 4.923   -3.529  9.018   1.00 48.23  ? 79  ILE A O   1 
ATOM   506  C  CB  . ILE A 1 69  ? 7.749   -3.419  7.249   1.00 47.89  ? 79  ILE A CB  1 
ATOM   507  C  CG1 . ILE A 1 69  ? 9.061   -4.160  6.968   1.00 50.42  ? 79  ILE A CG1 1 
ATOM   508  C  CG2 . ILE A 1 69  ? 7.907   -2.390  8.357   1.00 46.42  ? 79  ILE A CG2 1 
ATOM   509  C  CD1 . ILE A 1 69  ? 10.180  -3.284  6.457   1.00 50.79  ? 79  ILE A CD1 1 
ATOM   510  N  N   . GLU A 1 70  ? 4.506   -3.416  6.807   1.00 46.55  ? 80  GLU A N   1 
ATOM   511  C  CA  . GLU A 1 70  ? 3.183   -2.824  6.950   1.00 45.11  ? 80  GLU A CA  1 
ATOM   512  C  C   . GLU A 1 70  ? 2.249   -3.860  7.573   1.00 43.30  ? 80  GLU A C   1 
ATOM   513  O  O   . GLU A 1 70  ? 2.437   -5.052  7.364   1.00 48.35  ? 80  GLU A O   1 
ATOM   514  C  CB  . GLU A 1 70  ? 2.690   -2.373  5.571   1.00 45.53  ? 80  GLU A CB  1 
ATOM   515  C  CG  . GLU A 1 70  ? 1.352   -1.650  5.581   1.00 45.83  ? 80  GLU A CG  1 
ATOM   516  C  CD  . GLU A 1 70  ? 1.394   -0.266  6.196   1.00 43.51  ? 80  GLU A CD  1 
ATOM   517  O  OE1 . GLU A 1 70  ? 2.036   0.628   5.607   1.00 40.70  ? 80  GLU A OE1 1 
ATOM   518  O  OE2 . GLU A 1 70  ? 0.804   -0.094  7.274   1.00 44.79  ? 80  GLU A OE2 1 
ATOM   519  N  N   . GLY A 1 71  ? 1.245   -3.402  8.332   1.00 43.71  ? 81  GLY A N   1 
ATOM   520  C  CA  . GLY A 1 71  ? 0.267   -4.283  8.959   1.00 43.38  ? 81  GLY A CA  1 
ATOM   521  C  C   . GLY A 1 71  ? 0.658   -4.705  10.377  1.00 46.36  ? 81  GLY A C   1 
ATOM   522  O  O   . GLY A 1 71  ? -0.193  -5.125  11.157  1.00 53.19  ? 81  GLY A O   1 
ATOM   523  N  N   . ARG A 1 72  ? 1.948   -4.578  10.701  1.00 46.65  ? 82  ARG A N   1 
ATOM   524  C  CA  . ARG A 1 72  ? 2.480   -4.893  12.015  1.00 46.19  ? 82  ARG A CA  1 
ATOM   525  C  C   . ARG A 1 72  ? 2.361   -3.705  12.964  1.00 47.23  ? 82  ARG A C   1 
ATOM   526  O  O   . ARG A 1 72  ? 2.459   -2.557  12.535  1.00 52.46  ? 82  ARG A O   1 
ATOM   527  C  CB  . ARG A 1 72  ? 3.954   -5.278  11.867  1.00 46.41  ? 82  ARG A CB  1 
ATOM   528  C  CG  . ARG A 1 72  ? 4.186   -6.485  10.970  1.00 45.50  ? 82  ARG A CG  1 
ATOM   529  C  CD  . ARG A 1 72  ? 5.636   -6.901  10.996  1.00 47.83  ? 82  ARG A CD  1 
ATOM   530  N  NE  . ARG A 1 72  ? 5.918   -8.036  10.129  1.00 52.88  ? 82  ARG A NE  1 
ATOM   531  C  CZ  . ARG A 1 72  ? 5.757   -9.317  10.447  1.00 51.53  ? 82  ARG A CZ  1 
ATOM   532  N  NH1 . ARG A 1 72  ? 5.209   -9.675  11.597  1.00 54.50  ? 82  ARG A NH1 1 
ATOM   533  N  NH2 . ARG A 1 72  ? 6.140   -10.241 9.588   1.00 50.90  ? 82  ARG A NH2 1 
ATOM   534  N  N   . ASP A 1 73  ? 2.201   -3.990  14.265  1.00 49.94  ? 83  ASP A N   1 
ATOM   535  C  CA  . ASP A 1 73  ? 2.284   -2.958  15.288  1.00 50.91  ? 83  ASP A CA  1 
ATOM   536  C  C   . ASP A 1 73  ? 3.680   -2.341  15.235  1.00 47.35  ? 83  ASP A C   1 
ATOM   537  O  O   . ASP A 1 73  ? 4.619   -2.922  14.698  1.00 47.70  ? 83  ASP A O   1 
ATOM   538  C  CB  . ASP A 1 73  ? 1.909   -3.473  16.685  1.00 54.82  ? 83  ASP A CB  1 
ATOM   539  C  CG  . ASP A 1 73  ? 2.892   -4.451  17.310  1.00 62.36  ? 83  ASP A CG  1 
ATOM   540  O  OD1 . ASP A 1 73  ? 4.119   -4.231  17.190  1.00 61.61  ? 83  ASP A OD1 1 
ATOM   541  O  OD2 . ASP A 1 73  ? 2.422   -5.405  17.960  1.00 71.13  ? 83  ASP A OD2 1 
ATOM   542  N  N   . ARG A 1 74  ? 3.801   -1.147  15.809  1.00 44.82  ? 84  ARG A N   1 
ATOM   543  C  CA  . ARG A 1 74  ? 4.979   -0.320  15.619  1.00 45.38  ? 84  ARG A CA  1 
ATOM   544  C  C   . ARG A 1 74  ? 6.222   -1.001  16.194  1.00 47.56  ? 84  ARG A C   1 
ATOM   545  O  O   . ARG A 1 74  ? 7.309   -0.888  15.615  1.00 46.01  ? 84  ARG A O   1 
ATOM   546  C  CB  . ARG A 1 74  ? 4.710   1.062   16.218  1.00 46.06  ? 84  ARG A CB  1 
ATOM   547  C  CG  . ARG A 1 74  ? 3.570   1.803   15.535  1.00 45.18  ? 84  ARG A CG  1 
ATOM   548  C  CD  . ARG A 1 74  ? 3.254   3.153   16.149  1.00 48.90  ? 84  ARG A CD  1 
ATOM   549  N  NE  . ARG A 1 74  ? 2.220   3.855   15.390  1.00 53.02  ? 84  ARG A NE  1 
ATOM   550  C  CZ  . ARG A 1 74  ? 0.925   3.524   15.341  1.00 57.13  ? 84  ARG A CZ  1 
ATOM   551  N  NH1 . ARG A 1 74  ? 0.108   4.181   14.530  1.00 58.14  ? 84  ARG A NH1 1 
ATOM   552  N  NH2 . ARG A 1 74  ? 0.443   2.538   16.085  1.00 55.20  ? 84  ARG A NH2 1 
ATOM   553  N  N   . ILE A 1 75  ? 6.054   -1.727  17.311  1.00 50.03  ? 85  ILE A N   1 
ATOM   554  C  CA  . ILE A 1 75  ? 7.166   -2.361  18.008  1.00 50.67  ? 85  ILE A CA  1 
ATOM   555  C  C   . ILE A 1 75  ? 7.735   -3.507  17.172  1.00 49.30  ? 85  ILE A C   1 
ATOM   556  O  O   . ILE A 1 75  ? 8.951   -3.638  17.055  1.00 48.25  ? 85  ILE A O   1 
ATOM   557  C  CB  . ILE A 1 75  ? 6.752   -2.847  19.413  1.00 53.19  ? 85  ILE A CB  1 
ATOM   558  C  CG1 . ILE A 1 75  ? 6.321   -1.686  20.314  1.00 55.21  ? 85  ILE A CG1 1 
ATOM   559  C  CG2 . ILE A 1 75  ? 7.868   -3.667  20.052  1.00 53.46  ? 85  ILE A CG2 1 
ATOM   560  C  CD1 . ILE A 1 75  ? 5.971   -2.094  21.731  1.00 55.55  ? 85  ILE A CD1 1 
ATOM   561  N  N   . MET A 1 76  ? 6.858   -4.366  16.635  1.00 51.17  ? 86  MET A N   1 
ATOM   562  C  CA  . MET A 1 76  ? 7.306   -5.482  15.815  1.00 49.59  ? 86  MET A CA  1 
ATOM   563  C  C   . MET A 1 76  ? 7.846   -4.934  14.502  1.00 50.59  ? 86  MET A C   1 
ATOM   564  O  O   . MET A 1 76  ? 8.830   -5.449  13.968  1.00 53.84  ? 86  MET A O   1 
ATOM   565  C  CB  . MET A 1 76  ? 6.174   -6.471  15.519  1.00 50.88  ? 86  MET A CB  1 
ATOM   566  C  CG  . MET A 1 76  ? 5.751   -7.298  16.729  1.00 54.62  ? 86  MET A CG  1 
ATOM   567  S  SD  . MET A 1 76  ? 7.137   -8.051  17.642  0.49 51.66  ? 86  MET A SD  1 
ATOM   568  C  CE  . MET A 1 76  ? 8.038   -8.816  16.298  1.00 50.91  ? 86  MET A CE  1 
ATOM   569  N  N   . ALA A 1 77  ? 7.198   -3.872  14.004  1.00 46.84  ? 87  ALA A N   1 
ATOM   570  C  CA  . ALA A 1 77  ? 7.610   -3.243  12.764  1.00 43.53  ? 87  ALA A CA  1 
ATOM   571  C  C   . ALA A 1 77  ? 9.043   -2.750  12.898  1.00 43.63  ? 87  ALA A C   1 
ATOM   572  O  O   . ALA A 1 77  ? 9.858   -3.048  12.036  1.00 48.81  ? 87  ALA A O   1 
ATOM   573  C  CB  . ALA A 1 77  ? 6.675   -2.121  12.406  1.00 47.05  ? 87  ALA A CB  1 
ATOM   574  N  N   . TRP A 1 78  ? 9.349   -2.031  13.990  1.00 45.55  ? 88  TRP A N   1 
ATOM   575  C  CA  . TRP A 1 78  ? 10.700  -1.535  14.223  1.00 43.19  ? 88  TRP A CA  1 
ATOM   576  C  C   . TRP A 1 78  ? 11.634  -2.658  14.669  1.00 43.99  ? 88  TRP A C   1 
ATOM   577  O  O   . TRP A 1 78  ? 12.846  -2.544  14.522  1.00 48.97  ? 88  TRP A O   1 
ATOM   578  C  CB  . TRP A 1 78  ? 10.715  -0.379  15.235  1.00 42.39  ? 88  TRP A CB  1 
ATOM   579  C  CG  . TRP A 1 78  ? 10.319  0.949   14.647  1.00 40.78  ? 88  TRP A CG  1 
ATOM   580  C  CD1 . TRP A 1 78  ? 9.177   1.648   14.907  1.00 43.57  ? 88  TRP A CD1 1 
ATOM   581  C  CD2 . TRP A 1 78  ? 11.060  1.732   13.689  1.00 42.44  ? 88  TRP A CD2 1 
ATOM   582  N  NE1 . TRP A 1 78  ? 9.146   2.801   14.172  1.00 43.53  ? 88  TRP A NE1 1 
ATOM   583  C  CE2 . TRP A 1 78  ? 10.289  2.885   13.421  1.00 45.06  ? 88  TRP A CE2 1 
ATOM   584  C  CE3 . TRP A 1 78  ? 12.286  1.576   13.033  1.00 45.38  ? 88  TRP A CE3 1 
ATOM   585  C  CZ2 . TRP A 1 78  ? 10.713  3.872   12.532  1.00 44.88  ? 88  TRP A CZ2 1 
ATOM   586  C  CZ3 . TRP A 1 78  ? 12.701  2.550   12.152  1.00 44.94  ? 88  TRP A CZ3 1 
ATOM   587  C  CH2 . TRP A 1 78  ? 11.922  3.679   11.904  1.00 45.20  ? 88  TRP A CH2 1 
ATOM   588  N  N   . THR A 1 79  ? 11.098  -3.751  15.208  1.00 45.78  ? 89  THR A N   1 
ATOM   589  C  CA  . THR A 1 79  ? 11.951  -4.888  15.510  1.00 51.12  ? 89  THR A CA  1 
ATOM   590  C  C   . THR A 1 79  ? 12.535  -5.434  14.206  1.00 53.93  ? 89  THR A C   1 
ATOM   591  O  O   . THR A 1 79  ? 13.750  -5.590  14.083  1.00 61.55  ? 89  THR A O   1 
ATOM   592  C  CB  . THR A 1 79  ? 11.203  -5.944  16.329  1.00 52.85  ? 89  THR A CB  1 
ATOM   593  O  OG1 . THR A 1 79  ? 10.913  -5.369  17.604  1.00 51.88  ? 89  THR A OG1 1 
ATOM   594  C  CG2 . THR A 1 79  ? 12.001  -7.213  16.516  1.00 52.89  ? 89  THR A CG2 1 
ATOM   595  N  N   . VAL A 1 80  ? 11.655  -5.702  13.235  1.00 53.44  ? 90  VAL A N   1 
ATOM   596  C  CA  . VAL A 1 80  ? 12.045  -6.239  11.940  1.00 50.27  ? 90  VAL A CA  1 
ATOM   597  C  C   . VAL A 1 80  ? 13.056  -5.301  11.288  1.00 50.08  ? 90  VAL A C   1 
ATOM   598  O  O   . VAL A 1 80  ? 14.106  -5.724  10.811  1.00 50.47  ? 90  VAL A O   1 
ATOM   599  C  CB  . VAL A 1 80  ? 10.810  -6.441  11.043  1.00 50.30  ? 90  VAL A CB  1 
ATOM   600  C  CG1 . VAL A 1 80  ? 11.183  -6.582  9.574   1.00 53.83  ? 90  VAL A CG1 1 
ATOM   601  C  CG2 . VAL A 1 80  ? 9.957   -7.615  11.507  1.00 46.91  ? 90  VAL A CG2 1 
ATOM   602  N  N   . VAL A 1 81  ? 12.722  -4.016  11.276  1.00 53.03  ? 91  VAL A N   1 
ATOM   603  C  CA  . VAL A 1 81  ? 13.536  -3.023  10.600  1.00 58.12  ? 91  VAL A CA  1 
ATOM   604  C  C   . VAL A 1 81  ? 14.918  -2.981  11.248  1.00 63.89  ? 91  VAL A C   1 
ATOM   605  O  O   . VAL A 1 81  ? 15.917  -3.105  10.544  1.00 77.17  ? 91  VAL A O   1 
ATOM   606  C  CB  . VAL A 1 81  ? 12.833  -1.652  10.583  1.00 54.84  ? 91  VAL A CB  1 
ATOM   607  C  CG1 . VAL A 1 81  ? 13.771  -0.511  10.228  1.00 56.43  ? 91  VAL A CG1 1 
ATOM   608  C  CG2 . VAL A 1 81  ? 11.652  -1.672  9.633   1.00 53.90  ? 91  VAL A CG2 1 
ATOM   609  N  N   . ASN A 1 82  ? 14.975  -2.829  12.580  1.00 67.80  ? 92  ASN A N   1 
ATOM   610  C  CA  . ASN A 1 82  ? 16.245  -2.684  13.282  1.00 65.64  ? 92  ASN A CA  1 
ATOM   611  C  C   . ASN A 1 82  ? 17.107  -3.930  13.063  1.00 61.53  ? 92  ASN A C   1 
ATOM   612  O  O   . ASN A 1 82  ? 18.321  -3.825  12.902  1.00 61.13  ? 92  ASN A O   1 
ATOM   613  C  CB  . ASN A 1 82  ? 16.071  -2.380  14.778  1.00 65.86  ? 92  ASN A CB  1 
ATOM   614  C  CG  . ASN A 1 82  ? 15.759  -0.928  15.084  1.00 63.83  ? 92  ASN A CG  1 
ATOM   615  O  OD1 . ASN A 1 82  ? 16.351  -0.025  14.495  1.00 66.30  ? 92  ASN A OD1 1 
ATOM   616  N  ND2 . ASN A 1 82  ? 14.843  -0.689  16.009  1.00 63.86  ? 92  ASN A ND2 1 
ATOM   617  N  N   . SER A 1 83  ? 16.478  -5.111  13.037  1.00 64.05  ? 93  SER A N   1 
ATOM   618  C  CA  . SER A 1 83  ? 17.207  -6.357  12.852  1.00 67.70  ? 93  SER A CA  1 
ATOM   619  C  C   . SER A 1 83  ? 17.801  -6.468  11.448  1.00 71.39  ? 93  SER A C   1 
ATOM   620  O  O   . SER A 1 83  ? 18.918  -6.961  11.283  1.00 70.82  ? 93  SER A O   1 
ATOM   621  C  CB  . SER A 1 83  ? 16.339  -7.543  13.140  1.00 66.15  ? 93  SER A CB  1 
ATOM   622  O  OG  . SER A 1 83  ? 16.931  -8.716  12.595  1.00 68.98  ? 93  SER A OG  1 
ATOM   623  N  N   . ILE A 1 84  ? 17.030  -6.066  10.433  1.00 70.32  ? 94  ILE A N   1 
ATOM   624  C  CA  . ILE A 1 84  ? 17.497  -6.150  9.060   1.00 70.23  ? 94  ILE A CA  1 
ATOM   625  C  C   . ILE A 1 84  ? 18.697  -5.224  8.896   1.00 69.22  ? 94  ILE A C   1 
ATOM   626  O  O   . ILE A 1 84  ? 19.661  -5.585  8.224   1.00 69.99  ? 94  ILE A O   1 
ATOM   627  C  CB  . ILE A 1 84  ? 16.376  -5.822  8.053   1.00 69.79  ? 94  ILE A CB  1 
ATOM   628  C  CG1 . ILE A 1 84  ? 15.326  -6.935  8.021   1.00 71.89  ? 94  ILE A CG1 1 
ATOM   629  C  CG2 . ILE A 1 84  ? 16.958  -5.553  6.672   1.00 69.75  ? 94  ILE A CG2 1 
ATOM   630  C  CD1 . ILE A 1 84  ? 14.140  -6.653  7.131   1.00 74.18  ? 94  ILE A CD1 1 
ATOM   631  N  N   . CYS A 1 85  ? 18.615  -4.039  9.515   1.00 68.43  ? 95  CYS A N   1 
ATOM   632  C  CA  . CYS A 1 85  ? 19.662  -3.035  9.416   1.00 71.78  ? 95  CYS A CA  1 
ATOM   633  C  C   . CYS A 1 85  ? 20.940  -3.520  10.099  1.00 80.17  ? 95  CYS A C   1 
ATOM   634  O  O   . CYS A 1 85  ? 22.031  -3.106  9.711   1.00 81.32  ? 95  CYS A O   1 
ATOM   635  C  CB  . CYS A 1 85  ? 19.228  -1.704  10.023  1.00 66.31  ? 95  CYS A CB  1 
ATOM   636  S  SG  . CYS A 1 85  ? 18.160  -0.721  8.940   0.83 61.54  ? 95  CYS A SG  1 
ATOM   637  N  N   . ASN A 1 86  ? 20.800  -4.387  11.113  1.00 87.77  ? 96  ASN A N   1 
ATOM   638  C  CA  . ASN A 1 86  ? 21.955  -4.940  11.805  1.00 92.98  ? 96  ASN A CA  1 
ATOM   639  C  C   . ASN A 1 86  ? 22.608  -6.006  10.927  1.00 83.52  ? 96  ASN A C   1 
ATOM   640  O  O   . ASN A 1 86  ? 23.821  -5.988  10.728  1.00 85.43  ? 96  ASN A O   1 
ATOM   641  C  CB  . ASN A 1 86  ? 21.600  -5.493  13.190  1.00 100.98 ? 96  ASN A CB  1 
ATOM   642  C  CG  . ASN A 1 86  ? 22.821  -5.685  14.070  1.00 109.96 ? 96  ASN A CG  1 
ATOM   643  O  OD1 . ASN A 1 86  ? 23.390  -4.716  14.570  1.00 109.45 ? 96  ASN A OD1 1 
ATOM   644  N  ND2 . ASN A 1 86  ? 23.238  -6.926  14.267  1.00 115.95 ? 96  ASN A ND2 1 
ATOM   645  N  N   . THR A 1 87  ? 21.788  -6.917  10.388  1.00 76.98  ? 97  THR A N   1 
ATOM   646  C  CA  . THR A 1 87  ? 22.275  -8.035  9.593   1.00 73.47  ? 97  THR A CA  1 
ATOM   647  C  C   . THR A 1 87  ? 22.876  -7.561  8.262   1.00 74.74  ? 97  THR A C   1 
ATOM   648  O  O   . THR A 1 87  ? 23.690  -8.288  7.696   1.00 76.87  ? 97  THR A O   1 
ATOM   649  C  CB  . THR A 1 87  ? 21.167  -9.088  9.428   1.00 66.38  ? 97  THR A CB  1 
ATOM   650  O  OG1 . THR A 1 87  ? 20.920  -9.637  10.723  1.00 59.68  ? 97  THR A OG1 1 
ATOM   651  C  CG2 . THR A 1 87  ? 21.513  -10.217 8.482   1.00 64.59  ? 97  THR A CG2 1 
ATOM   652  N  N   . THR A 1 88  ? 22.514  -6.361  7.767   1.00 73.51  ? 98  THR A N   1 
ATOM   653  C  CA  . THR A 1 88  ? 22.912  -5.931  6.427   1.00 71.15  ? 98  THR A CA  1 
ATOM   654  C  C   . THR A 1 88  ? 23.628  -4.576  6.421   1.00 75.12  ? 98  THR A C   1 
ATOM   655  O  O   . THR A 1 88  ? 24.317  -4.260  5.454   1.00 74.69  ? 98  THR A O   1 
ATOM   656  C  CB  . THR A 1 88  ? 21.720  -5.900  5.451   1.00 70.72  ? 98  THR A CB  1 
ATOM   657  O  OG1 . THR A 1 88  ? 20.821  -4.840  5.788   1.00 67.00  ? 98  THR A OG1 1 
ATOM   658  C  CG2 . THR A 1 88  ? 20.967  -7.213  5.397   1.00 67.93  ? 98  THR A CG2 1 
ATOM   659  N  N   . GLY A 1 89  ? 23.446  -3.754  7.462   1.00 80.04  ? 99  GLY A N   1 
ATOM   660  C  CA  . GLY A 1 89  ? 24.159  -2.488  7.570   1.00 83.38  ? 99  GLY A CA  1 
ATOM   661  C  C   . GLY A 1 89  ? 23.668  -1.421  6.589   1.00 89.82  ? 99  GLY A C   1 
ATOM   662  O  O   . GLY A 1 89  ? 24.395  -0.466  6.312   1.00 92.99  ? 99  GLY A O   1 
ATOM   663  N  N   . VAL A 1 90  ? 22.432  -1.573  6.087   1.00 91.43  ? 100 VAL A N   1 
ATOM   664  C  CA  . VAL A 1 90  ? 21.825  -0.593  5.193   1.00 91.98  ? 100 VAL A CA  1 
ATOM   665  C  C   . VAL A 1 90  ? 21.308  0.573   6.035   1.00 86.41  ? 100 VAL A C   1 
ATOM   666  O  O   . VAL A 1 90  ? 20.777  0.357   7.122   1.00 87.63  ? 100 VAL A O   1 
ATOM   667  C  CB  . VAL A 1 90  ? 20.708  -1.223  4.334   1.00 97.70  ? 100 VAL A CB  1 
ATOM   668  C  CG1 . VAL A 1 90  ? 21.245  -2.308  3.408   1.00 100.54 ? 100 VAL A CG1 1 
ATOM   669  C  CG2 . VAL A 1 90  ? 19.559  -1.769  5.175   1.00 95.10  ? 100 VAL A CG2 1 
ATOM   670  N  N   . GLU A 1 91  ? 21.470  1.806   5.535   1.00 86.19  ? 101 GLU A N   1 
ATOM   671  C  CA  . GLU A 1 91  ? 21.043  2.996   6.259   1.00 90.75  ? 101 GLU A CA  1 
ATOM   672  C  C   . GLU A 1 91  ? 19.635  2.776   6.817   1.00 93.08  ? 101 GLU A C   1 
ATOM   673  O  O   . GLU A 1 91  ? 18.726  2.396   6.078   1.00 93.94  ? 101 GLU A O   1 
ATOM   674  C  CB  . GLU A 1 91  ? 21.097  4.227   5.347   1.00 95.47  ? 101 GLU A CB  1 
ATOM   675  N  N   . LYS A 1 92  ? 19.473  3.000   8.131   1.00 89.44  ? 102 LYS A N   1 
ATOM   676  C  CA  . LYS A 1 92  ? 18.201  2.806   8.814   1.00 78.78  ? 102 LYS A CA  1 
ATOM   677  C  C   . LYS A 1 92  ? 17.268  3.972   8.506   1.00 71.19  ? 102 LYS A C   1 
ATOM   678  O  O   . LYS A 1 92  ? 17.607  5.122   8.779   1.00 71.78  ? 102 LYS A O   1 
ATOM   679  C  CB  . LYS A 1 92  ? 18.382  2.709   10.332  1.00 77.89  ? 102 LYS A CB  1 
ATOM   680  C  CG  . LYS A 1 92  ? 17.086  2.542   11.119  1.00 80.73  ? 102 LYS A CG  1 
ATOM   681  C  CD  . LYS A 1 92  ? 17.223  2.741   12.617  1.00 82.09  ? 102 LYS A CD  1 
ATOM   682  C  CE  . LYS A 1 92  ? 15.886  2.962   13.301  1.00 81.74  ? 102 LYS A CE  1 
ATOM   683  N  NZ  . LYS A 1 92  ? 16.035  3.555   14.652  1.00 80.30  ? 102 LYS A NZ  1 
ATOM   684  N  N   . PRO A 1 93  ? 16.054  3.706   7.970   1.00 65.86  ? 103 PRO A N   1 
ATOM   685  C  CA  . PRO A 1 93  ? 15.158  4.772   7.531   1.00 65.25  ? 103 PRO A CA  1 
ATOM   686  C  C   . PRO A 1 93  ? 14.516  5.490   8.710   1.00 61.75  ? 103 PRO A C   1 
ATOM   687  O  O   . PRO A 1 93  ? 14.456  4.948   9.809   1.00 62.66  ? 103 PRO A O   1 
ATOM   688  C  CB  . PRO A 1 93  ? 14.116  4.033   6.679   1.00 65.28  ? 103 PRO A CB  1 
ATOM   689  C  CG  . PRO A 1 93  ? 14.058  2.657   7.297   1.00 66.54  ? 103 PRO A CG  1 
ATOM   690  C  CD  . PRO A 1 93  ? 15.474  2.371   7.759   1.00 66.84  ? 103 PRO A CD  1 
ATOM   691  N  N   . LYS A 1 94  ? 14.037  6.708   8.447   1.00 63.03  ? 104 LYS A N   1 
ATOM   692  C  CA  . LYS A 1 94  ? 13.480  7.579   9.466   1.00 64.37  ? 104 LYS A CA  1 
ATOM   693  C  C   . LYS A 1 94  ? 11.986  7.289   9.633   1.00 69.63  ? 104 LYS A C   1 
ATOM   694  O  O   . LYS A 1 94  ? 11.435  7.515   10.707  1.00 71.34  ? 104 LYS A O   1 
ATOM   695  C  CB  . LYS A 1 94  ? 13.777  9.038   9.097   1.00 69.84  ? 104 LYS A CB  1 
ATOM   696  C  CG  . LYS A 1 94  ? 15.198  9.327   8.615   1.00 74.06  ? 104 LYS A CG  1 
ATOM   697  C  CD  . LYS A 1 94  ? 16.263  9.208   9.694   1.00 75.84  ? 104 LYS A CD  1 
ATOM   698  N  N   . PHE A 1 95  ? 11.336  6.785   8.569   1.00 74.92  ? 105 PHE A N   1 
ATOM   699  C  CA  . PHE A 1 95  ? 9.944   6.355   8.619   1.00 71.31  ? 105 PHE A CA  1 
ATOM   700  C  C   . PHE A 1 95  ? 9.863   4.858   8.326   1.00 63.20  ? 105 PHE A C   1 
ATOM   701  O  O   . PHE A 1 95  ? 10.729  4.308   7.653   1.00 66.62  ? 105 PHE A O   1 
ATOM   702  C  CB  . PHE A 1 95  ? 9.095   7.166   7.633   1.00 74.46  ? 105 PHE A CB  1 
ATOM   703  C  CG  . PHE A 1 95  ? 8.950   8.624   7.997   1.00 80.78  ? 105 PHE A CG  1 
ATOM   704  C  CD1 . PHE A 1 95  ? 8.065   9.027   8.988   1.00 84.09  ? 105 PHE A CD1 1 
ATOM   705  C  CD2 . PHE A 1 95  ? 9.734   9.591   7.381   1.00 81.69  ? 105 PHE A CD2 1 
ATOM   706  C  CE1 . PHE A 1 95  ? 7.946   10.365  9.334   1.00 85.69  ? 105 PHE A CE1 1 
ATOM   707  C  CE2 . PHE A 1 95  ? 9.615   10.928  7.730   1.00 82.92  ? 105 PHE A CE2 1 
ATOM   708  C  CZ  . PHE A 1 95  ? 8.721   11.313  8.704   0.50 84.35  ? 105 PHE A CZ  1 
ATOM   709  N  N   . LEU A 1 96  ? 8.821   4.203   8.853   1.00 56.14  ? 106 LEU A N   1 
ATOM   710  C  CA  . LEU A 1 96  ? 8.571   2.792   8.595   1.00 48.95  ? 106 LEU A CA  1 
ATOM   711  C  C   . LEU A 1 96  ? 8.212   2.571   7.122   1.00 46.22  ? 106 LEU A C   1 
ATOM   712  O  O   . LEU A 1 96  ? 7.237   3.141   6.629   1.00 43.96  ? 106 LEU A O   1 
ATOM   713  C  CB  . LEU A 1 96  ? 7.419   2.306   9.487   1.00 44.71  ? 106 LEU A CB  1 
ATOM   714  C  CG  . LEU A 1 96  ? 7.743   2.005   10.949  1.00 47.12  ? 106 LEU A CG  1 
ATOM   715  C  CD1 . LEU A 1 96  ? 6.521   1.436   11.651  1.00 46.55  ? 106 LEU A CD1 1 
ATOM   716  C  CD2 . LEU A 1 96  ? 8.913   1.037   11.092  1.00 47.97  ? 106 LEU A CD2 1 
ATOM   717  N  N   . PRO A 1 97  ? 8.950   1.714   6.376   1.00 43.49  ? 107 PRO A N   1 
ATOM   718  C  CA  . PRO A 1 97  ? 8.538   1.306   5.036   1.00 42.74  ? 107 PRO A CA  1 
ATOM   719  C  C   . PRO A 1 97  ? 7.530   0.164   5.054   1.00 42.48  ? 107 PRO A C   1 
ATOM   720  O  O   . PRO A 1 97  ? 7.006   -0.189  6.105   1.00 44.93  ? 107 PRO A O   1 
ATOM   721  C  CB  . PRO A 1 97  ? 9.863   0.872   4.391   1.00 45.50  ? 107 PRO A CB  1 
ATOM   722  C  CG  . PRO A 1 97  ? 10.927  1.343   5.356   1.00 44.88  ? 107 PRO A CG  1 
ATOM   723  C  CD  . PRO A 1 97  ? 10.268  1.160   6.703   1.00 44.63  ? 107 PRO A CD  1 
ATOM   724  N  N   . ASP A 1 98  ? 7.260   -0.394  3.870   1.00 42.23  ? 108 ASP A N   1 
ATOM   725  C  CA  . ASP A 1 98  ? 6.224   -1.393  3.694   1.00 41.19  ? 108 ASP A CA  1 
ATOM   726  C  C   . ASP A 1 98  ? 6.821   -2.793  3.531   1.00 41.55  ? 108 ASP A C   1 
ATOM   727  O  O   . ASP A 1 98  ? 6.230   -3.761  3.998   1.00 46.35  ? 108 ASP A O   1 
ATOM   728  C  CB  . ASP A 1 98  ? 5.326   -1.004  2.519   1.00 41.47  ? 108 ASP A CB  1 
ATOM   729  C  CG  . ASP A 1 98  ? 4.588   0.301   2.746   1.00 40.47  ? 108 ASP A CG  1 
ATOM   730  O  OD1 . ASP A 1 98  ? 4.005   0.447   3.844   1.00 36.39  ? 108 ASP A OD1 1 
ATOM   731  O  OD2 . ASP A 1 98  ? 4.584   1.155   1.819   1.00 39.79  ? 108 ASP A OD2 1 
ATOM   732  N  N   . LEU A 1 99  ? 7.983   -2.924  2.882   1.00 43.07  ? 109 LEU A N   1 
ATOM   733  C  CA  . LEU A 1 99  ? 8.612   -4.231  2.733   1.00 45.14  ? 109 LEU A CA  1 
ATOM   734  C  C   . LEU A 1 99  ? 10.125  -4.104  2.816   1.00 45.36  ? 109 LEU A C   1 
ATOM   735  O  O   . LEU A 1 99  ? 10.660  -3.005  2.725   1.00 47.01  ? 109 LEU A O   1 
ATOM   736  C  CB  . LEU A 1 99  ? 8.280   -4.827  1.361   1.00 44.49  ? 109 LEU A CB  1 
ATOM   737  C  CG  . LEU A 1 99  ? 6.815   -5.099  1.058   1.00 45.44  ? 109 LEU A CG  1 
ATOM   738  C  CD1 . LEU A 1 99  ? 6.621   -5.299  -0.436  1.00 47.19  ? 109 LEU A CD1 1 
ATOM   739  C  CD2 . LEU A 1 99  ? 6.338   -6.320  1.820   1.00 46.83  ? 109 LEU A CD2 1 
ATOM   740  N  N   . TYR A 1 100 ? 10.790  -5.262  2.890   1.00 47.27  ? 110 TYR A N   1 
ATOM   741  C  CA  . TYR A 1 100 ? 12.214  -5.358  2.617   1.00 51.59  ? 110 TYR A CA  1 
ATOM   742  C  C   . TYR A 1 100 ? 12.446  -6.448  1.569   1.00 51.07  ? 110 TYR A C   1 
ATOM   743  O  O   . TYR A 1 100 ? 11.924  -7.551  1.690   1.00 54.82  ? 110 TYR A O   1 
ATOM   744  C  CB  . TYR A 1 100 ? 12.992  -5.646  3.906   1.00 54.27  ? 110 TYR A CB  1 
ATOM   745  C  CG  . TYR A 1 100 ? 14.497  -5.657  3.680   1.00 58.73  ? 110 TYR A CG  1 
ATOM   746  C  CD1 . TYR A 1 100 ? 15.180  -4.476  3.437   1.00 62.86  ? 110 TYR A CD1 1 
ATOM   747  C  CD2 . TYR A 1 100 ? 15.221  -6.845  3.647   1.00 60.69  ? 110 TYR A CD2 1 
ATOM   748  C  CE1 . TYR A 1 100 ? 16.545  -4.468  3.201   1.00 65.35  ? 110 TYR A CE1 1 
ATOM   749  C  CE2 . TYR A 1 100 ? 16.585  -6.849  3.405   1.00 61.96  ? 110 TYR A CE2 1 
ATOM   750  C  CZ  . TYR A 1 100 ? 17.250  -5.655  3.185   1.00 64.17  ? 110 TYR A CZ  1 
ATOM   751  O  OH  . TYR A 1 100 ? 18.596  -5.610  2.946   1.00 75.16  ? 110 TYR A OH  1 
ATOM   752  N  N   . ASP A 1 101 ? 13.246  -6.141  0.545   1.00 55.65  ? 111 ASP A N   1 
ATOM   753  C  CA  . ASP A 1 101 ? 13.558  -7.096  -0.507  1.00 58.14  ? 111 ASP A CA  1 
ATOM   754  C  C   . ASP A 1 101 ? 14.929  -7.712  -0.230  1.00 57.46  ? 111 ASP A C   1 
ATOM   755  O  O   . ASP A 1 101 ? 15.954  -7.074  -0.457  1.00 52.04  ? 111 ASP A O   1 
ATOM   756  C  CB  . ASP A 1 101 ? 13.510  -6.412  -1.875  1.00 61.59  ? 111 ASP A CB  1 
ATOM   757  C  CG  . ASP A 1 101 ? 13.877  -7.306  -3.046  1.00 66.79  ? 111 ASP A CG  1 
ATOM   758  O  OD1 . ASP A 1 101 ? 14.043  -8.527  -2.832  1.00 70.54  ? 111 ASP A OD1 1 
ATOM   759  O  OD2 . ASP A 1 101 ? 13.999  -6.772  -4.166  1.00 74.11  ? 111 ASP A OD2 1 
ATOM   760  N  N   . TYR A 1 102 ? 14.938  -8.965  0.241   1.00 57.93  ? 112 TYR A N   1 
ATOM   761  C  CA  . TYR A 1 102 ? 16.175  -9.642  0.601   1.00 62.15  ? 112 TYR A CA  1 
ATOM   762  C  C   . TYR A 1 102 ? 17.106  -9.784  -0.598  1.00 68.41  ? 112 TYR A C   1 
ATOM   763  O  O   . TYR A 1 102 ? 18.320  -9.846  -0.423  1.00 77.01  ? 112 TYR A O   1 
ATOM   764  C  CB  . TYR A 1 102 ? 15.897  -11.028 1.187   1.00 59.63  ? 112 TYR A CB  1 
ATOM   765  C  CG  . TYR A 1 102 ? 15.381  -10.956 2.614   1.00 54.46  ? 112 TYR A CG  1 
ATOM   766  C  CD1 . TYR A 1 102 ? 16.155  -10.402 3.627   1.00 55.81  ? 112 TYR A CD1 1 
ATOM   767  C  CD2 . TYR A 1 102 ? 14.112  -11.407 2.940   1.00 52.42  ? 112 TYR A CD2 1 
ATOM   768  C  CE1 . TYR A 1 102 ? 15.686  -10.312 4.928   1.00 55.38  ? 112 TYR A CE1 1 
ATOM   769  C  CE2 . TYR A 1 102 ? 13.633  -11.331 4.237   1.00 55.33  ? 112 TYR A CE2 1 
ATOM   770  C  CZ  . TYR A 1 102 ? 14.420  -10.781 5.234   1.00 55.72  ? 112 TYR A CZ  1 
ATOM   771  O  OH  . TYR A 1 102 ? 13.930  -10.703 6.509   1.00 56.91  ? 112 TYR A OH  1 
ATOM   772  N  N   . LYS A 1 103 ? 16.543  -9.848  -1.809  1.00 72.29  ? 113 LYS A N   1 
ATOM   773  C  CA  . LYS A 1 103 ? 17.340  -10.162 -2.982  1.00 72.58  ? 113 LYS A CA  1 
ATOM   774  C  C   . LYS A 1 103 ? 18.122  -8.929  -3.440  1.00 72.68  ? 113 LYS A C   1 
ATOM   775  O  O   . LYS A 1 103 ? 19.290  -9.060  -3.792  1.00 75.99  ? 113 LYS A O   1 
ATOM   776  C  CB  . LYS A 1 103 ? 16.458  -10.750 -4.086  1.00 72.49  ? 113 LYS A CB  1 
ATOM   777  C  CG  . LYS A 1 103 ? 17.228  -11.338 -5.261  1.00 74.21  ? 113 LYS A CG  1 
ATOM   778  C  CD  . LYS A 1 103 ? 16.400  -12.192 -6.196  0.50 70.19  ? 113 LYS A CD  1 
ATOM   779  C  CE  . LYS A 1 103 ? 17.201  -12.664 -7.389  0.50 68.39  ? 113 LYS A CE  1 
ATOM   780  N  NZ  . LYS A 1 103 ? 16.580  -13.842 -8.039  0.50 67.35  ? 113 LYS A NZ  1 
ATOM   781  N  N   . GLU A 1 104 ? 17.500  -7.742  -3.436  1.00 72.08  ? 114 GLU A N   1 
ATOM   782  C  CA  . GLU A 1 104 ? 18.170  -6.533  -3.903  1.00 73.44  ? 114 GLU A CA  1 
ATOM   783  C  C   . GLU A 1 104 ? 18.614  -5.688  -2.705  1.00 75.12  ? 114 GLU A C   1 
ATOM   784  O  O   . GLU A 1 104 ? 19.191  -4.617  -2.889  1.00 72.98  ? 114 GLU A O   1 
ATOM   785  C  CB  . GLU A 1 104 ? 17.273  -5.751  -4.871  1.00 76.73  ? 114 GLU A CB  1 
ATOM   786  C  CG  . GLU A 1 104 ? 16.897  -6.512  -6.143  1.00 80.75  ? 114 GLU A CG  1 
ATOM   787  C  CD  . GLU A 1 104 ? 17.912  -6.495  -7.279  1.00 83.63  ? 114 GLU A CD  1 
ATOM   788  O  OE1 . GLU A 1 104 ? 18.473  -7.568  -7.587  1.00 89.38  ? 114 GLU A OE1 1 
ATOM   789  O  OE2 . GLU A 1 104 ? 18.118  -5.419  -7.880  1.00 79.06  ? 114 GLU A OE2 1 
ATOM   790  N  N   . ASN A 1 105 ? 18.339  -6.190  -1.489  1.00 77.07  ? 115 ASN A N   1 
ATOM   791  C  CA  . ASN A 1 105 ? 18.815  -5.632  -0.227  1.00 74.62  ? 115 ASN A CA  1 
ATOM   792  C  C   . ASN A 1 105 ? 18.490  -4.145  -0.130  1.00 71.32  ? 115 ASN A C   1 
ATOM   793  O  O   . ASN A 1 105 ? 19.376  -3.298  -0.005  1.00 66.58  ? 115 ASN A O   1 
ATOM   794  C  CB  . ASN A 1 105 ? 20.292  -5.952  0.015   1.00 78.61  ? 115 ASN A CB  1 
ATOM   795  C  CG  . ASN A 1 105 ? 20.501  -7.390  0.442   1.00 82.21  ? 115 ASN A CG  1 
ATOM   796  O  OD1 . ASN A 1 105 ? 21.099  -8.180  -0.286  1.00 86.20  ? 115 ASN A OD1 1 
ATOM   797  N  ND2 . ASN A 1 105 ? 19.997  -7.743  1.615   1.00 80.37  ? 115 ASN A ND2 1 
ATOM   798  N  N   . ARG A 1 106 ? 17.186  -3.865  -0.131  1.00 66.38  ? 116 ARG A N   1 
ATOM   799  C  CA  . ARG A 1 106 ? 16.677  -2.513  0.009   1.00 64.81  ? 116 ARG A CA  1 
ATOM   800  C  C   . ARG A 1 106 ? 15.251  -2.585  0.547   1.00 63.75  ? 116 ARG A C   1 
ATOM   801  O  O   . ARG A 1 106 ? 14.558  -3.585  0.350   1.00 67.57  ? 116 ARG A O   1 
ATOM   802  C  CB  . ARG A 1 106 ? 16.751  -1.800  -1.345  1.00 66.27  ? 116 ARG A CB  1 
ATOM   803  C  CG  . ARG A 1 106 ? 15.984  -2.503  -2.456  1.00 67.28  ? 116 ARG A CG  1 
ATOM   804  C  CD  . ARG A 1 106 ? 16.356  -2.014  -3.845  1.00 69.09  ? 116 ARG A CD  1 
ATOM   805  N  NE  . ARG A 1 106 ? 15.621  -2.735  -4.877  1.00 67.40  ? 116 ARG A NE  1 
ATOM   806  C  CZ  . ARG A 1 106 ? 15.843  -2.642  -6.185  1.00 67.07  ? 116 ARG A CZ  1 
ATOM   807  N  NH1 . ARG A 1 106 ? 16.908  -2.005  -6.643  1.00 64.47  ? 116 ARG A NH1 1 
ATOM   808  N  NH2 . ARG A 1 106 ? 15.008  -3.225  -7.029  1.00 66.55  ? 116 ARG A NH2 1 
ATOM   809  N  N   . PHE A 1 107 ? 14.832  -1.523  1.243   1.00 60.81  ? 117 PHE A N   1 
ATOM   810  C  CA  . PHE A 1 107 ? 13.449  -1.370  1.667   1.00 57.95  ? 117 PHE A CA  1 
ATOM   811  C  C   . PHE A 1 107 ? 12.596  -0.895  0.497   1.00 55.45  ? 117 PHE A C   1 
ATOM   812  O  O   . PHE A 1 107 ? 13.112  -0.385  -0.494  1.00 59.38  ? 117 PHE A O   1 
ATOM   813  C  CB  . PHE A 1 107 ? 13.357  -0.385  2.829   1.00 59.75  ? 117 PHE A CB  1 
ATOM   814  C  CG  . PHE A 1 107 ? 13.880  -0.955  4.118   1.00 62.47  ? 117 PHE A CG  1 
ATOM   815  C  CD1 . PHE A 1 107 ? 13.054  -1.694  4.949   1.00 62.02  ? 117 PHE A CD1 1 
ATOM   816  C  CD2 . PHE A 1 107 ? 15.217  -0.819  4.460   1.00 64.41  ? 117 PHE A CD2 1 
ATOM   817  C  CE1 . PHE A 1 107 ? 13.544  -2.242  6.125   1.00 62.90  ? 117 PHE A CE1 1 
ATOM   818  C  CE2 . PHE A 1 107 ? 15.707  -1.374  5.632   1.00 63.43  ? 117 PHE A CE2 1 
ATOM   819  C  CZ  . PHE A 1 107 ? 14.870  -2.083  6.462   1.00 59.93  ? 117 PHE A CZ  1 
ATOM   820  N  N   . ILE A 1 108 ? 11.281  -1.078  0.634   1.00 53.21  ? 118 ILE A N   1 
ATOM   821  C  CA  . ILE A 1 108 ? 10.342  -0.653  -0.389  1.00 53.49  ? 118 ILE A CA  1 
ATOM   822  C  C   . ILE A 1 108 ? 9.197   0.091   0.291   1.00 50.67  ? 118 ILE A C   1 
ATOM   823  O  O   . ILE A 1 108 ? 8.570   -0.432  1.215   1.00 49.16  ? 118 ILE A O   1 
ATOM   824  C  CB  . ILE A 1 108 ? 9.824   -1.842  -1.227  1.00 56.07  ? 118 ILE A CB  1 
ATOM   825  C  CG1 . ILE A 1 108 ? 10.950  -2.724  -1.769  1.00 58.16  ? 118 ILE A CG1 1 
ATOM   826  C  CG2 . ILE A 1 108 ? 8.929   -1.360  -2.361  1.00 55.98  ? 118 ILE A CG2 1 
ATOM   827  C  CD1 . ILE A 1 108 ? 10.461  -3.973  -2.472  1.00 57.62  ? 118 ILE A CD1 1 
ATOM   828  N  N   . GLU A 1 109 ? 8.955   1.321   -0.169  1.00 47.92  ? 119 GLU A N   1 
ATOM   829  C  CA  . GLU A 1 109 ? 7.712   2.018   0.106   1.00 49.23  ? 119 GLU A CA  1 
ATOM   830  C  C   . GLU A 1 109 ? 6.788   1.786   -1.081  1.00 50.56  ? 119 GLU A C   1 
ATOM   831  O  O   . GLU A 1 109 ? 7.208   1.863   -2.232  1.00 49.56  ? 119 GLU A O   1 
ATOM   832  C  CB  . GLU A 1 109 ? 7.952   3.512   0.339   1.00 52.34  ? 119 GLU A CB  1 
ATOM   833  C  CG  . GLU A 1 109 ? 6.694   4.324   0.615   1.00 50.92  ? 119 GLU A CG  1 
ATOM   834  C  CD  . GLU A 1 109 ? 5.799   3.796   1.721   1.00 52.39  ? 119 GLU A CD  1 
ATOM   835  O  OE1 . GLU A 1 109 ? 6.334   3.440   2.791   1.00 58.45  ? 119 GLU A OE1 1 
ATOM   836  O  OE2 . GLU A 1 109 ? 4.572   3.754   1.511   1.00 46.90  ? 119 GLU A OE2 1 
ATOM   837  N  N   . ILE A 1 110 ? 5.528   1.483   -0.781  1.00 51.96  ? 120 ILE A N   1 
ATOM   838  C  CA  . ILE A 1 110 ? 4.548   1.220   -1.813  1.00 49.41  ? 120 ILE A CA  1 
ATOM   839  C  C   . ILE A 1 110 ? 3.477   2.288   -1.707  1.00 48.40  ? 120 ILE A C   1 
ATOM   840  O  O   . ILE A 1 110 ? 3.034   2.595   -0.603  1.00 51.23  ? 120 ILE A O   1 
ATOM   841  C  CB  . ILE A 1 110 ? 3.993   -0.204  -1.649  1.00 53.39  ? 120 ILE A CB  1 
ATOM   842  C  CG1 . ILE A 1 110 ? 5.028   -1.238  -2.100  1.00 54.21  ? 120 ILE A CG1 1 
ATOM   843  C  CG2 . ILE A 1 110 ? 2.668   -0.366  -2.377  1.00 52.07  ? 120 ILE A CG2 1 
ATOM   844  C  CD1 . ILE A 1 110 ? 4.778   -2.620  -1.568  1.00 54.66  ? 120 ILE A CD1 1 
ATOM   845  N  N   . GLY A 1 111 ? 3.117   2.861   -2.862  1.00 49.46  ? 121 GLY A N   1 
ATOM   846  C  CA  . GLY A 1 111 ? 2.091   3.885   -2.962  1.00 46.22  ? 121 GLY A CA  1 
ATOM   847  C  C   . GLY A 1 111 ? 0.937   3.390   -3.827  1.00 46.57  ? 121 GLY A C   1 
ATOM   848  O  O   . GLY A 1 111 ? 1.161   2.622   -4.761  1.00 44.63  ? 121 GLY A O   1 
ATOM   849  N  N   . VAL A 1 112 ? -0.293  3.788   -3.479  1.00 46.52  ? 122 VAL A N   1 
ATOM   850  C  CA  . VAL A 1 112 ? -1.454  3.535   -4.320  1.00 46.73  ? 122 VAL A CA  1 
ATOM   851  C  C   . VAL A 1 112 ? -2.250  4.827   -4.448  1.00 49.45  ? 122 VAL A C   1 
ATOM   852  O  O   . VAL A 1 112 ? -2.585  5.440   -3.435  1.00 51.01  ? 122 VAL A O   1 
ATOM   853  C  CB  . VAL A 1 112 ? -2.335  2.394   -3.779  1.00 45.65  ? 122 VAL A CB  1 
ATOM   854  C  CG1 . VAL A 1 112 ? -3.621  2.259   -4.580  1.00 46.67  ? 122 VAL A CG1 1 
ATOM   855  C  CG2 . VAL A 1 112 ? -1.590  1.072   -3.751  1.00 45.19  ? 122 VAL A CG2 1 
ATOM   856  N  N   . THR A 1 113 ? -2.558  5.207   -5.699  1.00 55.38  ? 123 THR A N   1 
ATOM   857  C  CA  . THR A 1 113 ? -3.027  6.550   -6.008  1.00 56.72  ? 123 THR A CA  1 
ATOM   858  C  C   . THR A 1 113 ? -4.273  6.487   -6.882  1.00 56.45  ? 123 THR A C   1 
ATOM   859  O  O   . THR A 1 113 ? -4.416  5.587   -7.705  1.00 58.53  ? 123 THR A O   1 
ATOM   860  C  CB  . THR A 1 113 ? -1.906  7.389   -6.643  1.00 57.31  ? 123 THR A CB  1 
ATOM   861  O  OG1 . THR A 1 113 ? -2.340  8.751   -6.673  1.00 56.73  ? 123 THR A OG1 1 
ATOM   862  C  CG2 . THR A 1 113 ? -1.513  6.937   -8.031  1.00 58.96  ? 123 THR A CG2 1 
ATOM   863  N  N   . ARG A 1 114 ? -5.166  7.463   -6.673  1.00 56.23  ? 124 ARG A N   1 
ATOM   864  C  CA  . ARG A 1 114 ? -6.331  7.661   -7.518  1.00 61.23  ? 124 ARG A CA  1 
ATOM   865  C  C   . ARG A 1 114 ? -6.151  8.901   -8.388  1.00 62.10  ? 124 ARG A C   1 
ATOM   866  O  O   . ARG A 1 114 ? -7.071  9.285   -9.101  1.00 67.63  ? 124 ARG A O   1 
ATOM   867  C  CB  . ARG A 1 114 ? -7.568  7.813   -6.637  1.00 62.28  ? 124 ARG A CB  1 
ATOM   868  C  CG  . ARG A 1 114 ? -7.829  6.600   -5.758  1.00 63.55  ? 124 ARG A CG  1 
ATOM   869  C  CD  . ARG A 1 114 ? -8.500  6.964   -4.451  1.00 62.65  ? 124 ARG A CD  1 
ATOM   870  N  NE  . ARG A 1 114 ? -7.564  7.260   -3.376  1.00 60.99  ? 124 ARG A NE  1 
ATOM   871  C  CZ  . ARG A 1 114 ? -7.927  7.755   -2.201  1.00 59.51  ? 124 ARG A CZ  1 
ATOM   872  N  NH1 . ARG A 1 114 ? -9.210  7.949   -1.934  1.00 57.70  ? 124 ARG A NH1 1 
ATOM   873  N  NH2 . ARG A 1 114 ? -7.008  8.062   -1.302  1.00 59.72  ? 124 ARG A NH2 1 
ATOM   874  N  N   . ARG A 1 115 ? -4.975  9.531   -8.287  1.00 67.72  ? 125 ARG A N   1 
ATOM   875  C  CA  . ARG A 1 115 ? -4.590  10.639  -9.144  1.00 66.61  ? 125 ARG A CA  1 
ATOM   876  C  C   . ARG A 1 115 ? -3.518  10.117  -10.096 1.00 66.91  ? 125 ARG A C   1 
ATOM   877  O  O   . ARG A 1 115 ? -3.356  8.909   -10.233 1.00 64.19  ? 125 ARG A O   1 
ATOM   878  C  CB  . ARG A 1 115 ? -4.116  11.817  -8.287  1.00 67.63  ? 125 ARG A CB  1 
ATOM   879  N  N   . GLU A 1 116 ? -2.794  11.019  -10.762 1.00 72.35  ? 126 GLU A N   1 
ATOM   880  C  CA  . GLU A 1 116 ? -1.731  10.609  -11.665 1.00 74.55  ? 126 GLU A CA  1 
ATOM   881  C  C   . GLU A 1 116 ? -0.561  10.119  -10.808 1.00 69.13  ? 126 GLU A C   1 
ATOM   882  O  O   . GLU A 1 116 ? -0.391  10.576  -9.679  1.00 69.10  ? 126 GLU A O   1 
ATOM   883  C  CB  . GLU A 1 116 ? -1.398  11.767  -12.612 1.00 78.92  ? 126 GLU A CB  1 
ATOM   884  C  CG  . GLU A 1 116 ? -0.865  11.334  -13.970 1.00 81.54  ? 126 GLU A CG  1 
ATOM   885  C  CD  . GLU A 1 116 ? 0.640   11.131  -14.064 1.00 84.09  ? 126 GLU A CD  1 
ATOM   886  O  OE1 . GLU A 1 116 ? 1.351   11.554  -13.134 1.00 81.24  ? 126 GLU A OE1 1 
ATOM   887  O  OE2 . GLU A 1 116 ? 1.100   10.551  -15.071 1.00 86.99  ? 126 GLU A OE2 1 
ATOM   888  N  N   . VAL A 1 117 ? 0.232   9.181   -11.343 1.00 65.58  ? 127 VAL A N   1 
ATOM   889  C  CA  . VAL A 1 117 ? 1.219   8.447   -10.557 1.00 69.84  ? 127 VAL A CA  1 
ATOM   890  C  C   . VAL A 1 117 ? 2.479   9.276   -10.313 1.00 71.86  ? 127 VAL A C   1 
ATOM   891  O  O   . VAL A 1 117 ? 3.134   9.098   -9.286  1.00 74.46  ? 127 VAL A O   1 
ATOM   892  C  CB  . VAL A 1 117 ? 1.604   7.099   -11.200 1.00 69.87  ? 127 VAL A CB  1 
ATOM   893  C  CG1 . VAL A 1 117 ? 0.452   6.109   -11.171 1.00 68.09  ? 127 VAL A CG1 1 
ATOM   894  C  CG2 . VAL A 1 117 ? 2.151   7.259   -12.612 1.00 71.24  ? 127 VAL A CG2 1 
ATOM   895  N  N   . HIS A 1 118 ? 2.850   10.134  -11.273 1.00 73.19  ? 128 HIS A N   1 
ATOM   896  C  CA  . HIS A 1 118 ? 4.051   10.944  -11.136 1.00 70.84  ? 128 HIS A CA  1 
ATOM   897  C  C   . HIS A 1 118 ? 3.906   11.846  -9.916  1.00 67.93  ? 128 HIS A C   1 
ATOM   898  O  O   . HIS A 1 118 ? 4.882   12.106  -9.219  1.00 74.12  ? 128 HIS A O   1 
ATOM   899  C  CB  . HIS A 1 118 ? 4.354   11.744  -12.409 1.00 71.84  ? 128 HIS A CB  1 
ATOM   900  C  CG  . HIS A 1 118 ? 4.686   10.890  -13.587 1.00 79.02  ? 128 HIS A CG  1 
ATOM   901  N  ND1 . HIS A 1 118 ? 3.748   10.151  -14.278 1.00 82.70  ? 128 HIS A ND1 1 
ATOM   902  C  CD2 . HIS A 1 118 ? 5.859   10.659  -14.200 1.00 86.85  ? 128 HIS A CD2 1 
ATOM   903  C  CE1 . HIS A 1 118 ? 4.344   9.494   -15.266 1.00 84.22  ? 128 HIS A CE1 1 
ATOM   904  N  NE2 . HIS A 1 118 ? 5.628   9.787   -15.238 1.00 85.25  ? 128 HIS A NE2 1 
ATOM   905  N  N   . ILE A 1 119 ? 2.675   12.283  -9.643  1.00 63.61  ? 129 ILE A N   1 
ATOM   906  C  CA  . ILE A 1 119 ? 2.428   13.224  -8.564  1.00 63.30  ? 129 ILE A CA  1 
ATOM   907  C  C   . ILE A 1 119 ? 2.666   12.537  -7.221  1.00 63.10  ? 129 ILE A C   1 
ATOM   908  O  O   . ILE A 1 119 ? 3.291   13.114  -6.334  1.00 65.21  ? 129 ILE A O   1 
ATOM   909  C  CB  . ILE A 1 119 ? 1.010   13.817  -8.672  1.00 65.70  ? 129 ILE A CB  1 
ATOM   910  C  CG1 . ILE A 1 119 ? 0.651   14.157  -10.124 1.00 68.07  ? 129 ILE A CG1 1 
ATOM   911  C  CG2 . ILE A 1 119 ? 0.873   15.016  -7.742  1.00 65.61  ? 129 ILE A CG2 1 
ATOM   912  C  CD1 . ILE A 1 119 ? -0.655  14.907  -10.303 1.00 68.66  ? 129 ILE A CD1 1 
ATOM   913  N  N   . TYR A 1 120 ? 2.169   11.300  -7.080  1.00 65.20  ? 130 TYR A N   1 
ATOM   914  C  CA  . TYR A 1 120 ? 2.261   10.567  -5.824  1.00 68.58  ? 130 TYR A CA  1 
ATOM   915  C  C   . TYR A 1 120 ? 3.705   10.116  -5.606  1.00 65.50  ? 130 TYR A C   1 
ATOM   916  O  O   . TYR A 1 120 ? 4.143   9.977   -4.467  1.00 71.19  ? 130 TYR A O   1 
ATOM   917  C  CB  . TYR A 1 120 ? 1.281   9.385   -5.812  1.00 71.13  ? 130 TYR A CB  1 
ATOM   918  C  CG  . TYR A 1 120 ? 0.795   8.930   -4.440  1.00 70.82  ? 130 TYR A CG  1 
ATOM   919  C  CD1 . TYR A 1 120 ? -0.045  9.723   -3.666  1.00 74.03  ? 130 TYR A CD1 1 
ATOM   920  C  CD2 . TYR A 1 120 ? 1.157   7.691   -3.926  1.00 75.87  ? 130 TYR A CD2 1 
ATOM   921  C  CE1 . TYR A 1 120 ? -0.492  9.306   -2.419  1.00 80.81  ? 130 TYR A CE1 1 
ATOM   922  C  CE2 . TYR A 1 120 ? 0.714   7.259   -2.684  1.00 77.89  ? 130 TYR A CE2 1 
ATOM   923  C  CZ  . TYR A 1 120 ? -0.114  8.067   -1.927  1.00 78.99  ? 130 TYR A CZ  1 
ATOM   924  O  OH  . TYR A 1 120 ? -0.539  7.634   -0.701  1.00 74.09  ? 130 TYR A OH  1 
ATOM   925  N  N   . TYR A 1 121 ? 4.438   9.905   -6.705  1.00 64.71  ? 131 TYR A N   1 
ATOM   926  C  CA  . TYR A 1 121 ? 5.821   9.468   -6.626  1.00 63.59  ? 131 TYR A CA  1 
ATOM   927  C  C   . TYR A 1 121 ? 6.680   10.518  -5.920  1.00 66.32  ? 131 TYR A C   1 
ATOM   928  O  O   . TYR A 1 121 ? 7.598   10.158  -5.189  1.00 73.51  ? 131 TYR A O   1 
ATOM   929  C  CB  . TYR A 1 121 ? 6.399   9.141   -8.005  1.00 62.30  ? 131 TYR A CB  1 
ATOM   930  C  CG  . TYR A 1 121 ? 7.832   8.637   -7.914  1.00 63.30  ? 131 TYR A CG  1 
ATOM   931  C  CD1 . TYR A 1 121 ? 8.894   9.519   -7.735  1.00 64.60  ? 131 TYR A CD1 1 
ATOM   932  C  CD2 . TYR A 1 121 ? 8.122   7.279   -7.944  1.00 61.37  ? 131 TYR A CD2 1 
ATOM   933  C  CE1 . TYR A 1 121 ? 10.200  9.070   -7.621  1.00 65.00  ? 131 TYR A CE1 1 
ATOM   934  C  CE2 . TYR A 1 121 ? 9.426   6.818   -7.833  1.00 66.61  ? 131 TYR A CE2 1 
ATOM   935  C  CZ  . TYR A 1 121 ? 10.471  7.714   -7.668  1.00 65.89  ? 131 TYR A CZ  1 
ATOM   936  O  OH  . TYR A 1 121 ? 11.762  7.274   -7.550  1.00 61.38  ? 131 TYR A OH  1 
ATOM   937  N  N   . LEU A 1 122 ? 6.405   11.810  -6.133  1.00 65.95  ? 132 LEU A N   1 
ATOM   938  C  CA  . LEU A 1 122 ? 7.217   12.845  -5.512  1.00 69.68  ? 132 LEU A CA  1 
ATOM   939  C  C   . LEU A 1 122 ? 6.872   13.006  -4.036  1.00 76.52  ? 132 LEU A C   1 
ATOM   940  O  O   . LEU A 1 122 ? 7.777   13.024  -3.202  1.00 83.93  ? 132 LEU A O   1 
ATOM   941  C  CB  . LEU A 1 122 ? 7.051   14.167  -6.260  1.00 76.06  ? 132 LEU A CB  1 
ATOM   942  C  CG  . LEU A 1 122 ? 8.030   14.356  -7.413  1.00 77.14  ? 132 LEU A CG  1 
ATOM   943  C  CD1 . LEU A 1 122 ? 7.598   13.533  -8.604  1.00 78.45  ? 132 LEU A CD1 1 
ATOM   944  C  CD2 . LEU A 1 122 ? 8.164   15.813  -7.790  1.00 79.01  ? 132 LEU A CD2 1 
ATOM   945  N  N   . GLU A 1 123 ? 5.577   13.128  -3.718  1.00 76.70  ? 133 GLU A N   1 
ATOM   946  C  CA  . GLU A 1 123 ? 5.157   13.341  -2.338  1.00 76.07  ? 133 GLU A CA  1 
ATOM   947  C  C   . GLU A 1 123 ? 5.791   12.286  -1.440  1.00 70.57  ? 133 GLU A C   1 
ATOM   948  O  O   . GLU A 1 123 ? 6.162   12.588  -0.309  1.00 73.68  ? 133 GLU A O   1 
ATOM   949  C  CB  . GLU A 1 123 ? 3.640   13.260  -2.176  1.00 82.09  ? 133 GLU A CB  1 
ATOM   950  C  CG  . GLU A 1 123 ? 2.877   14.334  -2.928  1.00 85.31  ? 133 GLU A CG  1 
ATOM   951  C  CD  . GLU A 1 123 ? 1.423   13.978  -3.187  1.00 92.34  ? 133 GLU A CD  1 
ATOM   952  O  OE1 . GLU A 1 123 ? 0.793   14.665  -4.015  1.00 100.97 ? 133 GLU A OE1 1 
ATOM   953  O  OE2 . GLU A 1 123 ? 0.924   13.014  -2.563  1.00 93.40  ? 133 GLU A OE2 1 
ATOM   954  N  N   . LYS A 1 124 ? 5.890   11.054  -1.951  1.00 66.74  ? 134 LYS A N   1 
ATOM   955  C  CA  . LYS A 1 124 ? 6.510   9.969   -1.210  1.00 70.43  ? 134 LYS A CA  1 
ATOM   956  C  C   . LYS A 1 124 ? 8.000   10.263  -1.058  1.00 71.28  ? 134 LYS A C   1 
ATOM   957  O  O   . LYS A 1 124 ? 8.512   10.320  0.058   1.00 76.11  ? 134 LYS A O   1 
ATOM   958  C  CB  . LYS A 1 124 ? 6.252   8.620   -1.894  1.00 68.58  ? 134 LYS A CB  1 
ATOM   959  C  CG  . LYS A 1 124 ? 4.936   7.945   -1.531  1.00 68.05  ? 134 LYS A CG  1 
ATOM   960  C  CD  . LYS A 1 124 ? 4.899   7.438   -0.104  1.00 68.48  ? 134 LYS A CD  1 
ATOM   961  C  CE  . LYS A 1 124 ? 3.659   6.636   0.226   1.00 68.46  ? 134 LYS A CE  1 
ATOM   962  N  NZ  . LYS A 1 124 ? 2.460   7.499   0.326   1.00 70.44  ? 134 LYS A NZ  1 
ATOM   963  N  N   . ALA A 1 125 ? 8.673   10.483  -2.192  1.00 71.62  ? 135 ALA A N   1 
ATOM   964  C  CA  . ALA A 1 125 ? 10.094  10.798  -2.215  1.00 74.97  ? 135 ALA A CA  1 
ATOM   965  C  C   . ALA A 1 125 ? 10.431  11.953  -1.269  1.00 80.64  ? 135 ALA A C   1 
ATOM   966  O  O   . ALA A 1 125 ? 11.538  11.996  -0.734  1.00 83.20  ? 135 ALA A O   1 
ATOM   967  C  CB  . ALA A 1 125 ? 10.514  11.114  -3.629  1.00 70.24  ? 135 ALA A CB  1 
ATOM   968  N  N   . ASN A 1 126 ? 9.481   12.882  -1.072  1.00 82.18  ? 136 ASN A N   1 
ATOM   969  C  CA  . ASN A 1 126 ? 9.687   14.046  -0.222  1.00 84.26  ? 136 ASN A CA  1 
ATOM   970  C  C   . ASN A 1 126 ? 9.374   13.722  1.239   1.00 87.89  ? 136 ASN A C   1 
ATOM   971  O  O   . ASN A 1 126 ? 10.103  14.162  2.123   1.00 89.51  ? 136 ASN A O   1 
ATOM   972  C  CB  . ASN A 1 126 ? 8.848   15.241  -0.682  1.00 85.57  ? 136 ASN A CB  1 
ATOM   973  C  CG  . ASN A 1 126 ? 9.099   15.617  -2.128  1.00 88.67  ? 136 ASN A CG  1 
ATOM   974  O  OD1 . ASN A 1 126 ? 10.009  15.089  -2.765  1.00 90.81  ? 136 ASN A OD1 1 
ATOM   975  N  ND2 . ASN A 1 126 ? 8.289   16.519  -2.660  1.00 85.00  ? 136 ASN A ND2 1 
ATOM   976  N  N   . LYS A 1 127 ? 8.287   12.979  1.496   1.00 93.29  ? 137 LYS A N   1 
ATOM   977  C  CA  . LYS A 1 127 ? 7.893   12.651  2.861   1.00 97.75  ? 137 LYS A CA  1 
ATOM   978  C  C   . LYS A 1 127 ? 8.848   11.599  3.413   1.00 102.56 ? 137 LYS A C   1 
ATOM   979  O  O   . LYS A 1 127 ? 9.578   11.861  4.368   1.00 104.91 ? 137 LYS A O   1 
ATOM   980  C  CB  . LYS A 1 127 ? 6.443   12.159  2.930   1.00 95.94  ? 137 LYS A CB  1 
ATOM   981  N  N   . ILE A 1 128 ? 8.851   10.417  2.784   1.00 103.48 ? 138 ILE A N   1 
ATOM   982  C  CA  . ILE A 1 128 ? 9.804   9.381   3.140   1.00 100.56 ? 138 ILE A CA  1 
ATOM   983  C  C   . ILE A 1 128 ? 11.193  10.012  3.173   1.00 98.58  ? 138 ILE A C   1 
ATOM   984  O  O   . ILE A 1 128 ? 12.070  9.531   3.896   1.00 99.70  ? 138 ILE A O   1 
ATOM   985  C  CB  . ILE A 1 128 ? 9.731   8.192   2.158   1.00 94.41  ? 138 ILE A CB  1 
ATOM   986  N  N   . LYS A 1 129 ? 11.382  11.098  2.409   1.00 93.14  ? 139 LYS A N   1 
ATOM   987  C  CA  . LYS A 1 129 ? 12.706  11.672  2.266   1.00 98.47  ? 139 LYS A CA  1 
ATOM   988  C  C   . LYS A 1 129 ? 13.657  10.498  2.050   1.00 104.59 ? 139 LYS A C   1 
ATOM   989  O  O   . LYS A 1 129 ? 14.701  10.410  2.695   1.00 106.15 ? 139 LYS A O   1 
ATOM   990  C  CB  . LYS A 1 129 ? 13.076  12.504  3.500   1.00 99.20  ? 139 LYS A CB  1 
ATOM   991  N  N   . SER A 1 130 ? 13.245  9.577   1.168   1.00 111.33 ? 140 SER A N   1 
ATOM   992  C  CA  . SER A 1 130 ? 13.934  8.306   0.990   1.00 115.09 ? 140 SER A CA  1 
ATOM   993  C  C   . SER A 1 130 ? 15.423  8.526   0.716   1.00 109.46 ? 140 SER A C   1 
ATOM   994  O  O   . SER A 1 130 ? 15.783  9.255   -0.207  1.00 104.34 ? 140 SER A O   1 
ATOM   995  C  CB  . SER A 1 130 ? 13.290  7.507   -0.117  1.00 117.78 ? 140 SER A CB  1 
ATOM   996  N  N   . GLU A 1 131 ? 16.283  7.891   1.521   1.00 102.02 ? 141 GLU A N   1 
ATOM   997  C  CA  . GLU A 1 131 ? 17.711  7.907   1.253   1.00 98.97  ? 141 GLU A CA  1 
ATOM   998  C  C   . GLU A 1 131 ? 18.003  6.804   0.240   1.00 93.23  ? 141 GLU A C   1 
ATOM   999  O  O   . GLU A 1 131 ? 18.297  7.084   -0.923  1.00 90.93  ? 141 GLU A O   1 
ATOM   1000 C  CB  . GLU A 1 131 ? 18.507  7.719   2.548   1.00 101.47 ? 141 GLU A CB  1 
ATOM   1001 N  N   . LYS A 1 132 ? 17.872  5.551   0.694   1.00 84.46  ? 142 LYS A N   1 
ATOM   1002 C  CA  . LYS A 1 132 ? 18.127  4.389   -0.141  1.00 78.01  ? 142 LYS A CA  1 
ATOM   1003 C  C   . LYS A 1 132 ? 16.836  3.605   -0.360  1.00 70.72  ? 142 LYS A C   1 
ATOM   1004 O  O   . LYS A 1 132 ? 16.872  2.555   -0.994  1.00 74.51  ? 142 LYS A O   1 
ATOM   1005 C  CB  . LYS A 1 132 ? 19.179  3.493   0.518   1.00 75.41  ? 142 LYS A CB  1 
ATOM   1006 N  N   . THR A 1 133 ? 15.708  4.110   0.160   1.00 68.15  ? 143 THR A N   1 
ATOM   1007 C  CA  . THR A 1 133 ? 14.446  3.383   0.105   1.00 66.50  ? 143 THR A CA  1 
ATOM   1008 C  C   . THR A 1 133 ? 13.901  3.406   -1.321  1.00 63.29  ? 143 THR A C   1 
ATOM   1009 O  O   . THR A 1 133 ? 13.871  4.456   -1.952  1.00 60.65  ? 143 THR A O   1 
ATOM   1010 C  CB  . THR A 1 133 ? 13.408  3.956   1.082   1.00 67.32  ? 143 THR A CB  1 
ATOM   1011 O  OG1 . THR A 1 133 ? 14.014  4.082   2.370   1.00 71.89  ? 143 THR A OG1 1 
ATOM   1012 C  CG2 . THR A 1 133 ? 12.164  3.100   1.180   1.00 64.71  ? 143 THR A CG2 1 
ATOM   1013 N  N   . HIS A 1 134 ? 13.477  2.233   -1.807  1.00 62.89  ? 144 HIS A N   1 
ATOM   1014 C  CA  . HIS A 1 134 ? 12.885  2.097   -3.128  1.00 62.94  ? 144 HIS A CA  1 
ATOM   1015 C  C   . HIS A 1 134 ? 11.411  2.477   -3.040  1.00 62.78  ? 144 HIS A C   1 
ATOM   1016 O  O   . HIS A 1 134 ? 10.723  2.063   -2.112  1.00 68.35  ? 144 HIS A O   1 
ATOM   1017 C  CB  . HIS A 1 134 ? 13.025  0.655   -3.626  1.00 64.87  ? 144 HIS A CB  1 
ATOM   1018 C  CG  . HIS A 1 134 ? 13.166  0.493   -5.107  1.00 72.26  ? 144 HIS A CG  1 
ATOM   1019 N  ND1 . HIS A 1 134 ? 14.265  0.929   -5.818  1.00 74.47  ? 144 HIS A ND1 1 
ATOM   1020 C  CD2 . HIS A 1 134 ? 12.367  -0.115  -6.000  1.00 74.38  ? 144 HIS A CD2 1 
ATOM   1021 C  CE1 . HIS A 1 134 ? 14.111  0.616   -7.101  1.00 72.33  ? 144 HIS A CE1 1 
ATOM   1022 N  NE2 . HIS A 1 134 ? 12.964  -0.019  -7.234  1.00 74.48  ? 144 HIS A NE2 1 
ATOM   1023 N  N   . ILE A 1 135 ? 10.938  3.260   -4.012  1.00 61.25  ? 145 ILE A N   1 
ATOM   1024 C  CA  . ILE A 1 135 ? 9.545   3.664   -4.085  1.00 59.40  ? 145 ILE A CA  1 
ATOM   1025 C  C   . ILE A 1 135 ? 8.920   3.010   -5.316  1.00 60.13  ? 145 ILE A C   1 
ATOM   1026 O  O   . ILE A 1 135 ? 9.591   2.813   -6.323  1.00 64.93  ? 145 ILE A O   1 
ATOM   1027 C  CB  . ILE A 1 135 ? 9.445   5.202   -4.117  1.00 62.75  ? 145 ILE A CB  1 
ATOM   1028 C  CG1 . ILE A 1 135 ? 10.069  5.833   -2.869  1.00 63.60  ? 145 ILE A CG1 1 
ATOM   1029 C  CG2 . ILE A 1 135 ? 8.005   5.651   -4.313  1.00 63.28  ? 145 ILE A CG2 1 
ATOM   1030 C  CD1 . ILE A 1 135 ? 10.266  7.331   -2.962  1.00 64.51  ? 145 ILE A CD1 1 
ATOM   1031 N  N   . HIS A 1 136 ? 7.632   2.663   -5.221  1.00 58.17  ? 146 HIS A N   1 
ATOM   1032 C  CA  . HIS A 1 136 ? 6.923   1.962   -6.279  1.00 52.23  ? 146 HIS A CA  1 
ATOM   1033 C  C   . HIS A 1 136 ? 5.443   2.324   -6.186  1.00 53.27  ? 146 HIS A C   1 
ATOM   1034 O  O   . HIS A 1 136 ? 4.788   1.977   -5.205  1.00 55.93  ? 146 HIS A O   1 
ATOM   1035 C  CB  . HIS A 1 136 ? 7.138   0.450   -6.149  1.00 51.07  ? 146 HIS A CB  1 
ATOM   1036 C  CG  . HIS A 1 136 ? 6.749   -0.356  -7.349  1.00 54.86  ? 146 HIS A CG  1 
ATOM   1037 N  ND1 . HIS A 1 136 ? 7.461   -1.464  -7.760  1.00 58.07  ? 146 HIS A ND1 1 
ATOM   1038 C  CD2 . HIS A 1 136 ? 5.719   -0.244  -8.208  1.00 54.97  ? 146 HIS A CD2 1 
ATOM   1039 C  CE1 . HIS A 1 136 ? 6.880   -1.987  -8.832  1.00 56.90  ? 146 HIS A CE1 1 
ATOM   1040 N  NE2 . HIS A 1 136 ? 5.822   -1.260  -9.122  1.00 54.13  ? 146 HIS A NE2 1 
ATOM   1041 N  N   . ILE A 1 137 ? 4.927   3.043   -7.195  1.00 53.48  ? 147 ILE A N   1 
ATOM   1042 C  CA  . ILE A 1 137 ? 3.552   3.529   -7.174  1.00 54.15  ? 147 ILE A CA  1 
ATOM   1043 C  C   . ILE A 1 137 ? 2.695   2.639   -8.073  1.00 53.55  ? 147 ILE A C   1 
ATOM   1044 O  O   . ILE A 1 137 ? 3.215   2.034   -9.009  1.00 53.78  ? 147 ILE A O   1 
ATOM   1045 C  CB  . ILE A 1 137 ? 3.473   5.008   -7.610  1.00 55.06  ? 147 ILE A CB  1 
ATOM   1046 C  CG1 . ILE A 1 137 ? 4.465   5.888   -6.842  1.00 58.10  ? 147 ILE A CG1 1 
ATOM   1047 C  CG2 . ILE A 1 137 ? 2.049   5.542   -7.500  1.00 54.25  ? 147 ILE A CG2 1 
ATOM   1048 C  CD1 . ILE A 1 137 ? 4.283   5.868   -5.340  1.00 59.92  ? 147 ILE A CD1 1 
ATOM   1049 N  N   . PHE A 1 138 ? 1.392   2.562   -7.750  1.00 50.33  ? 148 PHE A N   1 
ATOM   1050 C  CA  . PHE A 1 138 ? 0.378   1.932   -8.584  1.00 48.04  ? 148 PHE A CA  1 
ATOM   1051 C  C   . PHE A 1 138 ? -0.841  2.847   -8.689  1.00 47.40  ? 148 PHE A C   1 
ATOM   1052 O  O   . PHE A 1 138 ? -1.104  3.640   -7.795  1.00 49.46  ? 148 PHE A O   1 
ATOM   1053 C  CB  . PHE A 1 138 ? -0.039  0.572   -8.016  1.00 50.83  ? 148 PHE A CB  1 
ATOM   1054 C  CG  . PHE A 1 138 ? 0.994   -0.522  -8.126  1.00 54.56  ? 148 PHE A CG  1 
ATOM   1055 C  CD1 . PHE A 1 138 ? 1.087   -1.301  -9.268  1.00 57.60  ? 148 PHE A CD1 1 
ATOM   1056 C  CD2 . PHE A 1 138 ? 1.886   -0.765  -7.093  1.00 55.93  ? 148 PHE A CD2 1 
ATOM   1057 C  CE1 . PHE A 1 138 ? 2.037   -2.309  -9.363  1.00 56.70  ? 148 PHE A CE1 1 
ATOM   1058 C  CE2 . PHE A 1 138 ? 2.843   -1.765  -7.195  1.00 55.36  ? 148 PHE A CE2 1 
ATOM   1059 C  CZ  . PHE A 1 138 ? 2.915   -2.536  -8.330  1.00 55.53  ? 148 PHE A CZ  1 
ATOM   1060 N  N   . SER A 1 139 ? -1.577  2.727   -9.800  1.00 53.62  ? 149 SER A N   1 
ATOM   1061 C  CA  . SER A 1 139 ? -2.850  3.403   -9.984  1.00 54.33  ? 149 SER A CA  1 
ATOM   1062 C  C   . SER A 1 139 ? -3.960  2.374   -10.181 1.00 55.30  ? 149 SER A C   1 
ATOM   1063 O  O   . SER A 1 139 ? -3.707  1.179   -10.292 1.00 55.79  ? 149 SER A O   1 
ATOM   1064 C  CB  . SER A 1 139 ? -2.795  4.330   -11.156 1.00 53.98  ? 149 SER A CB  1 
ATOM   1065 O  OG  . SER A 1 139 ? -2.964  3.602   -12.361 1.00 54.34  ? 149 SER A OG  1 
ATOM   1066 N  N   . PHE A 1 140 ? -5.197  2.865   -10.262 1.00 58.96  ? 150 PHE A N   1 
ATOM   1067 C  CA  . PHE A 1 140 ? -6.337  2.013   -10.545 1.00 59.86  ? 150 PHE A CA  1 
ATOM   1068 C  C   . PHE A 1 140 ? -6.608  1.967   -12.050 1.00 65.98  ? 150 PHE A C   1 
ATOM   1069 O  O   . PHE A 1 140 ? -7.614  1.403   -12.475 1.00 66.03  ? 150 PHE A O   1 
ATOM   1070 C  CB  . PHE A 1 140 ? -7.577  2.518   -9.806  1.00 54.21  ? 150 PHE A CB  1 
ATOM   1071 C  CG  . PHE A 1 140 ? -7.498  2.495   -8.302  1.00 49.94  ? 150 PHE A CG  1 
ATOM   1072 C  CD1 . PHE A 1 140 ? -6.745  3.430   -7.612  1.00 52.49  ? 150 PHE A CD1 1 
ATOM   1073 C  CD2 . PHE A 1 140 ? -8.207  1.554   -7.573  1.00 50.34  ? 150 PHE A CD2 1 
ATOM   1074 C  CE1 . PHE A 1 140 ? -6.690  3.416   -6.226  1.00 48.57  ? 150 PHE A CE1 1 
ATOM   1075 C  CE2 . PHE A 1 140 ? -8.150  1.538   -6.189  1.00 48.49  ? 150 PHE A CE2 1 
ATOM   1076 C  CZ  . PHE A 1 140 ? -7.391  2.470   -5.519  1.00 47.85  ? 150 PHE A CZ  1 
ATOM   1077 N  N   . THR A 1 141 ? -5.720  2.573   -12.848 1.00 67.74  ? 151 THR A N   1 
ATOM   1078 C  CA  . THR A 1 141 ? -5.917  2.654   -14.285 1.00 72.31  ? 151 THR A CA  1 
ATOM   1079 C  C   . THR A 1 141 ? -4.860  1.833   -15.017 1.00 75.39  ? 151 THR A C   1 
ATOM   1080 O  O   . THR A 1 141 ? -4.894  1.759   -16.244 1.00 88.43  ? 151 THR A O   1 
ATOM   1081 C  CB  . THR A 1 141 ? -5.905  4.113   -14.760 1.00 74.01  ? 151 THR A CB  1 
ATOM   1082 O  OG1 . THR A 1 141 ? -4.621  4.671   -14.473 1.00 69.58  ? 151 THR A OG1 1 
ATOM   1083 C  CG2 . THR A 1 141 ? -6.996  4.942   -14.113 1.00 74.38  ? 151 THR A CG2 1 
ATOM   1084 N  N   . GLY A 1 142 ? -3.934  1.223   -14.261 1.00 74.79  ? 152 GLY A N   1 
ATOM   1085 C  CA  . GLY A 1 142 ? -2.886  0.385   -14.828 1.00 74.25  ? 152 GLY A CA  1 
ATOM   1086 C  C   . GLY A 1 142 ? -1.510  1.055   -14.840 1.00 72.33  ? 152 GLY A C   1 
ATOM   1087 O  O   . GLY A 1 142 ? -0.528  0.435   -15.240 1.00 73.81  ? 152 GLY A O   1 
ATOM   1088 N  N   . GLU A 1 143 ? -1.438  2.317   -14.399 1.00 77.28  ? 153 GLU A N   1 
ATOM   1089 C  CA  . GLU A 1 143 ? -0.179  3.046   -14.338 1.00 80.47  ? 153 GLU A CA  1 
ATOM   1090 C  C   . GLU A 1 143 ? 0.679   2.481   -13.203 1.00 71.93  ? 153 GLU A C   1 
ATOM   1091 O  O   . GLU A 1 143 ? 0.169   2.190   -12.123 1.00 62.92  ? 153 GLU A O   1 
ATOM   1092 C  CB  . GLU A 1 143 ? -0.413  4.543   -14.089 1.00 90.94  ? 153 GLU A CB  1 
ATOM   1093 C  CG  . GLU A 1 143 ? -1.327  5.241   -15.091 1.00 96.41  ? 153 GLU A CG  1 
ATOM   1094 C  CD  . GLU A 1 143 ? -1.903  6.564   -14.604 1.00 105.11 ? 153 GLU A CD  1 
ATOM   1095 O  OE1 . GLU A 1 143 ? -3.137  6.637   -14.420 1.00 110.20 ? 153 GLU A OE1 1 
ATOM   1096 O  OE2 . GLU A 1 143 ? -1.123  7.522   -14.408 1.00 106.03 ? 153 GLU A OE2 1 
ATOM   1097 N  N   . GLU A 1 144 ? 1.985   2.326   -13.448 1.00 67.64  ? 154 GLU A N   1 
ATOM   1098 C  CA  . GLU A 1 144 ? 2.925   2.059   -12.371 1.00 68.12  ? 154 GLU A CA  1 
ATOM   1099 C  C   . GLU A 1 144 ? 4.230   2.804   -12.640 1.00 66.69  ? 154 GLU A C   1 
ATOM   1100 O  O   . GLU A 1 144 ? 4.516   3.180   -13.771 1.00 73.41  ? 154 GLU A O   1 
ATOM   1101 C  CB  . GLU A 1 144 ? 3.152   0.557   -12.177 1.00 70.43  ? 154 GLU A CB  1 
ATOM   1102 C  CG  . GLU A 1 144 ? 3.760   -0.160  -13.370 1.00 74.51  ? 154 GLU A CG  1 
ATOM   1103 C  CD  . GLU A 1 144 ? 4.257   -1.565  -13.068 1.00 74.27  ? 154 GLU A CD  1 
ATOM   1104 O  OE1 . GLU A 1 144 ? 4.738   -2.243  -14.000 1.00 79.31  ? 154 GLU A OE1 1 
ATOM   1105 O  OE2 . GLU A 1 144 ? 4.165   -1.979  -11.904 1.00 68.71  ? 154 GLU A OE2 1 
ATOM   1106 N  N   . MET A 1 145 ? 5.019   3.005   -11.584 1.00 67.90  ? 155 MET A N   1 
ATOM   1107 C  CA  . MET A 1 145 ? 6.226   3.805   -11.672 1.00 67.20  ? 155 MET A CA  1 
ATOM   1108 C  C   . MET A 1 145 ? 7.110   3.536   -10.454 1.00 66.57  ? 155 MET A C   1 
ATOM   1109 O  O   . MET A 1 145 ? 6.637   3.593   -9.323  1.00 69.10  ? 155 MET A O   1 
ATOM   1110 C  CB  . MET A 1 145 ? 5.868   5.292   -11.736 1.00 68.68  ? 155 MET A CB  1 
ATOM   1111 C  CG  . MET A 1 145 ? 7.007   6.186   -11.318 1.00 70.60  ? 155 MET A CG  1 
ATOM   1112 S  SD  . MET A 1 145 ? 6.855   7.863   -11.925 0.73 66.24  ? 155 MET A SD  1 
ATOM   1113 C  CE  . MET A 1 145 ? 8.565   8.143   -12.382 1.00 73.60  ? 155 MET A CE  1 
ATOM   1114 N  N   . ALA A 1 146 ? 8.402   3.284   -10.698 1.00 65.28  ? 156 ALA A N   1 
ATOM   1115 C  CA  . ALA A 1 146 ? 9.303   2.814   -9.660  1.00 65.16  ? 156 ALA A CA  1 
ATOM   1116 C  C   . ALA A 1 146 ? 10.628  3.572   -9.715  1.00 66.10  ? 156 ALA A C   1 
ATOM   1117 O  O   . ALA A 1 146 ? 10.886  4.310   -10.662 1.00 73.92  ? 156 ALA A O   1 
ATOM   1118 C  CB  . ALA A 1 146 ? 9.501   1.329   -9.813  1.00 64.69  ? 156 ALA A CB  1 
ATOM   1119 N  N   . THR A 1 147 ? 11.456  3.381   -8.683  1.00 64.19  ? 157 THR A N   1 
ATOM   1120 C  CA  . THR A 1 147 ? 12.706  4.111   -8.543  1.00 72.34  ? 157 THR A CA  1 
ATOM   1121 C  C   . THR A 1 147 ? 13.724  3.590   -9.554  1.00 73.72  ? 157 THR A C   1 
ATOM   1122 O  O   . THR A 1 147 ? 13.853  2.381   -9.744  1.00 69.12  ? 157 THR A O   1 
ATOM   1123 C  CB  . THR A 1 147 ? 13.234  4.041   -7.102  1.00 75.23  ? 157 THR A CB  1 
ATOM   1124 O  OG1 . THR A 1 147 ? 12.449  4.930   -6.305  1.00 78.04  ? 157 THR A OG1 1 
ATOM   1125 C  CG2 . THR A 1 147 ? 14.693  4.426   -6.980  1.00 73.39  ? 157 THR A CG2 1 
ATOM   1126 N  N   . LYS A 1 148 ? 14.442  4.535   -10.184 1.00 77.87  ? 158 LYS A N   1 
ATOM   1127 C  CA  . LYS A 1 148 ? 15.361  4.264   -11.281 1.00 77.62  ? 158 LYS A CA  1 
ATOM   1128 C  C   . LYS A 1 148 ? 14.707  3.301   -12.275 1.00 77.31  ? 158 LYS A C   1 
ATOM   1129 O  O   . LYS A 1 148 ? 15.395  2.503   -12.909 1.00 73.90  ? 158 LYS A O   1 
ATOM   1130 C  CB  . LYS A 1 148 ? 16.690  3.724   -10.741 1.00 79.25  ? 158 LYS A CB  1 
ATOM   1131 N  N   . ALA A 1 149 ? 13.371  3.406   -12.390 1.00 77.82  ? 159 ALA A N   1 
ATOM   1132 C  CA  . ALA A 1 149 ? 12.534  2.582   -13.254 1.00 75.98  ? 159 ALA A CA  1 
ATOM   1133 C  C   . ALA A 1 149 ? 12.779  1.087   -13.044 1.00 71.62  ? 159 ALA A C   1 
ATOM   1134 O  O   . ALA A 1 149 ? 12.693  0.314   -13.999 1.00 65.21  ? 159 ALA A O   1 
ATOM   1135 C  CB  . ALA A 1 149 ? 12.747  2.971   -14.696 1.00 78.33  ? 159 ALA A CB  1 
ATOM   1136 N  N   . ASP A 1 150 ? 13.038  0.690   -11.790 1.00 70.72  ? 160 ASP A N   1 
ATOM   1137 C  CA  . ASP A 1 150 ? 13.262  -0.705  -11.442 1.00 71.47  ? 160 ASP A CA  1 
ATOM   1138 C  C   . ASP A 1 150 ? 12.007  -1.241  -10.754 1.00 70.14  ? 160 ASP A C   1 
ATOM   1139 O  O   . ASP A 1 150 ? 11.658  -0.795  -9.663  1.00 60.82  ? 160 ASP A O   1 
ATOM   1140 C  CB  . ASP A 1 150 ? 14.527  -0.850  -10.594 1.00 68.53  ? 160 ASP A CB  1 
ATOM   1141 C  CG  . ASP A 1 150 ? 14.863  -2.277  -10.205 1.00 65.80  ? 160 ASP A CG  1 
ATOM   1142 O  OD1 . ASP A 1 150 ? 14.027  -3.176  -10.440 1.00 59.22  ? 160 ASP A OD1 1 
ATOM   1143 O  OD2 . ASP A 1 150 ? 15.963  -2.476  -9.662  1.00 69.37  ? 160 ASP A OD2 1 
ATOM   1144 N  N   . TYR A 1 151 ? 11.366  -2.225  -11.401 1.00 75.12  ? 161 TYR A N   1 
ATOM   1145 C  CA  . TYR A 1 151 ? 10.012  -2.651  -11.073 1.00 73.76  ? 161 TYR A CA  1 
ATOM   1146 C  C   . TYR A 1 151 ? 10.017  -3.923  -10.227 1.00 69.25  ? 161 TYR A C   1 
ATOM   1147 O  O   . TYR A 1 151 ? 8.954   -4.452  -9.909  1.00 65.59  ? 161 TYR A O   1 
ATOM   1148 C  CB  . TYR A 1 151 ? 9.238   -2.812  -12.387 1.00 76.46  ? 161 TYR A CB  1 
ATOM   1149 C  CG  . TYR A 1 151 ? 8.903   -1.471  -13.027 1.00 77.04  ? 161 TYR A CG  1 
ATOM   1150 C  CD1 . TYR A 1 151 ? 7.963   -0.626  -12.449 1.00 76.99  ? 161 TYR A CD1 1 
ATOM   1151 C  CD2 . TYR A 1 151 ? 9.559   -1.025  -14.166 1.00 79.56  ? 161 TYR A CD2 1 
ATOM   1152 C  CE1 . TYR A 1 151 ? 7.663   0.609   -12.998 1.00 78.37  ? 161 TYR A CE1 1 
ATOM   1153 C  CE2 . TYR A 1 151 ? 9.275   0.213   -14.724 1.00 80.03  ? 161 TYR A CE2 1 
ATOM   1154 C  CZ  . TYR A 1 151 ? 8.323   1.033   -14.139 1.00 80.72  ? 161 TYR A CZ  1 
ATOM   1155 O  OH  . TYR A 1 151 ? 8.022   2.258   -14.660 1.00 76.76  ? 161 TYR A OH  1 
ATOM   1156 N  N   . THR A 1 152 ? 11.212  -4.422  -9.885  1.00 65.78  ? 162 THR A N   1 
ATOM   1157 C  CA  . THR A 1 152 ? 11.374  -5.421  -8.839  1.00 64.33  ? 162 THR A CA  1 
ATOM   1158 C  C   . THR A 1 152 ? 10.779  -6.762  -9.269  1.00 65.63  ? 162 THR A C   1 
ATOM   1159 O  O   . THR A 1 152 ? 11.515  -7.736  -9.407  1.00 62.28  ? 162 THR A O   1 
ATOM   1160 C  CB  . THR A 1 152 ? 10.813  -4.893  -7.510  1.00 63.21  ? 162 THR A CB  1 
ATOM   1161 O  OG1 . THR A 1 152 ? 11.652  -3.812  -7.100  1.00 62.71  ? 162 THR A OG1 1 
ATOM   1162 C  CG2 . THR A 1 152 ? 10.756  -5.933  -6.413  1.00 64.41  ? 162 THR A CG2 1 
ATOM   1163 N  N   . LEU A 1 153 ? 9.452   -6.829  -9.447  1.00 66.80  ? 163 LEU A N   1 
ATOM   1164 C  CA  . LEU A 1 153 ? 8.792   -8.090  -9.762  1.00 69.82  ? 163 LEU A CA  1 
ATOM   1165 C  C   . LEU A 1 153 ? 8.778   -8.320  -11.271 1.00 70.84  ? 163 LEU A C   1 
ATOM   1166 O  O   . LEU A 1 153 ? 9.165   -7.451  -12.046 1.00 68.53  ? 163 LEU A O   1 
ATOM   1167 C  CB  . LEU A 1 153 ? 7.360   -8.077  -9.219  1.00 70.08  ? 163 LEU A CB  1 
ATOM   1168 C  CG  . LEU A 1 153 ? 7.202   -7.944  -7.705  1.00 68.76  ? 163 LEU A CG  1 
ATOM   1169 C  CD1 . LEU A 1 153 ? 5.736   -7.798  -7.335  1.00 67.03  ? 163 LEU A CD1 1 
ATOM   1170 C  CD2 . LEU A 1 153 ? 7.803   -9.136  -6.977  1.00 70.38  ? 163 LEU A CD2 1 
ATOM   1171 N  N   . ASP A 1 154 ? 8.334   -9.519  -11.664 1.00 74.50  ? 164 ASP A N   1 
ATOM   1172 C  CA  . ASP A 1 154 ? 8.064   -9.840  -13.056 1.00 79.38  ? 164 ASP A CA  1 
ATOM   1173 C  C   . ASP A 1 154 ? 6.677   -9.311  -13.407 1.00 79.08  ? 164 ASP A C   1 
ATOM   1174 O  O   . ASP A 1 154 ? 5.902   -8.970  -12.516 1.00 74.02  ? 164 ASP A O   1 
ATOM   1175 C  CB  . ASP A 1 154 ? 8.168   -11.346 -13.311 1.00 79.79  ? 164 ASP A CB  1 
ATOM   1176 C  CG  . ASP A 1 154 ? 7.290   -12.168 -12.385 1.00 83.82  ? 164 ASP A CG  1 
ATOM   1177 O  OD1 . ASP A 1 154 ? 7.720   -12.412 -11.241 1.00 91.90  ? 164 ASP A OD1 1 
ATOM   1178 O  OD2 . ASP A 1 154 ? 6.163   -12.508 -12.796 1.00 83.28  ? 164 ASP A OD2 1 
ATOM   1179 N  N   . GLU A 1 155 ? 6.371   -9.267  -14.711 1.00 78.83  ? 165 GLU A N   1 
ATOM   1180 C  CA  . GLU A 1 155 ? 5.173   -8.606  -15.208 1.00 78.95  ? 165 GLU A CA  1 
ATOM   1181 C  C   . GLU A 1 155 ? 3.915   -9.407  -14.878 1.00 75.86  ? 165 GLU A C   1 
ATOM   1182 O  O   . GLU A 1 155 ? 2.869   -8.813  -14.636 1.00 74.94  ? 165 GLU A O   1 
ATOM   1183 C  CB  . GLU A 1 155 ? 5.270   -8.372  -16.714 1.00 82.19  ? 165 GLU A CB  1 
ATOM   1184 C  CG  . GLU A 1 155 ? 6.245   -7.276  -17.086 1.00 85.61  ? 165 GLU A CG  1 
ATOM   1185 C  CD  . GLU A 1 155 ? 6.363   -7.019  -18.578 1.00 92.73  ? 165 GLU A CD  1 
ATOM   1186 O  OE1 . GLU A 1 155 ? 6.857   -7.914  -19.301 1.00 87.82  ? 165 GLU A OE1 1 
ATOM   1187 O  OE2 . GLU A 1 155 ? 5.950   -5.926  -19.012 1.00 98.49  ? 165 GLU A OE2 1 
ATOM   1188 N  N   . GLU A 1 156 ? 4.008   -10.745 -14.881 1.00 71.67  ? 166 GLU A N   1 
ATOM   1189 C  CA  . GLU A 1 156 ? 2.850   -11.586 -14.611 1.00 72.70  ? 166 GLU A CA  1 
ATOM   1190 C  C   . GLU A 1 156 ? 2.307   -11.264 -13.220 1.00 74.95  ? 166 GLU A C   1 
ATOM   1191 O  O   . GLU A 1 156 ? 1.097   -11.327 -12.988 1.00 80.15  ? 166 GLU A O   1 
ATOM   1192 C  CB  . GLU A 1 156 ? 3.223   -13.065 -14.728 1.00 72.42  ? 166 GLU A CB  1 
ATOM   1193 C  CG  . GLU A 1 156 ? 2.026   -14.001 -14.716 0.50 71.15  ? 166 GLU A CG  1 
ATOM   1194 C  CD  . GLU A 1 156 ? 2.378   -15.473 -14.863 0.50 70.74  ? 166 GLU A CD  1 
ATOM   1195 O  OE1 . GLU A 1 156 ? 3.121   -15.996 -14.004 0.50 65.24  ? 166 GLU A OE1 1 
ATOM   1196 O  OE2 . GLU A 1 156 ? 1.908   -16.095 -15.836 0.50 71.71  ? 166 GLU A OE2 1 
ATOM   1197 N  N   . SER A 1 157 ? 3.233   -10.914 -12.318 1.00 71.73  ? 167 SER A N   1 
ATOM   1198 C  CA  . SER A 1 157 ? 2.931   -10.556 -10.941 1.00 70.34  ? 167 SER A CA  1 
ATOM   1199 C  C   . SER A 1 157 ? 2.451   -9.105  -10.833 1.00 67.73  ? 167 SER A C   1 
ATOM   1200 O  O   . SER A 1 157 ? 1.420   -8.845  -10.216 1.00 60.82  ? 167 SER A O   1 
ATOM   1201 C  CB  . SER A 1 157 ? 4.132   -10.812 -10.064 1.00 71.70  ? 167 SER A CB  1 
ATOM   1202 O  OG  . SER A 1 157 ? 4.361   -12.207 -9.926  1.00 74.93  ? 167 SER A OG  1 
ATOM   1203 N  N   . ARG A 1 158 ? 3.200   -8.160  -11.419 1.00 62.63  ? 168 ARG A N   1 
ATOM   1204 C  CA  . ARG A 1 158 ? 2.773   -6.767  -11.474 1.00 64.61  ? 168 ARG A CA  1 
ATOM   1205 C  C   . ARG A 1 158 ? 1.390   -6.642  -12.118 1.00 65.56  ? 168 ARG A C   1 
ATOM   1206 O  O   . ARG A 1 158 ? 0.589   -5.802  -11.719 1.00 68.76  ? 168 ARG A O   1 
ATOM   1207 C  CB  . ARG A 1 158 ? 3.762   -5.908  -12.266 1.00 68.14  ? 168 ARG A CB  1 
ATOM   1208 C  CG  . ARG A 1 158 ? 5.123   -5.744  -11.608 1.00 71.12  ? 168 ARG A CG  1 
ATOM   1209 C  CD  . ARG A 1 158 ? 5.999   -4.675  -12.238 1.00 73.20  ? 168 ARG A CD  1 
ATOM   1210 N  NE  . ARG A 1 158 ? 6.124   -4.691  -13.692 1.00 77.56  ? 168 ARG A NE  1 
ATOM   1211 C  CZ  . ARG A 1 158 ? 7.141   -5.228  -14.364 1.00 89.61  ? 168 ARG A CZ  1 
ATOM   1212 N  NH1 . ARG A 1 158 ? 7.781   -6.285  -13.892 1.00 91.87  ? 168 ARG A NH1 1 
ATOM   1213 N  NH2 . ARG A 1 158 ? 7.447   -4.762  -15.565 1.00 93.67  ? 168 ARG A NH2 1 
ATOM   1214 N  N   . ALA A 1 159 ? 1.120   -7.466  -13.135 1.00 64.82  ? 169 ALA A N   1 
ATOM   1215 C  CA  . ALA A 1 159 ? -0.156  -7.436  -13.828 1.00 60.44  ? 169 ALA A CA  1 
ATOM   1216 C  C   . ALA A 1 159 ? -1.250  -8.052  -12.960 1.00 53.49  ? 169 ALA A C   1 
ATOM   1217 O  O   . ALA A 1 159 ? -2.397  -7.627  -13.032 1.00 50.64  ? 169 ALA A O   1 
ATOM   1218 C  CB  . ALA A 1 159 ? -0.042  -8.152  -15.151 1.00 60.13  ? 169 ALA A CB  1 
ATOM   1219 N  N   . ARG A 1 160 ? -0.904  -9.066  -12.159 1.00 51.35  ? 170 ARG A N   1 
ATOM   1220 C  CA  . ARG A 1 160 ? -1.876  -9.653  -11.251 1.00 55.54  ? 170 ARG A CA  1 
ATOM   1221 C  C   . ARG A 1 160 ? -2.373  -8.566  -10.292 1.00 56.06  ? 170 ARG A C   1 
ATOM   1222 O  O   . ARG A 1 160 ? -3.520  -8.608  -9.853  1.00 59.68  ? 170 ARG A O   1 
ATOM   1223 C  CB  . ARG A 1 160 ? -1.279  -10.856 -10.512 1.00 55.31  ? 170 ARG A CB  1 
ATOM   1224 N  N   . ILE A 1 161 ? -1.511  -7.575  -10.016 1.00 53.96  ? 171 ILE A N   1 
ATOM   1225 C  CA  . ILE A 1 161 ? -1.790  -6.511  -9.060  1.00 54.11  ? 171 ILE A CA  1 
ATOM   1226 C  C   . ILE A 1 161 ? -2.604  -5.399  -9.717  1.00 56.94  ? 171 ILE A C   1 
ATOM   1227 O  O   . ILE A 1 161 ? -3.589  -4.945  -9.141  1.00 60.14  ? 171 ILE A O   1 
ATOM   1228 C  CB  . ILE A 1 161 ? -0.489  -5.959  -8.438  1.00 52.56  ? 171 ILE A CB  1 
ATOM   1229 C  CG1 . ILE A 1 161 ? 0.184   -7.002  -7.543  1.00 53.43  ? 171 ILE A CG1 1 
ATOM   1230 C  CG2 . ILE A 1 161 ? -0.759  -4.664  -7.679  1.00 49.78  ? 171 ILE A CG2 1 
ATOM   1231 C  CD1 . ILE A 1 161 ? 1.401   -6.506  -6.790  1.00 51.42  ? 171 ILE A CD1 1 
ATOM   1232 N  N   . LYS A 1 162 ? -2.164  -4.930  -10.890 1.00 55.88  ? 172 LYS A N   1 
ATOM   1233 C  CA  . LYS A 1 162 ? -2.859  -3.876  -11.615 1.00 54.95  ? 172 LYS A CA  1 
ATOM   1234 C  C   . LYS A 1 162 ? -4.286  -4.300  -11.965 1.00 53.85  ? 172 LYS A C   1 
ATOM   1235 O  O   . LYS A 1 162 ? -5.208  -3.487  -11.894 1.00 57.62  ? 172 LYS A O   1 
ATOM   1236 C  CB  . LYS A 1 162 ? -2.062  -3.498  -12.866 1.00 57.10  ? 172 LYS A CB  1 
ATOM   1237 C  CG  . LYS A 1 162 ? -0.778  -2.736  -12.571 1.00 59.94  ? 172 LYS A CG  1 
ATOM   1238 C  CD  . LYS A 1 162 ? 0.053   -2.396  -13.787 1.00 63.41  ? 172 LYS A CD  1 
ATOM   1239 C  CE  . LYS A 1 162 ? 0.876   -3.557  -14.300 1.00 65.33  ? 172 LYS A CE  1 
ATOM   1240 N  NZ  . LYS A 1 162 ? 2.093   -3.068  -14.989 1.00 67.74  ? 172 LYS A NZ  1 
ATOM   1241 N  N   . THR A 1 163 ? -4.455  -5.576  -12.334 1.00 50.64  ? 173 THR A N   1 
ATOM   1242 C  CA  . THR A 1 163 ? -5.744  -6.112  -12.742 1.00 51.54  ? 173 THR A CA  1 
ATOM   1243 C  C   . THR A 1 163 ? -6.690  -6.154  -11.544 1.00 52.63  ? 173 THR A C   1 
ATOM   1244 O  O   . THR A 1 163 ? -7.900  -5.990  -11.699 1.00 50.95  ? 173 THR A O   1 
ATOM   1245 C  CB  . THR A 1 163 ? -5.579  -7.490  -13.404 1.00 52.32  ? 173 THR A CB  1 
ATOM   1246 O  OG1 . THR A 1 163 ? -4.943  -7.301  -14.669 1.00 52.16  ? 173 THR A OG1 1 
ATOM   1247 C  CG2 . THR A 1 163 ? -6.885  -8.222  -13.619 1.00 50.86  ? 173 THR A CG2 1 
ATOM   1248 N  N   . ARG A 1 164 ? -6.135  -6.393  -10.351 1.00 55.15  ? 174 ARG A N   1 
ATOM   1249 C  CA  . ARG A 1 164 ? -6.929  -6.412  -9.133  1.00 52.64  ? 174 ARG A CA  1 
ATOM   1250 C  C   . ARG A 1 164 ? -7.419  -4.998  -8.819  1.00 50.11  ? 174 ARG A C   1 
ATOM   1251 O  O   . ARG A 1 164 ? -8.571  -4.797  -8.454  1.00 49.08  ? 174 ARG A O   1 
ATOM   1252 C  CB  . ARG A 1 164 ? -6.105  -6.989  -7.980  1.00 52.09  ? 174 ARG A CB  1 
ATOM   1253 C  CG  . ARG A 1 164 ? -6.774  -6.882  -6.616  1.00 53.68  ? 174 ARG A CG  1 
ATOM   1254 C  CD  . ARG A 1 164 ? -8.149  -7.528  -6.532  1.00 54.11  ? 174 ARG A CD  1 
ATOM   1255 N  NE  . ARG A 1 164 ? -8.668  -7.422  -5.175  1.00 53.87  ? 174 ARG A NE  1 
ATOM   1256 C  CZ  . ARG A 1 164 ? -9.917  -7.677  -4.791  1.00 59.71  ? 174 ARG A CZ  1 
ATOM   1257 N  NH1 . ARG A 1 164 ? -10.817 -8.144  -5.642  1.00 60.60  ? 174 ARG A NH1 1 
ATOM   1258 N  NH2 . ARG A 1 164 ? -10.267 -7.451  -3.535  1.00 62.16  ? 174 ARG A NH2 1 
ATOM   1259 N  N   . LEU A 1 165 ? -6.527  -4.016  -8.954  1.00 50.07  ? 175 LEU A N   1 
ATOM   1260 C  CA  . LEU A 1 165 ? -6.859  -2.622  -8.713  1.00 49.55  ? 175 LEU A CA  1 
ATOM   1261 C  C   . LEU A 1 165 ? -7.926  -2.146  -9.698  1.00 52.71  ? 175 LEU A C   1 
ATOM   1262 O  O   . LEU A 1 165 ? -8.881  -1.474  -9.311  1.00 47.50  ? 175 LEU A O   1 
ATOM   1263 C  CB  . LEU A 1 165 ? -5.574  -1.800  -8.841  1.00 50.13  ? 175 LEU A CB  1 
ATOM   1264 C  CG  . LEU A 1 165 ? -4.602  -1.920  -7.667  1.00 49.16  ? 175 LEU A CG  1 
ATOM   1265 C  CD1 . LEU A 1 165 ? -3.367  -1.059  -7.884  1.00 48.29  ? 175 LEU A CD1 1 
ATOM   1266 C  CD2 . LEU A 1 165 ? -5.286  -1.531  -6.369  1.00 50.21  ? 175 LEU A CD2 1 
ATOM   1267 N  N   . PHE A 1 166 ? -7.746  -2.487  -10.977 1.00 55.80  ? 176 PHE A N   1 
ATOM   1268 C  CA  . PHE A 1 166 ? -8.760  -2.242  -11.990 1.00 57.27  ? 176 PHE A CA  1 
ATOM   1269 C  C   . PHE A 1 166 ? -10.101 -2.825  -11.532 1.00 51.01  ? 176 PHE A C   1 
ATOM   1270 O  O   . PHE A 1 166 ? -11.097 -2.113  -11.462 1.00 50.88  ? 176 PHE A O   1 
ATOM   1271 C  CB  . PHE A 1 166 ? -8.279  -2.821  -13.321 1.00 64.34  ? 176 PHE A CB  1 
ATOM   1272 C  CG  . PHE A 1 166 ? -9.189  -2.570  -14.492 1.00 70.76  ? 176 PHE A CG  1 
ATOM   1273 C  CD1 . PHE A 1 166 ? -9.279  -1.310  -15.062 1.00 73.18  ? 176 PHE A CD1 1 
ATOM   1274 C  CD2 . PHE A 1 166 ? -9.958  -3.595  -15.023 1.00 75.76  ? 176 PHE A CD2 1 
ATOM   1275 C  CE1 . PHE A 1 166 ? -10.112 -1.082  -16.145 1.00 74.56  ? 176 PHE A CE1 1 
ATOM   1276 C  CE2 . PHE A 1 166 ? -10.796 -3.363  -16.104 1.00 77.96  ? 176 PHE A CE2 1 
ATOM   1277 C  CZ  . PHE A 1 166 ? -10.869 -2.108  -16.664 1.00 76.38  ? 176 PHE A CZ  1 
ATOM   1278 N  N   . THR A 1 167 ? -10.099 -4.116  -11.182 1.00 50.36  ? 177 THR A N   1 
ATOM   1279 C  CA  . THR A 1 167 ? -11.289 -4.842  -10.756 1.00 54.06  ? 177 THR A CA  1 
ATOM   1280 C  C   . THR A 1 167 ? -12.070 -4.049  -9.703  1.00 56.00  ? 177 THR A C   1 
ATOM   1281 O  O   . THR A 1 167 ? -13.296 -3.970  -9.780  1.00 56.62  ? 177 THR A O   1 
ATOM   1282 C  CB  . THR A 1 167 ? -10.892 -6.243  -10.271 1.00 59.22  ? 177 THR A CB  1 
ATOM   1283 O  OG1 . THR A 1 167 ? -10.138 -6.860  -11.313 1.00 62.87  ? 177 THR A OG1 1 
ATOM   1284 C  CG2 . THR A 1 167 ? -12.066 -7.127  -9.912  1.00 65.11  ? 177 THR A CG2 1 
ATOM   1285 N  N   . ILE A 1 168 ? -11.350 -3.440  -8.746  1.00 57.52  ? 178 ILE A N   1 
ATOM   1286 C  CA  . ILE A 1 168 ? -11.939 -2.699  -7.633  1.00 53.10  ? 178 ILE A CA  1 
ATOM   1287 C  C   . ILE A 1 168 ? -12.590 -1.400  -8.122  1.00 55.66  ? 178 ILE A C   1 
ATOM   1288 O  O   . ILE A 1 168 ? -13.698 -1.074  -7.693  1.00 55.57  ? 178 ILE A O   1 
ATOM   1289 C  CB  . ILE A 1 168 ? -10.879 -2.424  -6.542  1.00 52.57  ? 178 ILE A CB  1 
ATOM   1290 C  CG1 . ILE A 1 168 ? -10.313 -3.718  -5.952  1.00 49.10  ? 178 ILE A CG1 1 
ATOM   1291 C  CG2 . ILE A 1 168 ? -11.435 -1.527  -5.441  1.00 53.50  ? 178 ILE A CG2 1 
ATOM   1292 C  CD1 . ILE A 1 168 ? -9.141  -3.509  -5.011  1.00 46.53  ? 178 ILE A CD1 1 
ATOM   1293 N  N   . ARG A 1 169 ? -11.893 -0.643  -8.987  1.00 55.18  ? 179 ARG A N   1 
ATOM   1294 C  CA  . ARG A 1 169 ? -12.448 0.563   -9.591  1.00 59.43  ? 179 ARG A CA  1 
ATOM   1295 C  C   . ARG A 1 169 ? -13.830 0.263   -10.180 1.00 61.14  ? 179 ARG A C   1 
ATOM   1296 O  O   . ARG A 1 169 ? -14.790 0.985   -9.917  1.00 64.81  ? 179 ARG A O   1 
ATOM   1297 C  CB  . ARG A 1 169 ? -11.491 1.111   -10.657 1.00 64.63  ? 179 ARG A CB  1 
ATOM   1298 C  CG  . ARG A 1 169 ? -11.910 2.439   -11.281 1.00 69.33  ? 179 ARG A CG  1 
ATOM   1299 C  CD  . ARG A 1 169 ? -11.287 2.672   -12.654 1.00 74.39  ? 179 ARG A CD  1 
ATOM   1300 N  NE  . ARG A 1 169 ? -11.952 3.732   -13.410 1.00 74.72  ? 179 ARG A NE  1 
ATOM   1301 C  CZ  . ARG A 1 169 ? -13.214 3.691   -13.838 1.00 75.62  ? 179 ARG A CZ  1 
ATOM   1302 N  NH1 . ARG A 1 169 ? -13.916 2.570   -13.775 1.00 71.63  ? 179 ARG A NH1 1 
ATOM   1303 N  NH2 . ARG A 1 169 ? -13.770 4.775   -14.355 1.00 75.71  ? 179 ARG A NH2 1 
ATOM   1304 N  N   . GLN A 1 170 ? -13.929 -0.823  -10.953 1.00 61.57  ? 180 GLN A N   1 
ATOM   1305 C  CA  . GLN A 1 170 ? -15.148 -1.164  -11.672 1.00 64.27  ? 180 GLN A CA  1 
ATOM   1306 C  C   . GLN A 1 170 ? -16.281 -1.488  -10.699 1.00 63.51  ? 180 GLN A C   1 
ATOM   1307 O  O   . GLN A 1 170 ? -17.365 -0.921  -10.803 1.00 62.51  ? 180 GLN A O   1 
ATOM   1308 C  CB  . GLN A 1 170 ? -14.879 -2.345  -12.606 1.00 67.19  ? 180 GLN A CB  1 
ATOM   1309 C  CG  . GLN A 1 170 ? -13.872 -2.034  -13.705 1.00 69.57  ? 180 GLN A CG  1 
ATOM   1310 C  CD  . GLN A 1 170 ? -14.533 -1.403  -14.901 1.00 73.56  ? 180 GLN A CD  1 
ATOM   1311 O  OE1 . GLN A 1 170 ? -14.967 -0.254  -14.866 1.00 72.53  ? 180 GLN A OE1 1 
ATOM   1312 N  NE2 . GLN A 1 170 ? -14.622 -2.174  -15.973 1.00 81.44  ? 180 GLN A NE2 1 
ATOM   1313 N  N   . GLU A 1 171 ? -16.031 -2.400  -9.752  1.00 63.65  ? 181 GLU A N   1 
ATOM   1314 C  CA  . GLU A 1 171 ? -17.055 -2.793  -8.796  1.00 61.66  ? 181 GLU A CA  1 
ATOM   1315 C  C   . GLU A 1 171 ? -17.542 -1.556  -8.038  1.00 61.68  ? 181 GLU A C   1 
ATOM   1316 O  O   . GLU A 1 171 ? -18.733 -1.414  -7.762  1.00 60.90  ? 181 GLU A O   1 
ATOM   1317 C  CB  . GLU A 1 171 ? -16.526 -3.888  -7.870  1.00 59.19  ? 181 GLU A CB  1 
ATOM   1318 C  CG  . GLU A 1 171 ? -17.562 -4.421  -6.884  1.00 63.36  ? 181 GLU A CG  1 
ATOM   1319 C  CD  . GLU A 1 171 ? -18.768 -5.152  -7.456  0.50 60.02  ? 181 GLU A CD  1 
ATOM   1320 O  OE1 . GLU A 1 171 ? -18.774 -5.444  -8.667  0.50 57.21  ? 181 GLU A OE1 1 
ATOM   1321 O  OE2 . GLU A 1 171 ? -19.701 -5.430  -6.675  0.50 58.08  ? 181 GLU A OE2 1 
ATOM   1322 N  N   . MET A 1 172 ? -16.611 -0.650  -7.720  1.00 58.18  ? 182 MET A N   1 
ATOM   1323 C  CA  . MET A 1 172 ? -16.965 0.614   -7.100  1.00 57.29  ? 182 MET A CA  1 
ATOM   1324 C  C   . MET A 1 172 ? -17.879 1.396   -8.040  1.00 60.15  ? 182 MET A C   1 
ATOM   1325 O  O   . MET A 1 172 ? -18.875 1.967   -7.602  1.00 57.86  ? 182 MET A O   1 
ATOM   1326 C  CB  . MET A 1 172 ? -15.718 1.455   -6.797  1.00 58.24  ? 182 MET A CB  1 
ATOM   1327 C  CG  . MET A 1 172 ? -15.154 1.274   -5.394  1.00 52.34  ? 182 MET A CG  1 
ATOM   1328 S  SD  . MET A 1 172 ? -13.670 2.297   -5.152  0.64 45.98  ? 182 MET A SD  1 
ATOM   1329 C  CE  . MET A 1 172 ? -12.950 1.505   -3.719  1.00 43.67  ? 182 MET A CE  1 
ATOM   1330 N  N   . ALA A 1 173 ? -17.525 1.414   -9.333  1.00 66.04  ? 183 ALA A N   1 
ATOM   1331 C  CA  . ALA A 1 173 ? -18.243 2.200   -10.327 1.00 70.22  ? 183 ALA A CA  1 
ATOM   1332 C  C   . ALA A 1 173 ? -19.695 1.734   -10.438 1.00 66.98  ? 183 ALA A C   1 
ATOM   1333 O  O   . ALA A 1 173 ? -20.610 2.538   -10.288 1.00 71.83  ? 183 ALA A O   1 
ATOM   1334 C  CB  . ALA A 1 173 ? -17.535 2.141   -11.660 1.00 70.93  ? 183 ALA A CB  1 
ATOM   1335 N  N   . SER A 1 174 ? -19.899 0.433   -10.665 1.00 63.48  ? 184 SER A N   1 
ATOM   1336 C  CA  . SER A 1 174 ? -21.231 -0.147  -10.701 1.00 65.64  ? 184 SER A CA  1 
ATOM   1337 C  C   . SER A 1 174 ? -22.057 0.269   -9.483  1.00 68.65  ? 184 SER A C   1 
ATOM   1338 O  O   . SER A 1 174 ? -23.261 0.486   -9.607  1.00 73.95  ? 184 SER A O   1 
ATOM   1339 C  CB  . SER A 1 174 ? -21.150 -1.644  -10.811 1.00 66.54  ? 184 SER A CB  1 
ATOM   1340 O  OG  . SER A 1 174 ? -20.187 -2.157  -9.905  1.00 63.60  ? 184 SER A OG  1 
ATOM   1341 N  N   . ARG A 1 175 ? -21.413 0.370   -8.311  1.00 69.19  ? 185 ARG A N   1 
ATOM   1342 C  CA  . ARG A 1 175 ? -22.099 0.729   -7.077  1.00 67.25  ? 185 ARG A CA  1 
ATOM   1343 C  C   . ARG A 1 175 ? -22.102 2.244   -6.874  1.00 66.42  ? 185 ARG A C   1 
ATOM   1344 O  O   . ARG A 1 175 ? -22.694 2.728   -5.912  1.00 64.71  ? 185 ARG A O   1 
ATOM   1345 C  CB  . ARG A 1 175 ? -21.455 0.023   -5.880  1.00 66.75  ? 185 ARG A CB  1 
ATOM   1346 C  CG  . ARG A 1 175 ? -21.541 -1.496  -5.933  1.00 66.94  ? 185 ARG A CG  1 
ATOM   1347 C  CD  . ARG A 1 175 ? -20.816 -2.129  -4.762  1.00 64.57  ? 185 ARG A CD  1 
ATOM   1348 N  NE  . ARG A 1 175 ? -20.756 -3.581  -4.873  1.00 64.01  ? 185 ARG A NE  1 
ATOM   1349 C  CZ  . ARG A 1 175 ? -21.130 -4.439  -3.928  0.50 61.92  ? 185 ARG A CZ  1 
ATOM   1350 N  NH1 . ARG A 1 175 ? -21.704 -4.012  -2.815  0.50 59.20  ? 185 ARG A NH1 1 
ATOM   1351 N  NH2 . ARG A 1 175 ? -20.943 -5.738  -4.105  0.50 58.21  ? 185 ARG A NH2 1 
ATOM   1352 N  N   . SER A 1 176 ? -21.429 2.977   -7.772  1.00 68.03  ? 186 SER A N   1 
ATOM   1353 C  CA  . SER A 1 176 ? -21.486 4.432   -7.843  1.00 74.91  ? 186 SER A CA  1 
ATOM   1354 C  C   . SER A 1 176 ? -20.716 5.071   -6.689  1.00 75.53  ? 186 SER A C   1 
ATOM   1355 O  O   . SER A 1 176 ? -21.155 6.075   -6.130  1.00 72.46  ? 186 SER A O   1 
ATOM   1356 C  CB  . SER A 1 176 ? -22.913 4.937   -7.888  1.00 81.07  ? 186 SER A CB  1 
ATOM   1357 O  OG  . SER A 1 176 ? -23.645 4.309   -8.928  1.00 84.56  ? 186 SER A OG  1 
ATOM   1358 N  N   . LEU A 1 177 ? -19.544 4.505   -6.372  1.00 77.05  ? 187 LEU A N   1 
ATOM   1359 C  CA  . LEU A 1 177 ? -18.739 4.949   -5.245  1.00 71.65  ? 187 LEU A CA  1 
ATOM   1360 C  C   . LEU A 1 177 ? -17.430 5.586   -5.718  1.00 69.96  ? 187 LEU A C   1 
ATOM   1361 O  O   . LEU A 1 177 ? -16.705 6.155   -4.902  1.00 69.31  ? 187 LEU A O   1 
ATOM   1362 C  CB  . LEU A 1 177 ? -18.460 3.736   -4.351  1.00 68.38  ? 187 LEU A CB  1 
ATOM   1363 C  CG  . LEU A 1 177 ? -19.692 3.008   -3.819  1.00 66.75  ? 187 LEU A CG  1 
ATOM   1364 C  CD1 . LEU A 1 177 ? -19.312 1.672   -3.203  1.00 66.69  ? 187 LEU A CD1 1 
ATOM   1365 C  CD2 . LEU A 1 177 ? -20.425 3.863   -2.799  1.00 68.06  ? 187 LEU A CD2 1 
ATOM   1366 N  N   . TRP A 1 178 ? -17.146 5.517   -7.030  1.00 69.59  ? 188 TRP A N   1 
ATOM   1367 C  CA  . TRP A 1 178 ? -15.794 5.713   -7.534  1.00 68.67  ? 188 TRP A CA  1 
ATOM   1368 C  C   . TRP A 1 178 ? -15.373 7.182   -7.520  1.00 70.62  ? 188 TRP A C   1 
ATOM   1369 O  O   . TRP A 1 178 ? -14.196 7.472   -7.330  1.00 74.50  ? 188 TRP A O   1 
ATOM   1370 C  CB  . TRP A 1 178 ? -15.617 5.124   -8.941  1.00 71.84  ? 188 TRP A CB  1 
ATOM   1371 C  CG  . TRP A 1 178 ? -14.321 5.582   -9.557  1.00 78.07  ? 188 TRP A CG  1 
ATOM   1372 C  CD1 . TRP A 1 178 ? -14.155 6.482   -10.570 1.00 77.78  ? 188 TRP A CD1 1 
ATOM   1373 C  CD2 . TRP A 1 178 ? -12.991 5.220   -9.124  1.00 77.33  ? 188 TRP A CD2 1 
ATOM   1374 N  NE1 . TRP A 1 178 ? -12.823 6.692   -10.810 1.00 76.96  ? 188 TRP A NE1 1 
ATOM   1375 C  CE2 . TRP A 1 178 ? -12.086 5.934   -9.939  1.00 76.48  ? 188 TRP A CE2 1 
ATOM   1376 C  CE3 . TRP A 1 178 ? -12.485 4.362   -8.142  1.00 72.75  ? 188 TRP A CE3 1 
ATOM   1377 C  CZ2 . TRP A 1 178 ? -10.706 5.811   -9.797  1.00 77.19  ? 188 TRP A CZ2 1 
ATOM   1378 C  CZ3 . TRP A 1 178 ? -11.119 4.243   -8.004  1.00 72.17  ? 188 TRP A CZ3 1 
ATOM   1379 C  CH2 . TRP A 1 178 ? -10.244 4.968   -8.811  1.00 73.40  ? 188 TRP A CH2 1 
ATOM   1380 N  N   . ASP A 1 179 ? -16.308 8.111   -7.745  1.00 76.49  ? 189 ASP A N   1 
ATOM   1381 C  CA  . ASP A 1 179 ? -15.937 9.504   -7.951  1.00 79.12  ? 189 ASP A CA  1 
ATOM   1382 C  C   . ASP A 1 179 ? -15.663 10.168  -6.608  1.00 72.89  ? 189 ASP A C   1 
ATOM   1383 O  O   . ASP A 1 179 ? -14.639 10.828  -6.435  1.00 72.01  ? 189 ASP A O   1 
ATOM   1384 C  CB  . ASP A 1 179 ? -16.991 10.257  -8.766  1.00 84.93  ? 189 ASP A CB  1 
ATOM   1385 C  CG  . ASP A 1 179 ? -16.785 10.126  -10.267 1.00 85.64  ? 189 ASP A CG  1 
ATOM   1386 O  OD1 . ASP A 1 179 ? -15.674 10.458  -10.736 1.00 90.66  ? 189 ASP A OD1 1 
ATOM   1387 O  OD2 . ASP A 1 179 ? -17.731 9.695   -10.950 1.00 82.27  ? 189 ASP A OD2 1 
ATOM   1388 N  N   . SER A 1 180 ? -16.607 9.999   -5.679  1.00 69.56  ? 190 SER A N   1 
ATOM   1389 C  CA  . SER A 1 180 ? -16.393 10.325  -4.281  1.00 65.24  ? 190 SER A CA  1 
ATOM   1390 C  C   . SER A 1 180 ? -14.964 9.940   -3.901  1.00 69.00  ? 190 SER A C   1 
ATOM   1391 O  O   . SER A 1 180 ? -14.188 10.779  -3.445  1.00 79.09  ? 190 SER A O   1 
ATOM   1392 C  CB  . SER A 1 180 ? -17.418 9.614   -3.432  1.00 62.01  ? 190 SER A CB  1 
ATOM   1393 O  OG  . SER A 1 180 ? -17.490 10.162  -2.124  1.00 62.10  ? 190 SER A OG  1 
ATOM   1394 N  N   . PHE A 1 181 ? -14.628 8.674   -4.183  1.00 66.27  ? 191 PHE A N   1 
ATOM   1395 C  CA  . PHE A 1 181 ? -13.371 8.048   -3.799  1.00 64.93  ? 191 PHE A CA  1 
ATOM   1396 C  C   . PHE A 1 181 ? -12.194 8.709   -4.503  1.00 65.19  ? 191 PHE A C   1 
ATOM   1397 O  O   . PHE A 1 181 ? -11.223 9.083   -3.849  1.00 70.01  ? 191 PHE A O   1 
ATOM   1398 C  CB  . PHE A 1 181 ? -13.422 6.554   -4.130  1.00 64.28  ? 191 PHE A CB  1 
ATOM   1399 C  CG  . PHE A 1 181 ? -12.240 5.740   -3.661  1.00 65.01  ? 191 PHE A CG  1 
ATOM   1400 C  CD1 . PHE A 1 181 ? -11.929 5.646   -2.311  1.00 63.12  ? 191 PHE A CD1 1 
ATOM   1401 C  CD2 . PHE A 1 181 ? -11.449 5.045   -4.568  1.00 62.54  ? 191 PHE A CD2 1 
ATOM   1402 C  CE1 . PHE A 1 181 ? -10.845 4.892   -1.881  1.00 61.29  ? 191 PHE A CE1 1 
ATOM   1403 C  CE2 . PHE A 1 181 ? -10.367 4.290   -4.136  1.00 60.59  ? 191 PHE A CE2 1 
ATOM   1404 C  CZ  . PHE A 1 181 ? -10.064 4.215   -2.792  1.00 59.94  ? 191 PHE A CZ  1 
ATOM   1405 N  N   . ARG A 1 182 ? -12.289 8.824   -5.835  1.00 66.70  ? 192 ARG A N   1 
ATOM   1406 C  CA  . ARG A 1 182 ? -11.297 9.524   -6.641  1.00 68.27  ? 192 ARG A CA  1 
ATOM   1407 C  C   . ARG A 1 182 ? -11.149 10.953  -6.123  1.00 72.97  ? 192 ARG A C   1 
ATOM   1408 O  O   . ARG A 1 182 ? -10.035 11.474  -6.075  1.00 80.60  ? 192 ARG A O   1 
ATOM   1409 C  CB  . ARG A 1 182 ? -11.698 9.518   -8.123  1.00 69.07  ? 192 ARG A CB  1 
ATOM   1410 C  CG  . ARG A 1 182 ? -10.565 9.822   -9.099  1.00 69.13  ? 192 ARG A CG  1 
ATOM   1411 C  CD  . ARG A 1 182 ? -11.042 10.499  -10.373 1.00 65.35  ? 192 ARG A CD  1 
ATOM   1412 N  N   . GLN A 1 183 ? -12.276 11.567  -5.728  1.00 71.45  ? 193 GLN A N   1 
ATOM   1413 C  CA  . GLN A 1 183 ? -12.295 12.960  -5.313  1.00 71.81  ? 193 GLN A CA  1 
ATOM   1414 C  C   . GLN A 1 183 ? -11.523 13.115  -4.004  1.00 75.41  ? 193 GLN A C   1 
ATOM   1415 O  O   . GLN A 1 183 ? -10.706 14.026  -3.864  1.00 70.77  ? 193 GLN A O   1 
ATOM   1416 C  CB  . GLN A 1 183 ? -13.734 13.469  -5.172  0.50 68.10  ? 193 GLN A CB  1 
ATOM   1417 N  N   . SER A 1 184 ? -11.756 12.183  -3.071  1.00 75.47  ? 194 SER A N   1 
ATOM   1418 C  CA  . SER A 1 184 ? -11.387 12.365  -1.677  1.00 75.35  ? 194 SER A CA  1 
ATOM   1419 C  C   . SER A 1 184 ? -9.891  12.170  -1.421  1.00 73.62  ? 194 SER A C   1 
ATOM   1420 O  O   . SER A 1 184 ? -9.477  12.250  -0.268  1.00 72.47  ? 194 SER A O   1 
ATOM   1421 C  CB  . SER A 1 184 ? -12.188 11.437  -0.806  1.00 78.30  ? 194 SER A CB  1 
ATOM   1422 O  OG  . SER A 1 184 ? -11.886 10.082  -1.107  1.00 78.22  ? 194 SER A OG  1 
ATOM   1423 N  N   . GLU A 1 185 ? -9.076  11.926  -2.461  1.00 70.74  ? 195 GLU A N   1 
ATOM   1424 C  CA  . GLU A 1 185 ? -7.658  11.673  -2.240  1.00 73.45  ? 195 GLU A CA  1 
ATOM   1425 C  C   . GLU A 1 185 ? -6.952  12.949  -1.783  1.00 74.23  ? 195 GLU A C   1 
ATOM   1426 O  O   . GLU A 1 185 ? -6.819  13.901  -2.548  1.00 71.75  ? 195 GLU A O   1 
ATOM   1427 C  CB  . GLU A 1 185 ? -6.949  11.117  -3.479  1.00 71.61  ? 195 GLU A CB  1 
ATOM   1428 C  CG  . GLU A 1 185 ? -5.450  10.931  -3.261  1.00 71.93  ? 195 GLU A CG  1 
ATOM   1429 C  CD  . GLU A 1 185 ? -4.757  9.923   -4.163  1.00 72.49  ? 195 GLU A CD  1 
ATOM   1430 O  OE1 . GLU A 1 185 ? -5.296  8.814   -4.319  1.00 73.93  ? 195 GLU A OE1 1 
ATOM   1431 O  OE2 . GLU A 1 185 ? -3.664  10.233  -4.681  1.00 68.05  ? 195 GLU A OE2 1 
ATOM   1432 N  N   . ARG A 1 186 ? -6.499  12.939  -0.524  0.70 73.78  ? 196 ARG A N   1 
ATOM   1433 C  CA  . ARG A 1 186 ? -5.515  13.892  -0.040  0.70 77.93  ? 196 ARG A CA  1 
ATOM   1434 C  C   . ARG A 1 186 ? -4.125  13.365  -0.417  0.70 78.89  ? 196 ARG A C   1 
ATOM   1435 O  O   . ARG A 1 186 ? -3.758  13.528  -1.598  0.70 83.01  ? 196 ARG A O   1 
ATOM   1436 C  CB  . ARG A 1 186 ? -5.664  14.096  1.472   0.70 80.05  ? 196 ARG A CB  1 
ATOM   1437 O  OXT . ARG A 1 186 ? -3.466  12.787  0.475   0.70 73.57  ? 196 ARG A OXT 1 
HETATM 1438 MN MN  . MN  B 2 .   ? 2.969   2.679   1.520   1.00 51.53  ? 201 MN  A MN  1 
HETATM 1439 MG MG  . MG  C 3 .   ? 3.327   1.855   5.089   1.00 32.88  ? 202 MG  A MG  1 
HETATM 1440 CL CL  . CL  D 4 .   ? 0.805   -9.108  8.841   1.00 67.55  ? 203 CL  A CL  1 
HETATM 1441 N  N1  . 85W E 5 .   ? -0.181  4.041   4.882   1.00 63.97  ? 204 85W A N1  1 
HETATM 1442 C  C4  . 85W E 5 .   ? -1.781  5.628   4.047   1.00 69.93  ? 204 85W A C4  1 
HETATM 1443 C  C5  . 85W E 5 .   ? -2.513  6.064   2.947   1.00 77.49  ? 204 85W A C5  1 
HETATM 1444 C  C6  . 85W E 5 .   ? -3.668  6.859   3.092   1.00 81.05  ? 204 85W A C6  1 
HETATM 1445 C  C7  . 85W E 5 .   ? -4.419  7.307   1.977   1.00 85.46  ? 204 85W A C7  1 
HETATM 1446 C  C8  . 85W E 5 .   ? -5.533  8.079   2.157   1.00 88.71  ? 204 85W A C8  1 
HETATM 1447 C  C10 . 85W E 5 .   ? -5.250  8.021   4.554   1.00 85.02  ? 204 85W A C10 1 
HETATM 1448 C  C13 . 85W E 5 .   ? -2.202  5.992   5.329   1.00 74.89  ? 204 85W A C13 1 
HETATM 1449 O  O1  . 85W E 5 .   ? 2.863   2.630   3.321   1.00 48.53  ? 204 85W A O1  1 
HETATM 1450 C  C1  . 85W E 5 .   ? 1.730   3.349   3.614   1.00 53.99  ? 204 85W A C1  1 
HETATM 1451 C  C2  . 85W E 5 .   ? 0.935   3.306   4.749   1.00 59.79  ? 204 85W A C2  1 
HETATM 1452 C  C3  . 85W E 5 .   ? -0.553  4.809   3.859   1.00 66.34  ? 204 85W A C3  1 
HETATM 1453 O  O2  . 85W E 5 .   ? -6.240  8.506   1.054   1.00 79.28  ? 204 85W A O2  1 
HETATM 1454 C  C9  . 85W E 5 .   ? -5.956  8.441   3.446   1.00 87.36  ? 204 85W A C9  1 
HETATM 1455 O  O3  . 85W E 5 .   ? -5.659  8.363   5.822   1.00 82.11  ? 204 85W A O3  1 
HETATM 1456 C  C11 . 85W E 5 .   ? -4.082  7.222   4.405   1.00 81.50  ? 204 85W A C11 1 
HETATM 1457 C  C12 . 85W E 5 .   ? -3.318  6.762   5.515   1.00 80.47  ? 204 85W A C12 1 
HETATM 1458 O  O4  . 85W E 5 .   ? -3.731  7.103   6.786   1.00 78.38  ? 204 85W A O4  1 
HETATM 1459 N  N2  . 85W E 5 .   ? 0.187   4.886   2.698   1.00 62.85  ? 204 85W A N2  1 
HETATM 1460 C  C14 . 85W E 5 .   ? 1.335   4.156   2.521   1.00 58.91  ? 204 85W A C14 1 
HETATM 1461 O  O5  . 85W E 5 .   ? 1.990   4.187   1.460   1.00 55.86  ? 204 85W A O5  1 
HETATM 1462 O  O   . HOH F 6 .   ? -13.734 9.229   3.837   1.00 64.44  ? 301 HOH A O   1 
HETATM 1463 O  O   . HOH F 6 .   ? 10.208  -1.769  -7.386  1.00 49.53  ? 302 HOH A O   1 
HETATM 1464 O  O   . HOH F 6 .   ? 5.139   2.614   4.979   1.00 36.87  ? 303 HOH A O   1 
HETATM 1465 O  O   . HOH F 6 .   ? -2.422  0.867   4.319   1.00 39.95  ? 304 HOH A O   1 
HETATM 1466 O  O   . HOH F 6 .   ? 4.558   0.678   6.680   1.00 34.28  ? 305 HOH A O   1 
HETATM 1467 O  O   . HOH F 6 .   ? 3.929   -8.597  13.726  1.00 48.32  ? 306 HOH A O   1 
HETATM 1468 O  O   . HOH F 6 .   ? 1.513   2.153   8.616   1.00 47.14  ? 307 HOH A O   1 
HETATM 1469 O  O   . HOH F 6 .   ? 13.133  -3.795  -4.675  1.00 65.22  ? 308 HOH A O   1 
HETATM 1470 O  O   . HOH F 6 .   ? -23.513 -0.122  7.139   1.00 52.55  ? 309 HOH A O   1 
HETATM 1471 O  O   . HOH F 6 .   ? -0.021  4.673   -0.787  1.00 43.75  ? 310 HOH A O   1 
HETATM 1472 O  O   . HOH F 6 .   ? 3.166   3.086   6.671   1.00 41.32  ? 311 HOH A O   1 
HETATM 1473 O  O   . HOH F 6 .   ? -24.855 1.368   5.446   1.00 59.12  ? 312 HOH A O   1 
HETATM 1474 O  O   . HOH F 6 .   ? -13.816 -11.031 1.430   1.00 43.80  ? 313 HOH A O   1 
HETATM 1475 O  O   . HOH F 6 .   ? 6.981   5.122   14.250  1.00 43.12  ? 314 HOH A O   1 
HETATM 1476 O  O   . HOH F 6 .   ? -2.981  5.567   9.486   1.00 52.87  ? 315 HOH A O   1 
HETATM 1477 O  O   . HOH F 6 .   ? -21.969 7.218   6.263   1.00 55.06  ? 316 HOH A O   1 
HETATM 1478 O  O   . HOH F 6 .   ? -3.873  9.570   9.438   1.00 54.97  ? 317 HOH A O   1 
HETATM 1479 O  O   . HOH F 6 .   ? -0.544  -0.077  12.392  1.00 51.81  ? 318 HOH A O   1 
HETATM 1480 O  O   . HOH F 6 .   ? 0.101   -3.348  20.239  1.00 53.76  ? 319 HOH A O   1 
HETATM 1481 O  O   . HOH F 6 .   ? -14.355 -6.630  -5.842  1.00 57.53  ? 320 HOH A O   1 
HETATM 1482 O  O   . HOH F 6 .   ? 0.757   7.093   7.046   1.00 54.96  ? 321 HOH A O   1 
HETATM 1483 O  O   . HOH F 6 .   ? 5.264   6.731   4.822   1.00 47.79  ? 322 HOH A O   1 
HETATM 1484 O  O   . HOH F 6 .   ? -16.652 -6.825  -4.019  1.00 61.16  ? 323 HOH A O   1 
HETATM 1485 O  O   . HOH F 6 .   ? 11.954  12.425  10.289  1.00 64.17  ? 324 HOH A O   1 
HETATM 1486 O  O   . HOH F 6 .   ? 4.776   11.245  9.951   1.00 67.84  ? 325 HOH A O   1 
# 
